data_7GAJ
# 
_entry.id   7GAJ 
# 
_audit_conform.dict_name       mmcif_pdbx.dic 
_audit_conform.dict_version    5.396 
_audit_conform.dict_location   http://mmcif.pdb.org/dictionaries/ascii/mmcif_pdbx.dic 
# 
loop_
_database_2.database_id 
_database_2.database_code 
_database_2.pdbx_database_accession 
_database_2.pdbx_DOI 
PDB   7GAJ         pdb_00007gaj 10.2210/pdb7gaj/pdb 
WWPDB D_1001405940 ?            ?                   
# 
_pdbx_audit_revision_history.ordinal             1 
_pdbx_audit_revision_history.data_content_type   'Structure model' 
_pdbx_audit_revision_history.major_revision      1 
_pdbx_audit_revision_history.minor_revision      0 
_pdbx_audit_revision_history.revision_date       2024-09-04 
# 
_pdbx_audit_revision_details.ordinal             1 
_pdbx_audit_revision_details.revision_ordinal    1 
_pdbx_audit_revision_details.data_content_type   'Structure model' 
_pdbx_audit_revision_details.provider            repository 
_pdbx_audit_revision_details.type                'Initial release' 
_pdbx_audit_revision_details.description         ? 
_pdbx_audit_revision_details.details             ? 
# 
_pdbx_database_status.entry_id                        7GAJ 
_pdbx_database_status.status_code                     REL 
_pdbx_database_status.status_code_sf                  REL 
_pdbx_database_status.status_code_mr                  ? 
_pdbx_database_status.status_code_cs                  ? 
_pdbx_database_status.recvd_initial_deposition_date   2023-08-10 
_pdbx_database_status.status_code_nmr_data            ? 
_pdbx_database_status.deposit_site                    RCSB 
_pdbx_database_status.process_site                    RCSB 
_pdbx_database_status.SG_entry                        ? 
_pdbx_database_status.pdb_format_compatible           Y 
_pdbx_database_status.methods_development_category    ? 
# 
_pdbx_contact_author.id                 1 
_pdbx_contact_author.email              knapp@pharmchem.uni-frankfurt.de 
_pdbx_contact_author.name_first         Stefan 
_pdbx_contact_author.name_last          Knapp 
_pdbx_contact_author.role               'principal investigator/group leader' 
_pdbx_contact_author.identifier_ORCID   0000-0001-5995-6494 
_pdbx_contact_author.name_mi            ? 
# 
loop_
_audit_author.name 
_audit_author.pdbx_ordinal 
_audit_author.identifier_ORCID 
'Kumar, A.'                            1 ? 
'Marples, P.G.'                        2 ? 
'Tomlinson, C.W.E.'                    3 ? 
'Fearon, D.'                           4 ? 
'von-Delft, F.'                        5 ? 
'Knapp, S.'                            6 ? 
'Structural Genomics Consortium (SGC)' 7 ? 
# 
_citation.id                        primary 
_citation.title                     'PanDDA analysis group deposition' 
_citation.journal_abbrev            'To Be Published' 
_citation.journal_volume            ? 
_citation.page_first                ? 
_citation.page_last                 ? 
_citation.year                      ? 
_citation.journal_id_ASTM           ? 
_citation.country                   ? 
_citation.journal_id_ISSN           ? 
_citation.journal_id_CSD            0353 
_citation.book_publisher            ? 
_citation.pdbx_database_id_PubMed   ? 
_citation.pdbx_database_id_DOI      ? 
# 
loop_
_citation_author.citation_id 
_citation_author.name 
_citation_author.identifier_ORCID 
_citation_author.ordinal 
primary 'Kumar, A.'                            ? 1 
primary 'Knapp, S.'                            ? 2 
primary 'Structural Genomics Consortium (SGC)' ? 3 
# 
loop_
_entity.id 
_entity.type 
_entity.src_method 
_entity.pdbx_description 
_entity.formula_weight 
_entity.pdbx_number_of_molecules 
_entity.pdbx_ec 
_entity.pdbx_mutation 
_entity.pdbx_fragment 
_entity.details 
1 polymer     man 'Microtubule-associated proteins 1A/1B light chain 3B' 14237.361 1  ? TruncationafterGly120 ? ? 
2 non-polymer syn '(5M)-5-(2-methoxyphenyl)-1,3,4-oxadiazol-2-amine'     191.187   1  ? ?                     ? ? 
3 non-polymer syn 1,2-ETHANEDIOL                                         62.068    9  ? ?                     ? ? 
4 non-polymer syn 'CHLORIDE ION'                                         35.453    1  ? ?                     ? ? 
5 water       nat water                                                  18.015    90 ? ?                     ? ? 
# 
_entity_name_com.entity_id   1 
_entity_name_com.name        
;Autophagy-related protein LC3 B,Autophagy-related ubiquitin-like modifier LC3 B,MAP1 light chain 3-like protein 2,MAP1A/MAP1B light chain 3 B,MAP1A/MAP1B LC3 B,Microtubule-associated protein 1 light chain 3 beta
;
# 
_entity_poly.entity_id                      1 
_entity_poly.type                           'polypeptide(L)' 
_entity_poly.nstd_linkage                   no 
_entity_poly.nstd_monomer                   no 
_entity_poly.pdbx_seq_one_letter_code       
;SMPSEKTFKQRRTFEQRVEDVRLIREQHPTKIPVIIERYKGEKQLPVLDKTKFLVPDHVNMSELIKIIRRRLQLNANQAF
FLLVNGHSMVSVSTPISEVYESEKDEDGFLYMVYASQETFG
;
_entity_poly.pdbx_seq_one_letter_code_can   
;SMPSEKTFKQRRTFEQRVEDVRLIREQHPTKIPVIIERYKGEKQLPVLDKTKFLVPDHVNMSELIKIIRRRLQLNANQAF
FLLVNGHSMVSVSTPISEVYESEKDEDGFLYMVYASQETFG
;
_entity_poly.pdbx_strand_id                 A 
_entity_poly.pdbx_target_identifier         ? 
# 
loop_
_pdbx_entity_nonpoly.entity_id 
_pdbx_entity_nonpoly.name 
_pdbx_entity_nonpoly.comp_id 
2 '(5M)-5-(2-methoxyphenyl)-1,3,4-oxadiazol-2-amine' KB3 
3 1,2-ETHANEDIOL                                     EDO 
4 'CHLORIDE ION'                                     CL  
5 water                                              HOH 
# 
loop_
_entity_poly_seq.entity_id 
_entity_poly_seq.num 
_entity_poly_seq.mon_id 
_entity_poly_seq.hetero 
1 1   SER n 
1 2   MET n 
1 3   PRO n 
1 4   SER n 
1 5   GLU n 
1 6   LYS n 
1 7   THR n 
1 8   PHE n 
1 9   LYS n 
1 10  GLN n 
1 11  ARG n 
1 12  ARG n 
1 13  THR n 
1 14  PHE n 
1 15  GLU n 
1 16  GLN n 
1 17  ARG n 
1 18  VAL n 
1 19  GLU n 
1 20  ASP n 
1 21  VAL n 
1 22  ARG n 
1 23  LEU n 
1 24  ILE n 
1 25  ARG n 
1 26  GLU n 
1 27  GLN n 
1 28  HIS n 
1 29  PRO n 
1 30  THR n 
1 31  LYS n 
1 32  ILE n 
1 33  PRO n 
1 34  VAL n 
1 35  ILE n 
1 36  ILE n 
1 37  GLU n 
1 38  ARG n 
1 39  TYR n 
1 40  LYS n 
1 41  GLY n 
1 42  GLU n 
1 43  LYS n 
1 44  GLN n 
1 45  LEU n 
1 46  PRO n 
1 47  VAL n 
1 48  LEU n 
1 49  ASP n 
1 50  LYS n 
1 51  THR n 
1 52  LYS n 
1 53  PHE n 
1 54  LEU n 
1 55  VAL n 
1 56  PRO n 
1 57  ASP n 
1 58  HIS n 
1 59  VAL n 
1 60  ASN n 
1 61  MET n 
1 62  SER n 
1 63  GLU n 
1 64  LEU n 
1 65  ILE n 
1 66  LYS n 
1 67  ILE n 
1 68  ILE n 
1 69  ARG n 
1 70  ARG n 
1 71  ARG n 
1 72  LEU n 
1 73  GLN n 
1 74  LEU n 
1 75  ASN n 
1 76  ALA n 
1 77  ASN n 
1 78  GLN n 
1 79  ALA n 
1 80  PHE n 
1 81  PHE n 
1 82  LEU n 
1 83  LEU n 
1 84  VAL n 
1 85  ASN n 
1 86  GLY n 
1 87  HIS n 
1 88  SER n 
1 89  MET n 
1 90  VAL n 
1 91  SER n 
1 92  VAL n 
1 93  SER n 
1 94  THR n 
1 95  PRO n 
1 96  ILE n 
1 97  SER n 
1 98  GLU n 
1 99  VAL n 
1 100 TYR n 
1 101 GLU n 
1 102 SER n 
1 103 GLU n 
1 104 LYS n 
1 105 ASP n 
1 106 GLU n 
1 107 ASP n 
1 108 GLY n 
1 109 PHE n 
1 110 LEU n 
1 111 TYR n 
1 112 MET n 
1 113 VAL n 
1 114 TYR n 
1 115 ALA n 
1 116 SER n 
1 117 GLN n 
1 118 GLU n 
1 119 THR n 
1 120 PHE n 
1 121 GLY n 
# 
_entity_src_gen.entity_id                          1 
_entity_src_gen.pdbx_src_id                        1 
_entity_src_gen.pdbx_alt_source_flag               sample 
_entity_src_gen.pdbx_seq_type                      'Biological sequence' 
_entity_src_gen.pdbx_beg_seq_num                   1 
_entity_src_gen.pdbx_end_seq_num                   121 
_entity_src_gen.gene_src_common_name               human 
_entity_src_gen.gene_src_genus                     ? 
_entity_src_gen.pdbx_gene_src_gene                 'MAP1LC3B, MAP1ALC3' 
_entity_src_gen.gene_src_species                   ? 
_entity_src_gen.gene_src_strain                    ? 
_entity_src_gen.gene_src_tissue                    ? 
_entity_src_gen.gene_src_tissue_fraction           ? 
_entity_src_gen.gene_src_details                   ? 
_entity_src_gen.pdbx_gene_src_fragment             ? 
_entity_src_gen.pdbx_gene_src_scientific_name      'Homo sapiens' 
_entity_src_gen.pdbx_gene_src_ncbi_taxonomy_id     9606 
_entity_src_gen.pdbx_gene_src_variant              ? 
_entity_src_gen.pdbx_gene_src_cell_line            ? 
_entity_src_gen.pdbx_gene_src_atcc                 ? 
_entity_src_gen.pdbx_gene_src_organ                ? 
_entity_src_gen.pdbx_gene_src_organelle            ? 
_entity_src_gen.pdbx_gene_src_cell                 ? 
_entity_src_gen.pdbx_gene_src_cellular_location    ? 
_entity_src_gen.host_org_common_name               ? 
_entity_src_gen.pdbx_host_org_scientific_name      'Escherichia coli' 
_entity_src_gen.pdbx_host_org_ncbi_taxonomy_id     562 
_entity_src_gen.host_org_genus                     ? 
_entity_src_gen.pdbx_host_org_gene                 ? 
_entity_src_gen.pdbx_host_org_organ                ? 
_entity_src_gen.host_org_species                   ? 
_entity_src_gen.pdbx_host_org_tissue               ? 
_entity_src_gen.pdbx_host_org_tissue_fraction      ? 
_entity_src_gen.pdbx_host_org_strain               ? 
_entity_src_gen.pdbx_host_org_variant              ? 
_entity_src_gen.pdbx_host_org_cell_line            ? 
_entity_src_gen.pdbx_host_org_atcc                 ? 
_entity_src_gen.pdbx_host_org_culture_collection   ? 
_entity_src_gen.pdbx_host_org_cell                 ? 
_entity_src_gen.pdbx_host_org_organelle            ? 
_entity_src_gen.pdbx_host_org_cellular_location    ? 
_entity_src_gen.pdbx_host_org_vector_type          ? 
_entity_src_gen.pdbx_host_org_vector               ? 
_entity_src_gen.host_org_details                   ? 
_entity_src_gen.expression_system_id               ? 
_entity_src_gen.plasmid_name                       ? 
_entity_src_gen.plasmid_details                    ? 
_entity_src_gen.pdbx_description                   ? 
# 
loop_
_chem_comp.id 
_chem_comp.type 
_chem_comp.mon_nstd_flag 
_chem_comp.name 
_chem_comp.pdbx_synonyms 
_chem_comp.formula 
_chem_comp.formula_weight 
ALA 'L-peptide linking' y ALANINE                                            ?                 'C3 H7 N O2'     89.093  
ARG 'L-peptide linking' y ARGININE                                           ?                 'C6 H15 N4 O2 1' 175.209 
ASN 'L-peptide linking' y ASPARAGINE                                         ?                 'C4 H8 N2 O3'    132.118 
ASP 'L-peptide linking' y 'ASPARTIC ACID'                                    ?                 'C4 H7 N O4'     133.103 
CL  non-polymer         . 'CHLORIDE ION'                                     ?                 'Cl -1'          35.453  
EDO non-polymer         . 1,2-ETHANEDIOL                                     'ETHYLENE GLYCOL' 'C2 H6 O2'       62.068  
GLN 'L-peptide linking' y GLUTAMINE                                          ?                 'C5 H10 N2 O3'   146.144 
GLU 'L-peptide linking' y 'GLUTAMIC ACID'                                    ?                 'C5 H9 N O4'     147.129 
GLY 'peptide linking'   y GLYCINE                                            ?                 'C2 H5 N O2'     75.067  
HIS 'L-peptide linking' y HISTIDINE                                          ?                 'C6 H10 N3 O2 1' 156.162 
HOH non-polymer         . WATER                                              ?                 'H2 O'           18.015  
ILE 'L-peptide linking' y ISOLEUCINE                                         ?                 'C6 H13 N O2'    131.173 
KB3 non-polymer         . '(5M)-5-(2-methoxyphenyl)-1,3,4-oxadiazol-2-amine' ?                 'C9 H9 N3 O2'    191.187 
LEU 'L-peptide linking' y LEUCINE                                            ?                 'C6 H13 N O2'    131.173 
LYS 'L-peptide linking' y LYSINE                                             ?                 'C6 H15 N2 O2 1' 147.195 
MET 'L-peptide linking' y METHIONINE                                         ?                 'C5 H11 N O2 S'  149.211 
PHE 'L-peptide linking' y PHENYLALANINE                                      ?                 'C9 H11 N O2'    165.189 
PRO 'L-peptide linking' y PROLINE                                            ?                 'C5 H9 N O2'     115.130 
SER 'L-peptide linking' y SERINE                                             ?                 'C3 H7 N O3'     105.093 
THR 'L-peptide linking' y THREONINE                                          ?                 'C4 H9 N O3'     119.119 
TYR 'L-peptide linking' y TYROSINE                                           ?                 'C9 H11 N O3'    181.189 
VAL 'L-peptide linking' y VALINE                                             ?                 'C5 H11 N O2'    117.146 
# 
loop_
_pdbx_poly_seq_scheme.asym_id 
_pdbx_poly_seq_scheme.entity_id 
_pdbx_poly_seq_scheme.seq_id 
_pdbx_poly_seq_scheme.mon_id 
_pdbx_poly_seq_scheme.ndb_seq_num 
_pdbx_poly_seq_scheme.pdb_seq_num 
_pdbx_poly_seq_scheme.auth_seq_num 
_pdbx_poly_seq_scheme.pdb_mon_id 
_pdbx_poly_seq_scheme.auth_mon_id 
_pdbx_poly_seq_scheme.pdb_strand_id 
_pdbx_poly_seq_scheme.pdb_ins_code 
_pdbx_poly_seq_scheme.hetero 
A 1 1   SER 1   0   ?   ?   ?   A . n 
A 1 2   MET 2   1   ?   ?   ?   A . n 
A 1 3   PRO 3   2   ?   ?   ?   A . n 
A 1 4   SER 4   3   ?   ?   ?   A . n 
A 1 5   GLU 5   4   ?   ?   ?   A . n 
A 1 6   LYS 6   5   5   LYS LYS A . n 
A 1 7   THR 7   6   6   THR THR A . n 
A 1 8   PHE 8   7   7   PHE PHE A . n 
A 1 9   LYS 9   8   8   LYS LYS A . n 
A 1 10  GLN 10  9   9   GLN GLN A . n 
A 1 11  ARG 11  10  10  ARG ARG A . n 
A 1 12  ARG 12  11  11  ARG ARG A . n 
A 1 13  THR 13  12  12  THR THR A . n 
A 1 14  PHE 14  13  13  PHE PHE A . n 
A 1 15  GLU 15  14  14  GLU GLU A . n 
A 1 16  GLN 16  15  15  GLN GLN A . n 
A 1 17  ARG 17  16  16  ARG ARG A . n 
A 1 18  VAL 18  17  17  VAL VAL A . n 
A 1 19  GLU 19  18  18  GLU GLU A . n 
A 1 20  ASP 20  19  19  ASP ASP A . n 
A 1 21  VAL 21  20  20  VAL VAL A . n 
A 1 22  ARG 22  21  21  ARG ARG A . n 
A 1 23  LEU 23  22  22  LEU LEU A . n 
A 1 24  ILE 24  23  23  ILE ILE A . n 
A 1 25  ARG 25  24  24  ARG ARG A . n 
A 1 26  GLU 26  25  25  GLU GLU A . n 
A 1 27  GLN 27  26  26  GLN GLN A . n 
A 1 28  HIS 28  27  27  HIS HIS A . n 
A 1 29  PRO 29  28  28  PRO PRO A . n 
A 1 30  THR 30  29  29  THR THR A . n 
A 1 31  LYS 31  30  30  LYS LYS A . n 
A 1 32  ILE 32  31  31  ILE ILE A . n 
A 1 33  PRO 33  32  32  PRO PRO A . n 
A 1 34  VAL 34  33  33  VAL VAL A . n 
A 1 35  ILE 35  34  34  ILE ILE A . n 
A 1 36  ILE 36  35  35  ILE ILE A . n 
A 1 37  GLU 37  36  36  GLU GLU A . n 
A 1 38  ARG 38  37  37  ARG ARG A . n 
A 1 39  TYR 39  38  38  TYR TYR A . n 
A 1 40  LYS 40  39  39  LYS LYS A . n 
A 1 41  GLY 41  40  40  GLY GLY A . n 
A 1 42  GLU 42  41  41  GLU GLU A . n 
A 1 43  LYS 43  42  42  LYS LYS A . n 
A 1 44  GLN 44  43  43  GLN GLN A . n 
A 1 45  LEU 45  44  44  LEU LEU A . n 
A 1 46  PRO 46  45  45  PRO PRO A . n 
A 1 47  VAL 47  46  46  VAL VAL A . n 
A 1 48  LEU 48  47  47  LEU LEU A . n 
A 1 49  ASP 49  48  48  ASP ASP A . n 
A 1 50  LYS 50  49  49  LYS LYS A . n 
A 1 51  THR 51  50  50  THR THR A . n 
A 1 52  LYS 52  51  51  LYS LYS A . n 
A 1 53  PHE 53  52  52  PHE PHE A . n 
A 1 54  LEU 54  53  53  LEU LEU A . n 
A 1 55  VAL 55  54  54  VAL VAL A . n 
A 1 56  PRO 56  55  55  PRO PRO A . n 
A 1 57  ASP 57  56  56  ASP ASP A . n 
A 1 58  HIS 58  57  57  HIS HIS A . n 
A 1 59  VAL 59  58  58  VAL VAL A . n 
A 1 60  ASN 60  59  59  ASN ASN A . n 
A 1 61  MET 61  60  60  MET MET A . n 
A 1 62  SER 62  61  61  SER SER A . n 
A 1 63  GLU 63  62  62  GLU GLU A . n 
A 1 64  LEU 64  63  63  LEU LEU A . n 
A 1 65  ILE 65  64  64  ILE ILE A . n 
A 1 66  LYS 66  65  65  LYS LYS A . n 
A 1 67  ILE 67  66  66  ILE ILE A . n 
A 1 68  ILE 68  67  67  ILE ILE A . n 
A 1 69  ARG 69  68  68  ARG ARG A . n 
A 1 70  ARG 70  69  69  ARG ARG A . n 
A 1 71  ARG 71  70  70  ARG ARG A . n 
A 1 72  LEU 72  71  71  LEU LEU A . n 
A 1 73  GLN 73  72  72  GLN GLN A . n 
A 1 74  LEU 74  73  73  LEU LEU A . n 
A 1 75  ASN 75  74  74  ASN ASN A . n 
A 1 76  ALA 76  75  75  ALA ALA A . n 
A 1 77  ASN 77  76  76  ASN ASN A . n 
A 1 78  GLN 78  77  77  GLN GLN A . n 
A 1 79  ALA 79  78  78  ALA ALA A . n 
A 1 80  PHE 80  79  79  PHE PHE A . n 
A 1 81  PHE 81  80  80  PHE PHE A . n 
A 1 82  LEU 82  81  81  LEU LEU A . n 
A 1 83  LEU 83  82  82  LEU LEU A . n 
A 1 84  VAL 84  83  83  VAL VAL A . n 
A 1 85  ASN 85  84  84  ASN ASN A . n 
A 1 86  GLY 86  85  85  GLY GLY A . n 
A 1 87  HIS 87  86  86  HIS HIS A . n 
A 1 88  SER 88  87  87  SER SER A . n 
A 1 89  MET 89  88  88  MET MET A . n 
A 1 90  VAL 90  89  89  VAL VAL A . n 
A 1 91  SER 91  90  90  SER SER A . n 
A 1 92  VAL 92  91  91  VAL VAL A . n 
A 1 93  SER 93  92  92  SER SER A . n 
A 1 94  THR 94  93  93  THR THR A . n 
A 1 95  PRO 95  94  94  PRO PRO A . n 
A 1 96  ILE 96  95  95  ILE ILE A . n 
A 1 97  SER 97  96  96  SER SER A . n 
A 1 98  GLU 98  97  97  GLU GLU A . n 
A 1 99  VAL 99  98  98  VAL VAL A . n 
A 1 100 TYR 100 99  99  TYR TYR A . n 
A 1 101 GLU 101 100 100 GLU GLU A . n 
A 1 102 SER 102 101 101 SER SER A . n 
A 1 103 GLU 103 102 102 GLU GLU A . n 
A 1 104 LYS 104 103 103 LYS LYS A . n 
A 1 105 ASP 105 104 104 ASP ASP A . n 
A 1 106 GLU 106 105 105 GLU GLU A . n 
A 1 107 ASP 107 106 106 ASP ASP A . n 
A 1 108 GLY 108 107 107 GLY GLY A . n 
A 1 109 PHE 109 108 108 PHE PHE A . n 
A 1 110 LEU 110 109 109 LEU LEU A . n 
A 1 111 TYR 111 110 110 TYR TYR A . n 
A 1 112 MET 112 111 111 MET MET A . n 
A 1 113 VAL 113 112 112 VAL VAL A . n 
A 1 114 TYR 114 113 113 TYR TYR A . n 
A 1 115 ALA 115 114 114 ALA ALA A . n 
A 1 116 SER 116 115 115 SER SER A . n 
A 1 117 GLN 117 116 116 GLN GLN A . n 
A 1 118 GLU 118 117 117 GLU GLU A . n 
A 1 119 THR 119 118 118 THR THR A . n 
A 1 120 PHE 120 119 119 PHE PHE A . n 
A 1 121 GLY 121 120 ?   ?   ?   A . n 
# 
_pdbx_entity_instance_feature.ordinal        1 
_pdbx_entity_instance_feature.comp_id        KB3 
_pdbx_entity_instance_feature.asym_id        ? 
_pdbx_entity_instance_feature.seq_num        ? 
_pdbx_entity_instance_feature.auth_comp_id   KB3 
_pdbx_entity_instance_feature.auth_asym_id   ? 
_pdbx_entity_instance_feature.auth_seq_num   ? 
_pdbx_entity_instance_feature.feature_type   'SUBJECT OF INVESTIGATION' 
_pdbx_entity_instance_feature.details        ? 
# 
loop_
_pdbx_nonpoly_scheme.asym_id 
_pdbx_nonpoly_scheme.entity_id 
_pdbx_nonpoly_scheme.mon_id 
_pdbx_nonpoly_scheme.ndb_seq_num 
_pdbx_nonpoly_scheme.pdb_seq_num 
_pdbx_nonpoly_scheme.auth_seq_num 
_pdbx_nonpoly_scheme.pdb_mon_id 
_pdbx_nonpoly_scheme.auth_mon_id 
_pdbx_nonpoly_scheme.pdb_strand_id 
_pdbx_nonpoly_scheme.pdb_ins_code 
B 2 KB3 1  201 201 KB3 LIG A . 
C 3 EDO 1  202 105 EDO EDO A . 
D 3 EDO 1  203 106 EDO EDO A . 
E 3 EDO 1  204 107 EDO EDO A . 
F 3 EDO 1  205 108 EDO EDO A . 
G 3 EDO 1  206 109 EDO EDO A . 
H 3 EDO 1  207 110 EDO EDO A . 
I 3 EDO 1  208 111 EDO EDO A . 
J 3 EDO 1  209 112 EDO EDO A . 
K 3 EDO 1  210 113 EDO EDO A . 
L 4 CL  1  211 114 CL  CL  A . 
M 5 HOH 1  301 56  HOH HOH A . 
M 5 HOH 2  302 22  HOH HOH A . 
M 5 HOH 3  303 10  HOH HOH A . 
M 5 HOH 4  304 62  HOH HOH A . 
M 5 HOH 5  305 82  HOH HOH A . 
M 5 HOH 6  306 43  HOH HOH A . 
M 5 HOH 7  307 34  HOH HOH A . 
M 5 HOH 8  308 33  HOH HOH A . 
M 5 HOH 9  309 21  HOH HOH A . 
M 5 HOH 10 310 59  HOH HOH A . 
M 5 HOH 11 311 19  HOH HOH A . 
M 5 HOH 12 312 41  HOH HOH A . 
M 5 HOH 13 313 52  HOH HOH A . 
M 5 HOH 14 314 40  HOH HOH A . 
M 5 HOH 15 315 38  HOH HOH A . 
M 5 HOH 16 316 45  HOH HOH A . 
M 5 HOH 17 317 86  HOH HOH A . 
M 5 HOH 18 318 27  HOH HOH A . 
M 5 HOH 19 319 25  HOH HOH A . 
M 5 HOH 20 320 55  HOH HOH A . 
M 5 HOH 21 321 84  HOH HOH A . 
M 5 HOH 22 322 42  HOH HOH A . 
M 5 HOH 23 323 49  HOH HOH A . 
M 5 HOH 24 324 64  HOH HOH A . 
M 5 HOH 25 325 48  HOH HOH A . 
M 5 HOH 26 326 51  HOH HOH A . 
M 5 HOH 27 327 12  HOH HOH A . 
M 5 HOH 28 328 17  HOH HOH A . 
M 5 HOH 29 329 20  HOH HOH A . 
M 5 HOH 30 330 16  HOH HOH A . 
M 5 HOH 31 331 8   HOH HOH A . 
M 5 HOH 32 332 18  HOH HOH A . 
M 5 HOH 33 333 4   HOH HOH A . 
M 5 HOH 34 334 9   HOH HOH A . 
M 5 HOH 35 335 2   HOH HOH A . 
M 5 HOH 36 336 75  HOH HOH A . 
M 5 HOH 37 337 1   HOH HOH A . 
M 5 HOH 38 338 53  HOH HOH A . 
M 5 HOH 39 339 7   HOH HOH A . 
M 5 HOH 40 340 63  HOH HOH A . 
M 5 HOH 41 341 23  HOH HOH A . 
M 5 HOH 42 342 15  HOH HOH A . 
M 5 HOH 43 343 68  HOH HOH A . 
M 5 HOH 44 344 89  HOH HOH A . 
M 5 HOH 45 345 13  HOH HOH A . 
M 5 HOH 46 346 35  HOH HOH A . 
M 5 HOH 47 347 14  HOH HOH A . 
M 5 HOH 48 348 83  HOH HOH A . 
M 5 HOH 49 349 57  HOH HOH A . 
M 5 HOH 50 350 3   HOH HOH A . 
M 5 HOH 51 351 6   HOH HOH A . 
M 5 HOH 52 352 66  HOH HOH A . 
M 5 HOH 53 353 77  HOH HOH A . 
M 5 HOH 54 354 91  HOH HOH A . 
M 5 HOH 55 355 80  HOH HOH A . 
M 5 HOH 56 356 32  HOH HOH A . 
M 5 HOH 57 357 5   HOH HOH A . 
M 5 HOH 58 358 11  HOH HOH A . 
M 5 HOH 59 359 31  HOH HOH A . 
M 5 HOH 60 360 60  HOH HOH A . 
M 5 HOH 61 361 92  HOH HOH A . 
M 5 HOH 62 362 46  HOH HOH A . 
M 5 HOH 63 363 54  HOH HOH A . 
M 5 HOH 64 364 47  HOH HOH A . 
M 5 HOH 65 365 72  HOH HOH A . 
M 5 HOH 66 366 36  HOH HOH A . 
M 5 HOH 67 367 24  HOH HOH A . 
M 5 HOH 68 368 37  HOH HOH A . 
M 5 HOH 69 369 44  HOH HOH A . 
M 5 HOH 70 370 79  HOH HOH A . 
M 5 HOH 71 371 67  HOH HOH A . 
M 5 HOH 72 372 81  HOH HOH A . 
M 5 HOH 73 373 61  HOH HOH A . 
M 5 HOH 74 374 93  HOH HOH A . 
M 5 HOH 75 375 26  HOH HOH A . 
M 5 HOH 76 376 76  HOH HOH A . 
M 5 HOH 77 377 58  HOH HOH A . 
M 5 HOH 78 378 78  HOH HOH A . 
M 5 HOH 79 379 28  HOH HOH A . 
M 5 HOH 80 380 90  HOH HOH A . 
M 5 HOH 81 381 30  HOH HOH A . 
M 5 HOH 82 382 85  HOH HOH A . 
M 5 HOH 83 383 88  HOH HOH A . 
M 5 HOH 84 384 70  HOH HOH A . 
M 5 HOH 85 385 39  HOH HOH A . 
M 5 HOH 86 386 50  HOH HOH A . 
M 5 HOH 87 387 94  HOH HOH A . 
M 5 HOH 88 388 29  HOH HOH A . 
M 5 HOH 89 389 65  HOH HOH A . 
M 5 HOH 90 390 87  HOH HOH A . 
# 
loop_
_pdbx_unobs_or_zero_occ_atoms.id 
_pdbx_unobs_or_zero_occ_atoms.PDB_model_num 
_pdbx_unobs_or_zero_occ_atoms.polymer_flag 
_pdbx_unobs_or_zero_occ_atoms.occupancy_flag 
_pdbx_unobs_or_zero_occ_atoms.auth_asym_id 
_pdbx_unobs_or_zero_occ_atoms.auth_comp_id 
_pdbx_unobs_or_zero_occ_atoms.auth_seq_id 
_pdbx_unobs_or_zero_occ_atoms.PDB_ins_code 
_pdbx_unobs_or_zero_occ_atoms.auth_atom_id 
_pdbx_unobs_or_zero_occ_atoms.label_alt_id 
_pdbx_unobs_or_zero_occ_atoms.label_asym_id 
_pdbx_unobs_or_zero_occ_atoms.label_comp_id 
_pdbx_unobs_or_zero_occ_atoms.label_seq_id 
_pdbx_unobs_or_zero_occ_atoms.label_atom_id 
1 1 Y 1 A GLN 116 ? CG  ? A GLN 117 CG  
2 1 Y 1 A GLN 116 ? CD  ? A GLN 117 CD  
3 1 Y 1 A GLN 116 ? OE1 ? A GLN 117 OE1 
4 1 Y 1 A GLN 116 ? NE2 ? A GLN 117 NE2 
5 1 Y 1 A THR 118 ? OG1 ? A THR 119 OG1 
6 1 Y 1 A THR 118 ? CG2 ? A THR 119 CG2 
# 
loop_
_software.pdbx_ordinal 
_software.name 
_software.version 
_software.date 
_software.type 
_software.contact_author 
_software.contact_author_email 
_software.classification 
_software.location 
_software.language 
_software.citation_id 
1 REFMAC      5.8.0267 ?               program 'Garib N. Murshudov' garib@ysbl.york.ac.uk    refinement        
http://www.ccp4.ac.uk/dist/html/refmac5.html        Fortran_77 ? 
2 Aimless     0.7.7    23/04/21        program 'Phil Evans'         ?                        'data scaling'    
http://www.mrc-lmb.cam.ac.uk/harry/pre/aimless.html ?          ? 
3 PDB_EXTRACT 3.23     'SEP. 23, 2016' package PDB                  deposit@deposit.rcsb.org 'data extraction' 
http://sw-tools.pdb.org/apps/PDB_EXTRACT/           C++        ? 
4 XDS         .        ?               program ?                    ?                        'data reduction'  ? ?          ? 
5 REFMAC      .        ?               program ?                    ?                        phasing           ? ?          ? 
# 
_cell.entry_id           7GAJ 
_cell.length_a           61.003 
_cell.length_b           61.003 
_cell.length_c           35.331 
_cell.angle_alpha        90.000 
_cell.angle_beta         90.000 
_cell.angle_gamma        90.000 
_cell.Z_PDB              4 
_cell.pdbx_unique_axis   ? 
# 
_symmetry.entry_id                         7GAJ 
_symmetry.space_group_name_H-M             'P 43' 
_symmetry.pdbx_full_space_group_name_H-M   ? 
_symmetry.cell_setting                     ? 
_symmetry.Int_Tables_number                78 
# 
_exptl.crystals_number   1 
_exptl.entry_id          7GAJ 
_exptl.method            'X-RAY DIFFRACTION' 
# 
_exptl_crystal.id                    1 
_exptl_crystal.pdbx_mosaicity        0.000 
_exptl_crystal.pdbx_mosaicity_esd    ? 
_exptl_crystal.density_Matthews      2.22 
_exptl_crystal.density_diffrn        ? 
_exptl_crystal.density_meas          ? 
_exptl_crystal.density_meas_temp     ? 
_exptl_crystal.density_percent_sol   44.63 
_exptl_crystal.size_max              ? 
_exptl_crystal.size_mid              ? 
_exptl_crystal.size_min              ? 
_exptl_crystal.size_rad              ? 
_exptl_crystal.description           ? 
# 
_exptl_crystal_grow.crystal_id      1 
_exptl_crystal_grow.method          'VAPOR DIFFUSION, SITTING DROP' 
_exptl_crystal_grow.pH              4.7 
_exptl_crystal_grow.temp            293 
_exptl_crystal_grow.pdbx_details    '36% PEG 8000, 0.1M acetate pH 4.7' 
_exptl_crystal_grow.temp_details    ? 
_exptl_crystal_grow.pdbx_pH_range   ? 
# 
_diffrn.id                     1 
_diffrn.ambient_temp           100 
_diffrn.crystal_id             1 
_diffrn.ambient_temp_details   ? 
# 
_diffrn_detector.detector               PIXEL 
_diffrn_detector.type                   'DECTRIS PILATUS 6M' 
_diffrn_detector.pdbx_collection_date   2023-02-09 
_diffrn_detector.diffrn_id              1 
_diffrn_detector.details                ? 
# 
_diffrn_radiation.diffrn_id                        1 
_diffrn_radiation.wavelength_id                    1 
_diffrn_radiation.pdbx_diffrn_protocol             'SINGLE WAVELENGTH' 
_diffrn_radiation.pdbx_monochromatic_or_laue_m_l   ? 
_diffrn_radiation.monochromator                    ? 
_diffrn_radiation.pdbx_scattering_type             x-ray 
# 
_diffrn_radiation_wavelength.id           1 
_diffrn_radiation_wavelength.wavelength   0.92124 
_diffrn_radiation_wavelength.wt           1.0 
# 
_diffrn_source.diffrn_id                   1 
_diffrn_source.source                      SYNCHROTRON 
_diffrn_source.type                        'DIAMOND BEAMLINE I04-1' 
_diffrn_source.pdbx_wavelength_list        0.92124 
_diffrn_source.pdbx_synchrotron_site       Diamond 
_diffrn_source.pdbx_synchrotron_beamline   I04-1 
_diffrn_source.pdbx_wavelength             ? 
# 
_reflns.entry_id                     7GAJ 
_reflns.pdbx_diffrn_id               1 
_reflns.pdbx_ordinal                 1 
_reflns.observed_criterion_sigma_I   ? 
_reflns.observed_criterion_sigma_F   ? 
_reflns.d_resolution_low             43.150 
_reflns.d_resolution_high            1.890 
_reflns.number_obs                   10634 
_reflns.number_all                   ? 
_reflns.percent_possible_obs         100.000 
_reflns.pdbx_Rmerge_I_obs            0.113 
_reflns.pdbx_Rsym_value              ? 
_reflns.pdbx_netI_over_sigmaI        10.500 
_reflns.B_iso_Wilson_estimate        ? 
_reflns.pdbx_redundancy              13.700 
_reflns.pdbx_Rrim_I_all              0.118 
_reflns.pdbx_Rpim_I_all              0.032 
_reflns.pdbx_CC_half                 0.999 
_reflns.pdbx_netI_over_av_sigmaI     ? 
_reflns.pdbx_number_measured_all     145177 
_reflns.pdbx_scaling_rejects         0 
_reflns.pdbx_chi_squared             ? 
_reflns.Rmerge_F_all                 ? 
_reflns.Rmerge_F_obs                 ? 
_reflns.observed_criterion_F_max     ? 
_reflns.observed_criterion_F_min     ? 
_reflns.observed_criterion_I_max     ? 
_reflns.observed_criterion_I_min     ? 
_reflns.pdbx_d_res_high_opt          ? 
_reflns.pdbx_d_res_low_opt           ? 
_reflns.details                      ? 
_reflns.pdbx_CC_star                 ? 
# 
loop_
_reflns_shell.pdbx_diffrn_id 
_reflns_shell.pdbx_ordinal 
_reflns_shell.d_res_high 
_reflns_shell.d_res_low 
_reflns_shell.number_measured_obs 
_reflns_shell.number_measured_all 
_reflns_shell.number_unique_obs 
_reflns_shell.pdbx_rejects 
_reflns_shell.Rmerge_I_obs 
_reflns_shell.meanI_over_sigI_obs 
_reflns_shell.pdbx_Rsym_value 
_reflns_shell.pdbx_chi_squared 
_reflns_shell.pdbx_redundancy 
_reflns_shell.percent_possible_obs 
_reflns_shell.pdbx_netI_over_sigmaI_obs 
_reflns_shell.number_possible 
_reflns_shell.number_unique_all 
_reflns_shell.Rmerge_F_all 
_reflns_shell.Rmerge_F_obs 
_reflns_shell.Rmerge_I_all 
_reflns_shell.meanI_over_sigI_all 
_reflns_shell.percent_possible_all 
_reflns_shell.pdbx_Rrim_I_all 
_reflns_shell.pdbx_Rpim_I_all 
_reflns_shell.pdbx_CC_half 
_reflns_shell.pdbx_CC_star 
1 1 1.890 1.930  ? 9643 680 ? 5.099 ? ? ? 14.200 ? 0.300  ? ? ? ? ? ? 100.000 5.288 1.395 0.323 ? 
1 2 9.070 43.150 ? 1183 112 ? 0.044 ? ? ? 10.600 ? 57.900 ? ? ? ? ? ? 99.200  0.047 0.014 1.000 ? 
# 
_refine.entry_id                                 7GAJ 
_refine.pdbx_refine_id                           'X-RAY DIFFRACTION' 
_refine.ls_d_res_high                            1.8900 
_refine.ls_d_res_low                             43.1700 
_refine.pdbx_ls_sigma_F                          0.000 
_refine.pdbx_data_cutoff_high_absF               ? 
_refine.pdbx_data_cutoff_low_absF                ? 
_refine.ls_percent_reflns_obs                    97.6800 
_refine.ls_number_reflns_obs                     9956 
_refine.ls_number_reflns_all                     ? 
_refine.pdbx_ls_cross_valid_method               THROUGHOUT 
_refine.ls_matrix_type                           ? 
_refine.pdbx_R_Free_selection_details            RANDOM 
_refine.details                                  
'HYDROGENS HAVE BEEN ADDED IN THE RIDING POSITIONS U VALUES      : REFINED INDIVIDUALLY' 
_refine.ls_R_factor_all                          ? 
_refine.ls_R_factor_obs                          0.1858 
_refine.ls_R_factor_R_work                       0.1840 
_refine.ls_wR_factor_R_work                      ? 
_refine.ls_R_factor_R_free                       0.2289 
_refine.ls_wR_factor_R_free                      ? 
_refine.ls_percent_reflns_R_free                 4.0000 
_refine.ls_number_reflns_R_free                  419 
_refine.ls_number_reflns_R_work                  ? 
_refine.ls_R_factor_R_free_error                 ? 
_refine.B_iso_mean                               50.7200 
_refine.solvent_model_param_bsol                 ? 
_refine.solvent_model_param_ksol                 ? 
_refine.pdbx_isotropic_thermal_model             ? 
_refine.aniso_B[1][1]                            -0.8000 
_refine.aniso_B[2][2]                            -0.8000 
_refine.aniso_B[3][3]                            1.5900 
_refine.aniso_B[1][2]                            0.0000 
_refine.aniso_B[1][3]                            0.0000 
_refine.aniso_B[2][3]                            0.0000 
_refine.correlation_coeff_Fo_to_Fc               0.9730 
_refine.correlation_coeff_Fo_to_Fc_free          0.9620 
_refine.overall_SU_R_Cruickshank_DPI             ? 
_refine.pdbx_overall_SU_R_free_Cruickshank_DPI   ? 
_refine.pdbx_overall_SU_R_Blow_DPI               ? 
_refine.pdbx_overall_SU_R_free_Blow_DPI          ? 
_refine.overall_SU_R_free                        ? 
_refine.pdbx_overall_ESU_R                       0.1840 
_refine.pdbx_overall_ESU_R_Free                  0.1590 
_refine.overall_SU_ML                            0.1850 
_refine.overall_SU_B                             7.2660 
_refine.solvent_model_details                    MASK 
_refine.pdbx_solvent_vdw_probe_radii             1.2000 
_refine.pdbx_solvent_ion_probe_radii             0.8000 
_refine.pdbx_solvent_shrinkage_radii             0.8000 
_refine.ls_number_parameters                     ? 
_refine.ls_number_restraints                     ? 
_refine.pdbx_starting_model                      8Q53 
_refine.pdbx_method_to_determine_struct          'FOURIER SYNTHESIS' 
_refine.pdbx_stereochemistry_target_values       'MAXIMUM LIKELIHOOD' 
_refine.pdbx_stereochem_target_val_spec_case     ? 
_refine.overall_FOM_work_R_set                   ? 
_refine.B_iso_max                                147.400 
_refine.B_iso_min                                30.070 
_refine.pdbx_overall_phase_error                 ? 
_refine.occupancy_max                            ? 
_refine.occupancy_min                            ? 
_refine.pdbx_diffrn_id                           1 
_refine.pdbx_TLS_residual_ADP_flag               ? 
_refine.pdbx_ls_sigma_I                          ? 
_refine.pdbx_data_cutoff_high_rms_absF           ? 
_refine.ls_R_factor_R_free_error_details         ? 
# 
_refine_hist.cycle_id                         final 
_refine_hist.pdbx_refine_id                   'X-RAY DIFFRACTION' 
_refine_hist.d_res_high                       1.8900 
_refine_hist.d_res_low                        43.1700 
_refine_hist.pdbx_number_atoms_ligand         51 
_refine_hist.number_atoms_solvent             90 
_refine_hist.number_atoms_total               1095 
_refine_hist.pdbx_number_residues_total       113 
_refine_hist.pdbx_B_iso_mean_ligand           76.57 
_refine_hist.pdbx_B_iso_mean_solvent          60.97 
_refine_hist.pdbx_number_atoms_protein        954 
_refine_hist.pdbx_number_atoms_nucleic_acid   0 
# 
loop_
_refine_ls_restr.pdbx_refine_id 
_refine_ls_restr.type 
_refine_ls_restr.number 
_refine_ls_restr.dev_ideal 
_refine_ls_restr.dev_ideal_target 
_refine_ls_restr.weight 
_refine_ls_restr.pdbx_restraint_function 
'X-RAY DIFFRACTION' r_bond_refined_d       1348 0.008  0.014  ? ? 
'X-RAY DIFFRACTION' r_bond_other_d         1205 0.001  0.014  ? ? 
'X-RAY DIFFRACTION' r_angle_refined_deg    1654 1.550  1.667  ? ? 
'X-RAY DIFFRACTION' r_angle_other_deg      2751 1.202  1.582  ? ? 
'X-RAY DIFFRACTION' r_dihedral_angle_1_deg 156  6.459  5.000  ? ? 
'X-RAY DIFFRACTION' r_dihedral_angle_2_deg 70   26.880 19.429 ? ? 
'X-RAY DIFFRACTION' r_dihedral_angle_3_deg 224  15.187 15.000 ? ? 
'X-RAY DIFFRACTION' r_dihedral_angle_4_deg 15   19.934 15.000 ? ? 
'X-RAY DIFFRACTION' r_chiral_restr         152  0.070  0.200  ? ? 
'X-RAY DIFFRACTION' r_gen_planes_refined   1429 0.006  0.020  ? ? 
'X-RAY DIFFRACTION' r_gen_planes_other     315  0.001  0.020  ? ? 
'X-RAY DIFFRACTION' r_mcbond_it            624  3.666  4.847  ? ? 
'X-RAY DIFFRACTION' r_mcbond_other         619  3.655  4.840  ? ? 
'X-RAY DIFFRACTION' r_mcangle_it           740  5.415  7.270  ? ? 
# 
_refine_ls_shell.d_res_high                       1.8900 
_refine_ls_shell.d_res_low                        1.9390 
_refine_ls_shell.pdbx_total_number_of_bins_used   20 
_refine_ls_shell.percent_reflns_obs               68.5100 
_refine_ls_shell.number_reflns_R_work             507 
_refine_ls_shell.R_factor_all                     ? 
_refine_ls_shell.R_factor_R_work                  0.4180 
_refine_ls_shell.R_factor_R_free                  0.4620 
_refine_ls_shell.percent_reflns_R_free            ? 
_refine_ls_shell.number_reflns_R_free             26 
_refine_ls_shell.R_factor_R_free_error            ? 
_refine_ls_shell.number_reflns_all                533 
_refine_ls_shell.number_reflns_obs                ? 
_refine_ls_shell.pdbx_refine_id                   'X-RAY DIFFRACTION' 
_refine_ls_shell.R_factor_obs                     ? 
# 
_struct.entry_id                  7GAJ 
_struct.title                     'PanDDA analysis group deposition -- Crystal Structure of MAP1LC3B in complex with Z285233820' 
_struct.pdbx_model_details        ? 
_struct.pdbx_CASP_flag            ? 
_struct.pdbx_model_type_details   ? 
# 
_struct_keywords.entry_id        7GAJ 
_struct_keywords.text            'SGC - Diamond I04-1 fragment screening, PanDDA, XChemExplorer, STRUCTURAL PROTEIN' 
_struct_keywords.pdbx_keywords   'STRUCTURAL PROTEIN' 
# 
loop_
_struct_asym.id 
_struct_asym.pdbx_blank_PDB_chainid_flag 
_struct_asym.pdbx_modified 
_struct_asym.entity_id 
_struct_asym.details 
A N N 1 ? 
B N N 2 ? 
C N N 3 ? 
D N N 3 ? 
E N N 3 ? 
F N N 3 ? 
G N N 3 ? 
H N N 3 ? 
I N N 3 ? 
J N N 3 ? 
K N N 3 ? 
L N N 4 ? 
M N N 5 ? 
# 
_struct_ref.id                         1 
_struct_ref.db_name                    UNP 
_struct_ref.db_code                    MLP3B_HUMAN 
_struct_ref.pdbx_db_accession          Q9GZQ8 
_struct_ref.pdbx_db_isoform            ? 
_struct_ref.entity_id                  1 
_struct_ref.pdbx_seq_one_letter_code   
;MPSEKTFKQRRTFEQRVEDVRLIREQHPTKIPVIIERYKGEKQLPVLDKTKFLVPDHVNMSELIKIIRRRLQLNANQAFF
LLVNGHSMVSVSTPISEVYESEKDEDGFLYMVYASQETFG
;
_struct_ref.pdbx_align_begin           1 
# 
_struct_ref_seq.align_id                      1 
_struct_ref_seq.ref_id                        1 
_struct_ref_seq.pdbx_PDB_id_code              7GAJ 
_struct_ref_seq.pdbx_strand_id                A 
_struct_ref_seq.seq_align_beg                 2 
_struct_ref_seq.pdbx_seq_align_beg_ins_code   ? 
_struct_ref_seq.seq_align_end                 121 
_struct_ref_seq.pdbx_seq_align_end_ins_code   ? 
_struct_ref_seq.pdbx_db_accession             Q9GZQ8 
_struct_ref_seq.db_align_beg                  1 
_struct_ref_seq.pdbx_db_align_beg_ins_code    ? 
_struct_ref_seq.db_align_end                  120 
_struct_ref_seq.pdbx_db_align_end_ins_code    ? 
_struct_ref_seq.pdbx_auth_seq_align_beg       1 
_struct_ref_seq.pdbx_auth_seq_align_end       120 
# 
_struct_ref_seq_dif.align_id                     1 
_struct_ref_seq_dif.pdbx_pdb_id_code             7GAJ 
_struct_ref_seq_dif.mon_id                       SER 
_struct_ref_seq_dif.pdbx_pdb_strand_id           A 
_struct_ref_seq_dif.seq_num                      1 
_struct_ref_seq_dif.pdbx_pdb_ins_code            ? 
_struct_ref_seq_dif.pdbx_seq_db_name             UNP 
_struct_ref_seq_dif.pdbx_seq_db_accession_code   Q9GZQ8 
_struct_ref_seq_dif.db_mon_id                    ? 
_struct_ref_seq_dif.pdbx_seq_db_seq_num          ? 
_struct_ref_seq_dif.details                      'expression tag' 
_struct_ref_seq_dif.pdbx_auth_seq_num            0 
_struct_ref_seq_dif.pdbx_ordinal                 1 
# 
_pdbx_struct_assembly.id                   1 
_pdbx_struct_assembly.details              author_and_software_defined_assembly 
_pdbx_struct_assembly.method_details       PISA 
_pdbx_struct_assembly.oligomeric_details   monomeric 
_pdbx_struct_assembly.oligomeric_count     1 
# 
_pdbx_struct_assembly_gen.assembly_id       1 
_pdbx_struct_assembly_gen.oper_expression   1 
_pdbx_struct_assembly_gen.asym_id_list      A,B,C,D,E,F,G,H,I,J,K,L,M 
# 
_pdbx_struct_oper_list.id                   1 
_pdbx_struct_oper_list.type                 'identity operation' 
_pdbx_struct_oper_list.name                 1_555 
_pdbx_struct_oper_list.symmetry_operation   x,y,z 
_pdbx_struct_oper_list.matrix[1][1]         1.0000000000 
_pdbx_struct_oper_list.matrix[1][2]         0.0000000000 
_pdbx_struct_oper_list.matrix[1][3]         0.0000000000 
_pdbx_struct_oper_list.vector[1]            0.0000000000 
_pdbx_struct_oper_list.matrix[2][1]         0.0000000000 
_pdbx_struct_oper_list.matrix[2][2]         1.0000000000 
_pdbx_struct_oper_list.matrix[2][3]         0.0000000000 
_pdbx_struct_oper_list.vector[2]            0.0000000000 
_pdbx_struct_oper_list.matrix[3][1]         0.0000000000 
_pdbx_struct_oper_list.matrix[3][2]         0.0000000000 
_pdbx_struct_oper_list.matrix[3][3]         1.0000000000 
_pdbx_struct_oper_list.vector[3]            0.0000000000 
# 
loop_
_struct_conf.conf_type_id 
_struct_conf.id 
_struct_conf.pdbx_PDB_helix_id 
_struct_conf.beg_label_comp_id 
_struct_conf.beg_label_asym_id 
_struct_conf.beg_label_seq_id 
_struct_conf.pdbx_beg_PDB_ins_code 
_struct_conf.end_label_comp_id 
_struct_conf.end_label_asym_id 
_struct_conf.end_label_seq_id 
_struct_conf.pdbx_end_PDB_ins_code 
_struct_conf.beg_auth_comp_id 
_struct_conf.beg_auth_asym_id 
_struct_conf.beg_auth_seq_id 
_struct_conf.end_auth_comp_id 
_struct_conf.end_auth_asym_id 
_struct_conf.end_auth_seq_id 
_struct_conf.pdbx_PDB_helix_class 
_struct_conf.details 
_struct_conf.pdbx_PDB_helix_length 
HELX_P HELX_P1 AA1 THR A 7  ? ARG A 12  ? THR A 6  ARG A 11  1 ? 6  
HELX_P HELX_P2 AA2 THR A 13 ? HIS A 28  ? THR A 12 HIS A 27  1 ? 16 
HELX_P HELX_P3 AA3 ASN A 60 ? LEU A 72  ? ASN A 59 LEU A 71  1 ? 13 
HELX_P HELX_P4 AA4 PRO A 95 ? LYS A 104 ? PRO A 94 LYS A 103 1 ? 10 
# 
_struct_conf_type.id          HELX_P 
_struct_conf_type.criteria    ? 
_struct_conf_type.reference   ? 
# 
_struct_sheet.id               AA1 
_struct_sheet.type             ? 
_struct_sheet.number_strands   5 
_struct_sheet.details          ? 
# 
loop_
_struct_sheet_order.sheet_id 
_struct_sheet_order.range_id_1 
_struct_sheet_order.range_id_2 
_struct_sheet_order.offset 
_struct_sheet_order.sense 
AA1 1 2 ? anti-parallel 
AA1 2 3 ? parallel      
AA1 3 4 ? anti-parallel 
AA1 4 5 ? anti-parallel 
# 
loop_
_struct_sheet_range.sheet_id 
_struct_sheet_range.id 
_struct_sheet_range.beg_label_comp_id 
_struct_sheet_range.beg_label_asym_id 
_struct_sheet_range.beg_label_seq_id 
_struct_sheet_range.pdbx_beg_PDB_ins_code 
_struct_sheet_range.end_label_comp_id 
_struct_sheet_range.end_label_asym_id 
_struct_sheet_range.end_label_seq_id 
_struct_sheet_range.pdbx_end_PDB_ins_code 
_struct_sheet_range.beg_auth_comp_id 
_struct_sheet_range.beg_auth_asym_id 
_struct_sheet_range.beg_auth_seq_id 
_struct_sheet_range.end_auth_comp_id 
_struct_sheet_range.end_auth_asym_id 
_struct_sheet_range.end_auth_seq_id 
AA1 1 LYS A 52  ? PRO A 56  ? LYS A 51  PRO A 55  
AA1 2 LYS A 31  ? ARG A 38  ? LYS A 30  ARG A 37  
AA1 3 LEU A 110 ? ALA A 115 ? LEU A 109 ALA A 114 
AA1 4 PHE A 81  ? VAL A 84  ? PHE A 80  VAL A 83  
AA1 5 HIS A 87  ? SER A 88  ? HIS A 86  SER A 87  
# 
loop_
_pdbx_struct_sheet_hbond.sheet_id 
_pdbx_struct_sheet_hbond.range_id_1 
_pdbx_struct_sheet_hbond.range_id_2 
_pdbx_struct_sheet_hbond.range_1_label_atom_id 
_pdbx_struct_sheet_hbond.range_1_label_comp_id 
_pdbx_struct_sheet_hbond.range_1_label_asym_id 
_pdbx_struct_sheet_hbond.range_1_label_seq_id 
_pdbx_struct_sheet_hbond.range_1_PDB_ins_code 
_pdbx_struct_sheet_hbond.range_1_auth_atom_id 
_pdbx_struct_sheet_hbond.range_1_auth_comp_id 
_pdbx_struct_sheet_hbond.range_1_auth_asym_id 
_pdbx_struct_sheet_hbond.range_1_auth_seq_id 
_pdbx_struct_sheet_hbond.range_2_label_atom_id 
_pdbx_struct_sheet_hbond.range_2_label_comp_id 
_pdbx_struct_sheet_hbond.range_2_label_asym_id 
_pdbx_struct_sheet_hbond.range_2_label_seq_id 
_pdbx_struct_sheet_hbond.range_2_PDB_ins_code 
_pdbx_struct_sheet_hbond.range_2_auth_atom_id 
_pdbx_struct_sheet_hbond.range_2_auth_comp_id 
_pdbx_struct_sheet_hbond.range_2_auth_asym_id 
_pdbx_struct_sheet_hbond.range_2_auth_seq_id 
AA1 1 2 O VAL A 55  ? O VAL A 54  N ILE A 32  ? N ILE A 31  
AA1 2 3 N ILE A 35  ? N ILE A 34  O LEU A 110 ? O LEU A 109 
AA1 3 4 O VAL A 113 ? O VAL A 112 N LEU A 83  ? N LEU A 82  
AA1 4 5 N VAL A 84  ? N VAL A 83  O HIS A 87  ? O HIS A 86  
# 
_pdbx_entry_details.entry_id                   7GAJ 
_pdbx_entry_details.compound_details           ? 
_pdbx_entry_details.source_details             ? 
_pdbx_entry_details.nonpolymer_details         ? 
_pdbx_entry_details.sequence_details           ? 
_pdbx_entry_details.has_ligand_of_interest     Y 
_pdbx_entry_details.has_protein_modification   ? 
# 
loop_
_pdbx_validate_close_contact.id 
_pdbx_validate_close_contact.PDB_model_num 
_pdbx_validate_close_contact.auth_atom_id_1 
_pdbx_validate_close_contact.auth_asym_id_1 
_pdbx_validate_close_contact.auth_comp_id_1 
_pdbx_validate_close_contact.auth_seq_id_1 
_pdbx_validate_close_contact.PDB_ins_code_1 
_pdbx_validate_close_contact.label_alt_id_1 
_pdbx_validate_close_contact.auth_atom_id_2 
_pdbx_validate_close_contact.auth_asym_id_2 
_pdbx_validate_close_contact.auth_comp_id_2 
_pdbx_validate_close_contact.auth_seq_id_2 
_pdbx_validate_close_contact.PDB_ins_code_2 
_pdbx_validate_close_contact.label_alt_id_2 
_pdbx_validate_close_contact.dist 
1 1 O   A HOH 366 ? ? O A HOH 381 ? ? 1.67 
2 1 O   A HOH 319 ? ? O A HOH 363 ? ? 1.85 
3 1 O   A HOH 344 ? ? O A HOH 362 ? ? 1.93 
4 1 OG1 A THR 6   ? ? O A HOH 301 ? ? 1.98 
5 1 O2  A EDO 203 ? ? O A HOH 302 ? ? 2.06 
6 1 O   A LEU 81  ? ? O A HOH 303 ? ? 2.12 
7 1 O   A HOH 315 ? ? O A HOH 377 ? ? 2.18 
# 
_phasing.method   MR 
# 
loop_
_pdbx_unobs_or_zero_occ_residues.id 
_pdbx_unobs_or_zero_occ_residues.PDB_model_num 
_pdbx_unobs_or_zero_occ_residues.polymer_flag 
_pdbx_unobs_or_zero_occ_residues.occupancy_flag 
_pdbx_unobs_or_zero_occ_residues.auth_asym_id 
_pdbx_unobs_or_zero_occ_residues.auth_comp_id 
_pdbx_unobs_or_zero_occ_residues.auth_seq_id 
_pdbx_unobs_or_zero_occ_residues.PDB_ins_code 
_pdbx_unobs_or_zero_occ_residues.label_asym_id 
_pdbx_unobs_or_zero_occ_residues.label_comp_id 
_pdbx_unobs_or_zero_occ_residues.label_seq_id 
1 1 Y 1 A SER 0   ? A SER 1   
2 1 Y 1 A MET 1   ? A MET 2   
3 1 Y 1 A PRO 2   ? A PRO 3   
4 1 Y 1 A SER 3   ? A SER 4   
5 1 Y 1 A GLU 4   ? A GLU 5   
6 1 Y 1 A GLY 120 ? A GLY 121 
# 
loop_
_chem_comp_atom.comp_id 
_chem_comp_atom.atom_id 
_chem_comp_atom.type_symbol 
_chem_comp_atom.pdbx_aromatic_flag 
_chem_comp_atom.pdbx_stereo_config 
_chem_comp_atom.pdbx_ordinal 
ALA N    N  N N 1   
ALA CA   C  N S 2   
ALA C    C  N N 3   
ALA O    O  N N 4   
ALA CB   C  N N 5   
ALA OXT  O  N N 6   
ALA H    H  N N 7   
ALA H2   H  N N 8   
ALA HA   H  N N 9   
ALA HB1  H  N N 10  
ALA HB2  H  N N 11  
ALA HB3  H  N N 12  
ALA HXT  H  N N 13  
ARG N    N  N N 14  
ARG CA   C  N S 15  
ARG C    C  N N 16  
ARG O    O  N N 17  
ARG CB   C  N N 18  
ARG CG   C  N N 19  
ARG CD   C  N N 20  
ARG NE   N  N N 21  
ARG CZ   C  N N 22  
ARG NH1  N  N N 23  
ARG NH2  N  N N 24  
ARG OXT  O  N N 25  
ARG H    H  N N 26  
ARG H2   H  N N 27  
ARG HA   H  N N 28  
ARG HB2  H  N N 29  
ARG HB3  H  N N 30  
ARG HG2  H  N N 31  
ARG HG3  H  N N 32  
ARG HD2  H  N N 33  
ARG HD3  H  N N 34  
ARG HE   H  N N 35  
ARG HH11 H  N N 36  
ARG HH12 H  N N 37  
ARG HH21 H  N N 38  
ARG HH22 H  N N 39  
ARG HXT  H  N N 40  
ASN N    N  N N 41  
ASN CA   C  N S 42  
ASN C    C  N N 43  
ASN O    O  N N 44  
ASN CB   C  N N 45  
ASN CG   C  N N 46  
ASN OD1  O  N N 47  
ASN ND2  N  N N 48  
ASN OXT  O  N N 49  
ASN H    H  N N 50  
ASN H2   H  N N 51  
ASN HA   H  N N 52  
ASN HB2  H  N N 53  
ASN HB3  H  N N 54  
ASN HD21 H  N N 55  
ASN HD22 H  N N 56  
ASN HXT  H  N N 57  
ASP N    N  N N 58  
ASP CA   C  N S 59  
ASP C    C  N N 60  
ASP O    O  N N 61  
ASP CB   C  N N 62  
ASP CG   C  N N 63  
ASP OD1  O  N N 64  
ASP OD2  O  N N 65  
ASP OXT  O  N N 66  
ASP H    H  N N 67  
ASP H2   H  N N 68  
ASP HA   H  N N 69  
ASP HB2  H  N N 70  
ASP HB3  H  N N 71  
ASP HD2  H  N N 72  
ASP HXT  H  N N 73  
CL  CL   CL N N 74  
EDO C1   C  N N 75  
EDO O1   O  N N 76  
EDO C2   C  N N 77  
EDO O2   O  N N 78  
EDO H11  H  N N 79  
EDO H12  H  N N 80  
EDO HO1  H  N N 81  
EDO H21  H  N N 82  
EDO H22  H  N N 83  
EDO HO2  H  N N 84  
GLN N    N  N N 85  
GLN CA   C  N S 86  
GLN C    C  N N 87  
GLN O    O  N N 88  
GLN CB   C  N N 89  
GLN CG   C  N N 90  
GLN CD   C  N N 91  
GLN OE1  O  N N 92  
GLN NE2  N  N N 93  
GLN OXT  O  N N 94  
GLN H    H  N N 95  
GLN H2   H  N N 96  
GLN HA   H  N N 97  
GLN HB2  H  N N 98  
GLN HB3  H  N N 99  
GLN HG2  H  N N 100 
GLN HG3  H  N N 101 
GLN HE21 H  N N 102 
GLN HE22 H  N N 103 
GLN HXT  H  N N 104 
GLU N    N  N N 105 
GLU CA   C  N S 106 
GLU C    C  N N 107 
GLU O    O  N N 108 
GLU CB   C  N N 109 
GLU CG   C  N N 110 
GLU CD   C  N N 111 
GLU OE1  O  N N 112 
GLU OE2  O  N N 113 
GLU OXT  O  N N 114 
GLU H    H  N N 115 
GLU H2   H  N N 116 
GLU HA   H  N N 117 
GLU HB2  H  N N 118 
GLU HB3  H  N N 119 
GLU HG2  H  N N 120 
GLU HG3  H  N N 121 
GLU HE2  H  N N 122 
GLU HXT  H  N N 123 
GLY N    N  N N 124 
GLY CA   C  N N 125 
GLY C    C  N N 126 
GLY O    O  N N 127 
GLY OXT  O  N N 128 
GLY H    H  N N 129 
GLY H2   H  N N 130 
GLY HA2  H  N N 131 
GLY HA3  H  N N 132 
GLY HXT  H  N N 133 
HIS N    N  N N 134 
HIS CA   C  N S 135 
HIS C    C  N N 136 
HIS O    O  N N 137 
HIS CB   C  N N 138 
HIS CG   C  Y N 139 
HIS ND1  N  Y N 140 
HIS CD2  C  Y N 141 
HIS CE1  C  Y N 142 
HIS NE2  N  Y N 143 
HIS OXT  O  N N 144 
HIS H    H  N N 145 
HIS H2   H  N N 146 
HIS HA   H  N N 147 
HIS HB2  H  N N 148 
HIS HB3  H  N N 149 
HIS HD1  H  N N 150 
HIS HD2  H  N N 151 
HIS HE1  H  N N 152 
HIS HE2  H  N N 153 
HIS HXT  H  N N 154 
HOH O    O  N N 155 
HOH H1   H  N N 156 
HOH H2   H  N N 157 
ILE N    N  N N 158 
ILE CA   C  N S 159 
ILE C    C  N N 160 
ILE O    O  N N 161 
ILE CB   C  N S 162 
ILE CG1  C  N N 163 
ILE CG2  C  N N 164 
ILE CD1  C  N N 165 
ILE OXT  O  N N 166 
ILE H    H  N N 167 
ILE H2   H  N N 168 
ILE HA   H  N N 169 
ILE HB   H  N N 170 
ILE HG12 H  N N 171 
ILE HG13 H  N N 172 
ILE HG21 H  N N 173 
ILE HG22 H  N N 174 
ILE HG23 H  N N 175 
ILE HD11 H  N N 176 
ILE HD12 H  N N 177 
ILE HD13 H  N N 178 
ILE HXT  H  N N 179 
KB3 N1   N  Y N 180 
KB3 N3   N  N N 181 
KB3 C4   C  Y N 182 
KB3 C5   C  Y N 183 
KB3 C6   C  Y N 184 
KB3 C7   C  Y N 185 
KB3 C8   C  Y N 186 
KB3 C1   C  N N 187 
KB3 C2   C  Y N 188 
KB3 C3   C  Y N 189 
KB3 C9   C  Y N 190 
KB3 N2   N  Y N 191 
KB3 O1   O  N N 192 
KB3 O2   O  Y N 193 
KB3 H8   H  N N 194 
KB3 H9   H  N N 195 
KB3 H5   H  N N 196 
KB3 H6   H  N N 197 
KB3 H7   H  N N 198 
KB3 H1   H  N N 199 
KB3 H3   H  N N 200 
KB3 H2   H  N N 201 
KB3 H4   H  N N 202 
LEU N    N  N N 203 
LEU CA   C  N S 204 
LEU C    C  N N 205 
LEU O    O  N N 206 
LEU CB   C  N N 207 
LEU CG   C  N N 208 
LEU CD1  C  N N 209 
LEU CD2  C  N N 210 
LEU OXT  O  N N 211 
LEU H    H  N N 212 
LEU H2   H  N N 213 
LEU HA   H  N N 214 
LEU HB2  H  N N 215 
LEU HB3  H  N N 216 
LEU HG   H  N N 217 
LEU HD11 H  N N 218 
LEU HD12 H  N N 219 
LEU HD13 H  N N 220 
LEU HD21 H  N N 221 
LEU HD22 H  N N 222 
LEU HD23 H  N N 223 
LEU HXT  H  N N 224 
LYS N    N  N N 225 
LYS CA   C  N S 226 
LYS C    C  N N 227 
LYS O    O  N N 228 
LYS CB   C  N N 229 
LYS CG   C  N N 230 
LYS CD   C  N N 231 
LYS CE   C  N N 232 
LYS NZ   N  N N 233 
LYS OXT  O  N N 234 
LYS H    H  N N 235 
LYS H2   H  N N 236 
LYS HA   H  N N 237 
LYS HB2  H  N N 238 
LYS HB3  H  N N 239 
LYS HG2  H  N N 240 
LYS HG3  H  N N 241 
LYS HD2  H  N N 242 
LYS HD3  H  N N 243 
LYS HE2  H  N N 244 
LYS HE3  H  N N 245 
LYS HZ1  H  N N 246 
LYS HZ2  H  N N 247 
LYS HZ3  H  N N 248 
LYS HXT  H  N N 249 
MET N    N  N N 250 
MET CA   C  N S 251 
MET C    C  N N 252 
MET O    O  N N 253 
MET CB   C  N N 254 
MET CG   C  N N 255 
MET SD   S  N N 256 
MET CE   C  N N 257 
MET OXT  O  N N 258 
MET H    H  N N 259 
MET H2   H  N N 260 
MET HA   H  N N 261 
MET HB2  H  N N 262 
MET HB3  H  N N 263 
MET HG2  H  N N 264 
MET HG3  H  N N 265 
MET HE1  H  N N 266 
MET HE2  H  N N 267 
MET HE3  H  N N 268 
MET HXT  H  N N 269 
PHE N    N  N N 270 
PHE CA   C  N S 271 
PHE C    C  N N 272 
PHE O    O  N N 273 
PHE CB   C  N N 274 
PHE CG   C  Y N 275 
PHE CD1  C  Y N 276 
PHE CD2  C  Y N 277 
PHE CE1  C  Y N 278 
PHE CE2  C  Y N 279 
PHE CZ   C  Y N 280 
PHE OXT  O  N N 281 
PHE H    H  N N 282 
PHE H2   H  N N 283 
PHE HA   H  N N 284 
PHE HB2  H  N N 285 
PHE HB3  H  N N 286 
PHE HD1  H  N N 287 
PHE HD2  H  N N 288 
PHE HE1  H  N N 289 
PHE HE2  H  N N 290 
PHE HZ   H  N N 291 
PHE HXT  H  N N 292 
PRO N    N  N N 293 
PRO CA   C  N S 294 
PRO C    C  N N 295 
PRO O    O  N N 296 
PRO CB   C  N N 297 
PRO CG   C  N N 298 
PRO CD   C  N N 299 
PRO OXT  O  N N 300 
PRO H    H  N N 301 
PRO HA   H  N N 302 
PRO HB2  H  N N 303 
PRO HB3  H  N N 304 
PRO HG2  H  N N 305 
PRO HG3  H  N N 306 
PRO HD2  H  N N 307 
PRO HD3  H  N N 308 
PRO HXT  H  N N 309 
SER N    N  N N 310 
SER CA   C  N S 311 
SER C    C  N N 312 
SER O    O  N N 313 
SER CB   C  N N 314 
SER OG   O  N N 315 
SER OXT  O  N N 316 
SER H    H  N N 317 
SER H2   H  N N 318 
SER HA   H  N N 319 
SER HB2  H  N N 320 
SER HB3  H  N N 321 
SER HG   H  N N 322 
SER HXT  H  N N 323 
THR N    N  N N 324 
THR CA   C  N S 325 
THR C    C  N N 326 
THR O    O  N N 327 
THR CB   C  N R 328 
THR OG1  O  N N 329 
THR CG2  C  N N 330 
THR OXT  O  N N 331 
THR H    H  N N 332 
THR H2   H  N N 333 
THR HA   H  N N 334 
THR HB   H  N N 335 
THR HG1  H  N N 336 
THR HG21 H  N N 337 
THR HG22 H  N N 338 
THR HG23 H  N N 339 
THR HXT  H  N N 340 
TYR N    N  N N 341 
TYR CA   C  N S 342 
TYR C    C  N N 343 
TYR O    O  N N 344 
TYR CB   C  N N 345 
TYR CG   C  Y N 346 
TYR CD1  C  Y N 347 
TYR CD2  C  Y N 348 
TYR CE1  C  Y N 349 
TYR CE2  C  Y N 350 
TYR CZ   C  Y N 351 
TYR OH   O  N N 352 
TYR OXT  O  N N 353 
TYR H    H  N N 354 
TYR H2   H  N N 355 
TYR HA   H  N N 356 
TYR HB2  H  N N 357 
TYR HB3  H  N N 358 
TYR HD1  H  N N 359 
TYR HD2  H  N N 360 
TYR HE1  H  N N 361 
TYR HE2  H  N N 362 
TYR HH   H  N N 363 
TYR HXT  H  N N 364 
VAL N    N  N N 365 
VAL CA   C  N S 366 
VAL C    C  N N 367 
VAL O    O  N N 368 
VAL CB   C  N N 369 
VAL CG1  C  N N 370 
VAL CG2  C  N N 371 
VAL OXT  O  N N 372 
VAL H    H  N N 373 
VAL H2   H  N N 374 
VAL HA   H  N N 375 
VAL HB   H  N N 376 
VAL HG11 H  N N 377 
VAL HG12 H  N N 378 
VAL HG13 H  N N 379 
VAL HG21 H  N N 380 
VAL HG22 H  N N 381 
VAL HG23 H  N N 382 
VAL HXT  H  N N 383 
# 
loop_
_chem_comp_bond.comp_id 
_chem_comp_bond.atom_id_1 
_chem_comp_bond.atom_id_2 
_chem_comp_bond.value_order 
_chem_comp_bond.pdbx_aromatic_flag 
_chem_comp_bond.pdbx_stereo_config 
_chem_comp_bond.pdbx_ordinal 
ALA N   CA   sing N N 1   
ALA N   H    sing N N 2   
ALA N   H2   sing N N 3   
ALA CA  C    sing N N 4   
ALA CA  CB   sing N N 5   
ALA CA  HA   sing N N 6   
ALA C   O    doub N N 7   
ALA C   OXT  sing N N 8   
ALA CB  HB1  sing N N 9   
ALA CB  HB2  sing N N 10  
ALA CB  HB3  sing N N 11  
ALA OXT HXT  sing N N 12  
ARG N   CA   sing N N 13  
ARG N   H    sing N N 14  
ARG N   H2   sing N N 15  
ARG CA  C    sing N N 16  
ARG CA  CB   sing N N 17  
ARG CA  HA   sing N N 18  
ARG C   O    doub N N 19  
ARG C   OXT  sing N N 20  
ARG CB  CG   sing N N 21  
ARG CB  HB2  sing N N 22  
ARG CB  HB3  sing N N 23  
ARG CG  CD   sing N N 24  
ARG CG  HG2  sing N N 25  
ARG CG  HG3  sing N N 26  
ARG CD  NE   sing N N 27  
ARG CD  HD2  sing N N 28  
ARG CD  HD3  sing N N 29  
ARG NE  CZ   sing N N 30  
ARG NE  HE   sing N N 31  
ARG CZ  NH1  sing N N 32  
ARG CZ  NH2  doub N N 33  
ARG NH1 HH11 sing N N 34  
ARG NH1 HH12 sing N N 35  
ARG NH2 HH21 sing N N 36  
ARG NH2 HH22 sing N N 37  
ARG OXT HXT  sing N N 38  
ASN N   CA   sing N N 39  
ASN N   H    sing N N 40  
ASN N   H2   sing N N 41  
ASN CA  C    sing N N 42  
ASN CA  CB   sing N N 43  
ASN CA  HA   sing N N 44  
ASN C   O    doub N N 45  
ASN C   OXT  sing N N 46  
ASN CB  CG   sing N N 47  
ASN CB  HB2  sing N N 48  
ASN CB  HB3  sing N N 49  
ASN CG  OD1  doub N N 50  
ASN CG  ND2  sing N N 51  
ASN ND2 HD21 sing N N 52  
ASN ND2 HD22 sing N N 53  
ASN OXT HXT  sing N N 54  
ASP N   CA   sing N N 55  
ASP N   H    sing N N 56  
ASP N   H2   sing N N 57  
ASP CA  C    sing N N 58  
ASP CA  CB   sing N N 59  
ASP CA  HA   sing N N 60  
ASP C   O    doub N N 61  
ASP C   OXT  sing N N 62  
ASP CB  CG   sing N N 63  
ASP CB  HB2  sing N N 64  
ASP CB  HB3  sing N N 65  
ASP CG  OD1  doub N N 66  
ASP CG  OD2  sing N N 67  
ASP OD2 HD2  sing N N 68  
ASP OXT HXT  sing N N 69  
EDO C1  O1   sing N N 70  
EDO C1  C2   sing N N 71  
EDO C1  H11  sing N N 72  
EDO C1  H12  sing N N 73  
EDO O1  HO1  sing N N 74  
EDO C2  O2   sing N N 75  
EDO C2  H21  sing N N 76  
EDO C2  H22  sing N N 77  
EDO O2  HO2  sing N N 78  
GLN N   CA   sing N N 79  
GLN N   H    sing N N 80  
GLN N   H2   sing N N 81  
GLN CA  C    sing N N 82  
GLN CA  CB   sing N N 83  
GLN CA  HA   sing N N 84  
GLN C   O    doub N N 85  
GLN C   OXT  sing N N 86  
GLN CB  CG   sing N N 87  
GLN CB  HB2  sing N N 88  
GLN CB  HB3  sing N N 89  
GLN CG  CD   sing N N 90  
GLN CG  HG2  sing N N 91  
GLN CG  HG3  sing N N 92  
GLN CD  OE1  doub N N 93  
GLN CD  NE2  sing N N 94  
GLN NE2 HE21 sing N N 95  
GLN NE2 HE22 sing N N 96  
GLN OXT HXT  sing N N 97  
GLU N   CA   sing N N 98  
GLU N   H    sing N N 99  
GLU N   H2   sing N N 100 
GLU CA  C    sing N N 101 
GLU CA  CB   sing N N 102 
GLU CA  HA   sing N N 103 
GLU C   O    doub N N 104 
GLU C   OXT  sing N N 105 
GLU CB  CG   sing N N 106 
GLU CB  HB2  sing N N 107 
GLU CB  HB3  sing N N 108 
GLU CG  CD   sing N N 109 
GLU CG  HG2  sing N N 110 
GLU CG  HG3  sing N N 111 
GLU CD  OE1  doub N N 112 
GLU CD  OE2  sing N N 113 
GLU OE2 HE2  sing N N 114 
GLU OXT HXT  sing N N 115 
GLY N   CA   sing N N 116 
GLY N   H    sing N N 117 
GLY N   H2   sing N N 118 
GLY CA  C    sing N N 119 
GLY CA  HA2  sing N N 120 
GLY CA  HA3  sing N N 121 
GLY C   O    doub N N 122 
GLY C   OXT  sing N N 123 
GLY OXT HXT  sing N N 124 
HIS N   CA   sing N N 125 
HIS N   H    sing N N 126 
HIS N   H2   sing N N 127 
HIS CA  C    sing N N 128 
HIS CA  CB   sing N N 129 
HIS CA  HA   sing N N 130 
HIS C   O    doub N N 131 
HIS C   OXT  sing N N 132 
HIS CB  CG   sing N N 133 
HIS CB  HB2  sing N N 134 
HIS CB  HB3  sing N N 135 
HIS CG  ND1  sing Y N 136 
HIS CG  CD2  doub Y N 137 
HIS ND1 CE1  doub Y N 138 
HIS ND1 HD1  sing N N 139 
HIS CD2 NE2  sing Y N 140 
HIS CD2 HD2  sing N N 141 
HIS CE1 NE2  sing Y N 142 
HIS CE1 HE1  sing N N 143 
HIS NE2 HE2  sing N N 144 
HIS OXT HXT  sing N N 145 
HOH O   H1   sing N N 146 
HOH O   H2   sing N N 147 
ILE N   CA   sing N N 148 
ILE N   H    sing N N 149 
ILE N   H2   sing N N 150 
ILE CA  C    sing N N 151 
ILE CA  CB   sing N N 152 
ILE CA  HA   sing N N 153 
ILE C   O    doub N N 154 
ILE C   OXT  sing N N 155 
ILE CB  CG1  sing N N 156 
ILE CB  CG2  sing N N 157 
ILE CB  HB   sing N N 158 
ILE CG1 CD1  sing N N 159 
ILE CG1 HG12 sing N N 160 
ILE CG1 HG13 sing N N 161 
ILE CG2 HG21 sing N N 162 
ILE CG2 HG22 sing N N 163 
ILE CG2 HG23 sing N N 164 
ILE CD1 HD11 sing N N 165 
ILE CD1 HD12 sing N N 166 
ILE CD1 HD13 sing N N 167 
ILE OXT HXT  sing N N 168 
KB3 C1  O1   sing N N 169 
KB3 O1  C2   sing N N 170 
KB3 C2  C3   doub Y N 171 
KB3 C3  C4   sing Y N 172 
KB3 C4  C5   doub Y N 173 
KB3 C5  C6   sing Y N 174 
KB3 C6  C7   doub Y N 175 
KB3 C7  C8   sing N N 176 
KB3 C8  N1   doub Y N 177 
KB3 N1  N2   sing Y N 178 
KB3 N2  C9   doub Y N 179 
KB3 C9  N3   sing N N 180 
KB3 C9  O2   sing Y N 181 
KB3 C2  C7   sing Y N 182 
KB3 C8  O2   sing Y N 183 
KB3 N3  H8   sing N N 184 
KB3 N3  H9   sing N N 185 
KB3 C4  H5   sing N N 186 
KB3 C5  H6   sing N N 187 
KB3 C6  H7   sing N N 188 
KB3 C1  H1   sing N N 189 
KB3 C1  H3   sing N N 190 
KB3 C1  H2   sing N N 191 
KB3 C3  H4   sing N N 192 
LEU N   CA   sing N N 193 
LEU N   H    sing N N 194 
LEU N   H2   sing N N 195 
LEU CA  C    sing N N 196 
LEU CA  CB   sing N N 197 
LEU CA  HA   sing N N 198 
LEU C   O    doub N N 199 
LEU C   OXT  sing N N 200 
LEU CB  CG   sing N N 201 
LEU CB  HB2  sing N N 202 
LEU CB  HB3  sing N N 203 
LEU CG  CD1  sing N N 204 
LEU CG  CD2  sing N N 205 
LEU CG  HG   sing N N 206 
LEU CD1 HD11 sing N N 207 
LEU CD1 HD12 sing N N 208 
LEU CD1 HD13 sing N N 209 
LEU CD2 HD21 sing N N 210 
LEU CD2 HD22 sing N N 211 
LEU CD2 HD23 sing N N 212 
LEU OXT HXT  sing N N 213 
LYS N   CA   sing N N 214 
LYS N   H    sing N N 215 
LYS N   H2   sing N N 216 
LYS CA  C    sing N N 217 
LYS CA  CB   sing N N 218 
LYS CA  HA   sing N N 219 
LYS C   O    doub N N 220 
LYS C   OXT  sing N N 221 
LYS CB  CG   sing N N 222 
LYS CB  HB2  sing N N 223 
LYS CB  HB3  sing N N 224 
LYS CG  CD   sing N N 225 
LYS CG  HG2  sing N N 226 
LYS CG  HG3  sing N N 227 
LYS CD  CE   sing N N 228 
LYS CD  HD2  sing N N 229 
LYS CD  HD3  sing N N 230 
LYS CE  NZ   sing N N 231 
LYS CE  HE2  sing N N 232 
LYS CE  HE3  sing N N 233 
LYS NZ  HZ1  sing N N 234 
LYS NZ  HZ2  sing N N 235 
LYS NZ  HZ3  sing N N 236 
LYS OXT HXT  sing N N 237 
MET N   CA   sing N N 238 
MET N   H    sing N N 239 
MET N   H2   sing N N 240 
MET CA  C    sing N N 241 
MET CA  CB   sing N N 242 
MET CA  HA   sing N N 243 
MET C   O    doub N N 244 
MET C   OXT  sing N N 245 
MET CB  CG   sing N N 246 
MET CB  HB2  sing N N 247 
MET CB  HB3  sing N N 248 
MET CG  SD   sing N N 249 
MET CG  HG2  sing N N 250 
MET CG  HG3  sing N N 251 
MET SD  CE   sing N N 252 
MET CE  HE1  sing N N 253 
MET CE  HE2  sing N N 254 
MET CE  HE3  sing N N 255 
MET OXT HXT  sing N N 256 
PHE N   CA   sing N N 257 
PHE N   H    sing N N 258 
PHE N   H2   sing N N 259 
PHE CA  C    sing N N 260 
PHE CA  CB   sing N N 261 
PHE CA  HA   sing N N 262 
PHE C   O    doub N N 263 
PHE C   OXT  sing N N 264 
PHE CB  CG   sing N N 265 
PHE CB  HB2  sing N N 266 
PHE CB  HB3  sing N N 267 
PHE CG  CD1  doub Y N 268 
PHE CG  CD2  sing Y N 269 
PHE CD1 CE1  sing Y N 270 
PHE CD1 HD1  sing N N 271 
PHE CD2 CE2  doub Y N 272 
PHE CD2 HD2  sing N N 273 
PHE CE1 CZ   doub Y N 274 
PHE CE1 HE1  sing N N 275 
PHE CE2 CZ   sing Y N 276 
PHE CE2 HE2  sing N N 277 
PHE CZ  HZ   sing N N 278 
PHE OXT HXT  sing N N 279 
PRO N   CA   sing N N 280 
PRO N   CD   sing N N 281 
PRO N   H    sing N N 282 
PRO CA  C    sing N N 283 
PRO CA  CB   sing N N 284 
PRO CA  HA   sing N N 285 
PRO C   O    doub N N 286 
PRO C   OXT  sing N N 287 
PRO CB  CG   sing N N 288 
PRO CB  HB2  sing N N 289 
PRO CB  HB3  sing N N 290 
PRO CG  CD   sing N N 291 
PRO CG  HG2  sing N N 292 
PRO CG  HG3  sing N N 293 
PRO CD  HD2  sing N N 294 
PRO CD  HD3  sing N N 295 
PRO OXT HXT  sing N N 296 
SER N   CA   sing N N 297 
SER N   H    sing N N 298 
SER N   H2   sing N N 299 
SER CA  C    sing N N 300 
SER CA  CB   sing N N 301 
SER CA  HA   sing N N 302 
SER C   O    doub N N 303 
SER C   OXT  sing N N 304 
SER CB  OG   sing N N 305 
SER CB  HB2  sing N N 306 
SER CB  HB3  sing N N 307 
SER OG  HG   sing N N 308 
SER OXT HXT  sing N N 309 
THR N   CA   sing N N 310 
THR N   H    sing N N 311 
THR N   H2   sing N N 312 
THR CA  C    sing N N 313 
THR CA  CB   sing N N 314 
THR CA  HA   sing N N 315 
THR C   O    doub N N 316 
THR C   OXT  sing N N 317 
THR CB  OG1  sing N N 318 
THR CB  CG2  sing N N 319 
THR CB  HB   sing N N 320 
THR OG1 HG1  sing N N 321 
THR CG2 HG21 sing N N 322 
THR CG2 HG22 sing N N 323 
THR CG2 HG23 sing N N 324 
THR OXT HXT  sing N N 325 
TYR N   CA   sing N N 326 
TYR N   H    sing N N 327 
TYR N   H2   sing N N 328 
TYR CA  C    sing N N 329 
TYR CA  CB   sing N N 330 
TYR CA  HA   sing N N 331 
TYR C   O    doub N N 332 
TYR C   OXT  sing N N 333 
TYR CB  CG   sing N N 334 
TYR CB  HB2  sing N N 335 
TYR CB  HB3  sing N N 336 
TYR CG  CD1  doub Y N 337 
TYR CG  CD2  sing Y N 338 
TYR CD1 CE1  sing Y N 339 
TYR CD1 HD1  sing N N 340 
TYR CD2 CE2  doub Y N 341 
TYR CD2 HD2  sing N N 342 
TYR CE1 CZ   doub Y N 343 
TYR CE1 HE1  sing N N 344 
TYR CE2 CZ   sing Y N 345 
TYR CE2 HE2  sing N N 346 
TYR CZ  OH   sing N N 347 
TYR OH  HH   sing N N 348 
TYR OXT HXT  sing N N 349 
VAL N   CA   sing N N 350 
VAL N   H    sing N N 351 
VAL N   H2   sing N N 352 
VAL CA  C    sing N N 353 
VAL CA  CB   sing N N 354 
VAL CA  HA   sing N N 355 
VAL C   O    doub N N 356 
VAL C   OXT  sing N N 357 
VAL CB  CG1  sing N N 358 
VAL CB  CG2  sing N N 359 
VAL CB  HB   sing N N 360 
VAL CG1 HG11 sing N N 361 
VAL CG1 HG12 sing N N 362 
VAL CG1 HG13 sing N N 363 
VAL CG2 HG21 sing N N 364 
VAL CG2 HG22 sing N N 365 
VAL CG2 HG23 sing N N 366 
VAL OXT HXT  sing N N 367 
# 
_pdbx_audit_support.ordinal                1 
_pdbx_audit_support.funding_organization   'European Union (EU)' 
_pdbx_audit_support.grant_number           875510 
_pdbx_audit_support.country                'European Union' 
# 
_pdbx_deposit_group.group_id            G_1002273 
_pdbx_deposit_group.group_description   
;MAP1LC3B screened against the DSi-poised Fragment Library by X-ray Crystallography at the XChem facility of Diamond Light Source beamline I04-1
;
_pdbx_deposit_group.group_title         'PanDDA analysis group deposition' 
_pdbx_deposit_group.group_type          'changed state' 
# 
_atom_sites.entry_id                    7GAJ 
_atom_sites.fract_transf_matrix[1][1]   0.01469496 
_atom_sites.fract_transf_matrix[1][2]   -0.00259455 
_atom_sites.fract_transf_matrix[1][3]   -0.00678652 
_atom_sites.fract_transf_matrix[2][1]   0.00713510 
_atom_sites.fract_transf_matrix[2][2]   0.00226451 
_atom_sites.fract_transf_matrix[2][3]   0.01458399 
_atom_sites.fract_transf_matrix[3][1]   -0.00236672 
_atom_sites.fract_transf_matrix[3][2]   -0.02767239 
_atom_sites.fract_transf_matrix[3][3]   0.00545470 
_atom_sites.fract_transf_vector[1]      0.185782 
_atom_sites.fract_transf_vector[2]      -0.380159 
_atom_sites.fract_transf_vector[3]      0.022588 
# 
loop_
_atom_type.symbol 
C  
CL 
N  
O  
S  
# 
loop_
_atom_site.group_PDB 
_atom_site.id 
_atom_site.type_symbol 
_atom_site.label_atom_id 
_atom_site.label_alt_id 
_atom_site.label_comp_id 
_atom_site.label_asym_id 
_atom_site.label_entity_id 
_atom_site.label_seq_id 
_atom_site.pdbx_PDB_ins_code 
_atom_site.Cartn_x 
_atom_site.Cartn_y 
_atom_site.Cartn_z 
_atom_site.occupancy 
_atom_site.B_iso_or_equiv 
_atom_site.pdbx_formal_charge 
_atom_site.auth_seq_id 
_atom_site.auth_comp_id 
_atom_site.auth_asym_id 
_atom_site.auth_atom_id 
_atom_site.pdbx_PDB_model_num 
ATOM   1    N  N   . LYS A 1 6   ? -4.920  13.818  9.119   1.00 82.28  ? 5   LYS A N   1 
ATOM   2    C  CA  . LYS A 1 6   ? -3.868  12.842  9.517   1.00 84.29  ? 5   LYS A CA  1 
ATOM   3    C  C   . LYS A 1 6   ? -3.605  11.832  8.384   1.00 78.10  ? 5   LYS A C   1 
ATOM   4    O  O   . LYS A 1 6   ? -2.432  11.737  7.969   1.00 73.59  ? 5   LYS A O   1 
ATOM   5    C  CB  . LYS A 1 6   ? -4.261  12.142  10.820  1.00 86.44  ? 5   LYS A CB  1 
ATOM   6    C  CG  . LYS A 1 6   ? -3.529  12.653  12.047  1.00 90.65  ? 5   LYS A CG  1 
ATOM   7    C  CD  . LYS A 1 6   ? -2.032  12.514  11.926  1.00 93.30  ? 5   LYS A CD  1 
ATOM   8    C  CE  . LYS A 1 6   ? -1.407  12.026  13.210  1.00 96.28  ? 5   LYS A CE  1 
ATOM   9    N  NZ  . LYS A 1 6   ? -1.899  12.816  14.364  1.00 98.81  ? 5   LYS A NZ  1 
ATOM   10   N  N   . THR A 1 7   ? -4.631  11.103  7.914   1.00 68.75  ? 6   THR A N   1 
ATOM   11   C  CA  . THR A 1 7   ? -4.530  10.072  6.834   1.00 61.94  ? 6   THR A CA  1 
ATOM   12   C  C   . THR A 1 7   ? -4.410  10.759  5.478   1.00 58.73  ? 6   THR A C   1 
ATOM   13   O  O   . THR A 1 7   ? -4.799  11.951  5.363   1.00 52.03  ? 6   THR A O   1 
ATOM   14   C  CB  . THR A 1 7   ? -5.719  9.098   6.733   1.00 69.08  ? 6   THR A CB  1 
ATOM   15   O  OG1 . THR A 1 7   ? -6.856  9.761   6.168   1.00 59.06  ? 6   THR A OG1 1 
ATOM   16   C  CG2 . THR A 1 7   ? -6.094  8.452   8.053   1.00 74.17  ? 6   THR A CG2 1 
ATOM   17   N  N   . PHE A 1 8   ? -3.939  10.008  4.482   1.00 56.85  ? 7   PHE A N   1 
ATOM   18   C  CA  . PHE A 1 8   ? -3.702  10.500  3.103   1.00 49.69  ? 7   PHE A CA  1 
ATOM   19   C  C   . PHE A 1 8   ? -4.974  11.110  2.508   1.00 51.03  ? 7   PHE A C   1 
ATOM   20   O  O   . PHE A 1 8   ? -4.912  12.266  1.982   1.00 49.41  ? 7   PHE A O   1 
ATOM   21   C  CB  . PHE A 1 8   ? -3.203  9.381   2.180   1.00 49.66  ? 7   PHE A CB  1 
ATOM   22   C  CG  . PHE A 1 8   ? -2.745  9.880   0.833   1.00 46.93  ? 7   PHE A CG  1 
ATOM   23   C  CD1 . PHE A 1 8   ? -1.626  10.698  0.721   1.00 46.63  ? 7   PHE A CD1 1 
ATOM   24   C  CD2 . PHE A 1 8   ? -3.456  9.576   -0.317  1.00 45.05  ? 7   PHE A CD2 1 
ATOM   25   C  CE1 . PHE A 1 8   ? -1.203  11.147  -0.518  1.00 46.46  ? 7   PHE A CE1 1 
ATOM   26   C  CE2 . PHE A 1 8   ? -3.037  10.042  -1.555  1.00 47.74  ? 7   PHE A CE2 1 
ATOM   27   C  CZ  . PHE A 1 8   ? -1.911  10.829  -1.652  1.00 43.14  ? 7   PHE A CZ  1 
ATOM   28   N  N   . LYS A 1 9   ? -6.087  10.363  2.522   1.00 54.87  ? 8   LYS A N   1 
ATOM   29   C  CA  . LYS A 1 9   ? -7.351  10.835  1.888   1.00 56.78  ? 8   LYS A CA  1 
ATOM   30   C  C   . LYS A 1 9   ? -7.777  12.185  2.495   1.00 58.91  ? 8   LYS A C   1 
ATOM   31   O  O   . LYS A 1 9   ? -8.339  13.030  1.745   1.00 61.08  ? 8   LYS A O   1 
ATOM   32   C  CB  . LYS A 1 9   ? -8.449  9.780   2.013   1.00 53.11  ? 8   LYS A CB  1 
ATOM   33   C  CG  . LYS A 1 9   ? -8.376  8.694   0.959   1.00 51.92  ? 8   LYS A CG  1 
ATOM   34   C  CD  . LYS A 1 9   ? -9.649  7.910   0.810   1.00 53.75  ? 8   LYS A CD  1 
ATOM   35   C  CE  . LYS A 1 9   ? -9.528  6.879   -0.289  1.00 55.38  ? 8   LYS A CE  1 
ATOM   36   N  NZ  . LYS A 1 9   ? -10.609 5.873   -0.253  1.00 56.10  ? 8   LYS A NZ  1 
ATOM   37   N  N   . GLN A 1 10  ? -7.501  12.361  3.796   1.00 57.73  ? 9   GLN A N   1 
ATOM   38   C  CA  . GLN A 1 10  ? -7.807  13.562  4.620   1.00 61.07  ? 9   GLN A CA  1 
ATOM   39   C  C   . GLN A 1 10  ? -6.916  14.759  4.259   1.00 56.82  ? 9   GLN A C   1 
ATOM   40   O  O   . GLN A 1 10  ? -7.407  15.870  4.296   1.00 59.46  ? 9   GLN A O   1 
ATOM   41   C  CB  . GLN A 1 10  ? -7.669  13.222  6.106   1.00 57.24  ? 9   GLN A CB  1 
ATOM   42   C  CG  . GLN A 1 10  ? -8.776  12.297  6.591   1.00 58.62  ? 9   GLN A CG  1 
ATOM   43   C  CD  . GLN A 1 10  ? -8.594  11.830  8.013   1.00 62.01  ? 9   GLN A CD  1 
ATOM   44   O  OE1 . GLN A 1 10  ? -7.503  11.863  8.588   1.00 66.33  ? 9   GLN A OE1 1 
ATOM   45   N  NE2 . GLN A 1 10  ? -9.687  11.392  8.608   1.00 67.02  ? 9   GLN A NE2 1 
ATOM   46   N  N   A ARG A 1 11  ? -5.643  14.507  3.928   0.34 53.95  ? 10  ARG A N   1 
ATOM   47   N  N   B ARG A 1 11  ? -5.647  14.510  3.921   0.17 55.37  ? 10  ARG A N   1 
ATOM   48   C  CA  A ARG A 1 11  ? -4.613  15.538  3.626   0.34 53.87  ? 10  ARG A CA  1 
ATOM   49   C  CA  B ARG A 1 11  ? -4.631  15.558  3.633   0.17 54.77  ? 10  ARG A CA  1 
ATOM   50   C  C   A ARG A 1 11  ? -4.818  16.096  2.213   0.34 53.93  ? 10  ARG A C   1 
ATOM   51   C  C   B ARG A 1 11  ? -4.804  16.093  2.206   0.17 54.34  ? 10  ARG A C   1 
ATOM   52   O  O   A ARG A 1 11  ? -4.434  17.261  1.993   0.34 51.99  ? 10  ARG A O   1 
ATOM   53   O  O   B ARG A 1 11  ? -4.411  17.255  1.976   0.17 53.29  ? 10  ARG A O   1 
ATOM   54   C  CB  A ARG A 1 11  ? -3.195  14.959  3.695   0.34 56.69  ? 10  ARG A CB  1 
ATOM   55   C  CB  B ARG A 1 11  ? -3.217  14.995  3.806   0.17 56.27  ? 10  ARG A CB  1 
ATOM   56   C  CG  A ARG A 1 11  ? -2.690  14.634  5.094   0.34 60.07  ? 10  ARG A CG  1 
ATOM   57   C  CG  B ARG A 1 11  ? -2.798  14.783  5.254   0.17 58.09  ? 10  ARG A CG  1 
ATOM   58   C  CD  A ARG A 1 11  ? -1.210  14.275  5.108   0.34 62.27  ? 10  ARG A CD  1 
ATOM   59   C  CD  B ARG A 1 11  ? -1.435  14.125  5.351   0.17 58.97  ? 10  ARG A CD  1 
ATOM   60   N  NE  A ARG A 1 11  ? -0.944  12.838  5.124   0.34 63.14  ? 10  ARG A NE  1 
ATOM   61   N  NE  B ARG A 1 11  ? -1.514  12.702  5.648   0.17 59.81  ? 10  ARG A NE  1 
ATOM   62   C  CZ  A ARG A 1 11  ? -0.250  12.186  4.199   0.34 62.65  ? 10  ARG A CZ  1 
ATOM   63   C  CZ  B ARG A 1 11  ? -0.571  11.818  5.355   0.17 58.00  ? 10  ARG A CZ  1 
ATOM   64   N  NH1 A ARG A 1 11  ? 0.265   12.839  3.170   0.34 64.66  ? 10  ARG A NH1 1 
ATOM   65   N  NH1 B ARG A 1 11  ? 0.527   12.206  4.731   0.17 60.04  ? 10  ARG A NH1 1 
ATOM   66   N  NH2 A ARG A 1 11  ? -0.065  10.883  4.312   0.34 62.32  ? 10  ARG A NH2 1 
ATOM   67   N  NH2 B ARG A 1 11  ? -0.734  10.547  5.674   0.17 58.65  ? 10  ARG A NH2 1 
ATOM   68   N  N   . ARG A 1 12  ? -5.339  15.278  1.285   1.00 53.04  ? 11  ARG A N   1 
ATOM   69   C  CA  . ARG A 1 12  ? -5.437  15.646  -0.168  1.00 53.25  ? 11  ARG A CA  1 
ATOM   70   C  C   . ARG A 1 12  ? -6.890  15.550  -0.658  1.00 45.43  ? 11  ARG A C   1 
ATOM   71   O  O   . ARG A 1 12  ? -7.578  14.565  -0.327  1.00 44.87  ? 11  ARG A O   1 
ATOM   72   C  CB  . ARG A 1 12  ? -4.544  14.745  -1.038  1.00 55.32  ? 11  ARG A CB  1 
ATOM   73   C  CG  . ARG A 1 12  ? -3.095  14.580  -0.578  1.00 55.12  ? 11  ARG A CG  1 
ATOM   74   C  CD  . ARG A 1 12  ? -2.208  15.755  -0.904  1.00 57.79  ? 11  ARG A CD  1 
ATOM   75   N  NE  . ARG A 1 12  ? -2.088  15.954  -2.338  1.00 72.02  ? 11  ARG A NE  1 
ATOM   76   C  CZ  . ARG A 1 12  ? -1.630  17.062  -2.918  1.00 79.78  ? 11  ARG A CZ  1 
ATOM   77   N  NH1 . ARG A 1 12  ? -1.229  18.091  -2.187  1.00 89.36  ? 11  ARG A NH1 1 
ATOM   78   N  NH2 . ARG A 1 12  ? -1.566  17.134  -4.238  1.00 85.94  ? 11  ARG A NH2 1 
ATOM   79   N  N   . THR A 1 13  ? -7.317  16.525  -1.461  1.00 42.45  ? 12  THR A N   1 
ATOM   80   C  CA  . THR A 1 13  ? -8.675  16.572  -2.063  1.00 44.00  ? 12  THR A CA  1 
ATOM   81   C  C   . THR A 1 13  ? -8.775  15.438  -3.097  1.00 47.88  ? 12  THR A C   1 
ATOM   82   O  O   . THR A 1 13  ? -7.758  15.066  -3.651  1.00 43.89  ? 12  THR A O   1 
ATOM   83   C  CB  . THR A 1 13  ? -8.983  17.928  -2.713  1.00 43.71  ? 12  THR A CB  1 
ATOM   84   O  OG1 . THR A 1 13  ? -8.195  18.075  -3.890  1.00 48.68  ? 12  THR A OG1 1 
ATOM   85   C  CG2 . THR A 1 13  ? -8.695  19.133  -1.840  1.00 48.72  ? 12  THR A CG2 1 
ATOM   86   N  N   . PHE A 1 14  ? -9.963  14.928  -3.370  1.00 43.17  ? 13  PHE A N   1 
ATOM   87   C  CA  . PHE A 1 14  ? -10.180 13.917  -4.421  1.00 47.37  ? 13  PHE A CA  1 
ATOM   88   C  C   . PHE A 1 14  ? -9.531  14.420  -5.720  1.00 47.73  ? 13  PHE A C   1 
ATOM   89   O  O   . PHE A 1 14  ? -8.888  13.627  -6.419  1.00 46.03  ? 13  PHE A O   1 
ATOM   90   C  CB  . PHE A 1 14  ? -11.671 13.606  -4.575  1.00 43.71  ? 13  PHE A CB  1 
ATOM   91   C  CG  . PHE A 1 14  ? -11.931 12.547  -5.612  1.00 40.96  ? 13  PHE A CG  1 
ATOM   92   C  CD1 . PHE A 1 14  ? -11.940 11.214  -5.256  1.00 41.57  ? 13  PHE A CD1 1 
ATOM   93   C  CD2 . PHE A 1 14  ? -12.112 12.891  -6.939  1.00 42.64  ? 13  PHE A CD2 1 
ATOM   94   C  CE1 . PHE A 1 14  ? -12.128 10.228  -6.209  1.00 43.73  ? 13  PHE A CE1 1 
ATOM   95   C  CE2 . PHE A 1 14  ? -12.318 11.908  -7.896  1.00 43.06  ? 13  PHE A CE2 1 
ATOM   96   C  CZ  . PHE A 1 14  ? -12.323 10.578  -7.529  1.00 43.27  ? 13  PHE A CZ  1 
ATOM   97   N  N   . GLU A 1 15  ? -9.704  15.694  -6.052  1.00 43.29  ? 14  GLU A N   1 
ATOM   98   C  CA  . GLU A 1 15  ? -9.146  16.310  -7.279  1.00 44.28  ? 14  GLU A CA  1 
ATOM   99   C  C   . GLU A 1 15  ? -7.611  16.177  -7.281  1.00 46.69  ? 14  GLU A C   1 
ATOM   100  O  O   . GLU A 1 15  ? -7.016  15.971  -8.361  1.00 43.67  ? 14  GLU A O   1 
ATOM   101  C  CB  . GLU A 1 15  ? -9.554  17.785  -7.327  1.00 51.54  ? 14  GLU A CB  1 
ATOM   102  C  CG  . GLU A 1 15  ? -9.070  18.529  -8.564  1.00 61.25  ? 14  GLU A CG  1 
ATOM   103  C  CD  . GLU A 1 15  ? -9.652  19.926  -8.758  1.00 68.69  ? 14  GLU A CD  1 
ATOM   104  O  OE1 . GLU A 1 15  ? -10.535 20.325  -7.972  1.00 73.50  ? 14  GLU A OE1 1 
ATOM   105  O  OE2 . GLU A 1 15  ? -9.228  20.609  -9.715  1.00 77.18  ? 14  GLU A OE2 1 
ATOM   106  N  N   . GLN A 1 16  ? -6.979  16.343  -6.122  1.00 42.12  ? 15  GLN A N   1 
ATOM   107  C  CA  . GLN A 1 16  ? -5.503  16.346  -5.977  1.00 43.01  ? 15  GLN A CA  1 
ATOM   108  C  C   . GLN A 1 16  ? -4.936  14.926  -6.110  1.00 44.48  ? 15  GLN A C   1 
ATOM   109  O  O   . GLN A 1 16  ? -3.848  14.747  -6.721  1.00 45.33  ? 15  GLN A O   1 
ATOM   110  C  CB  . GLN A 1 16  ? -5.112  16.940  -4.621  1.00 45.34  ? 15  GLN A CB  1 
ATOM   111  C  CG  . GLN A 1 16  ? -5.004  18.462  -4.651  1.00 48.32  ? 15  GLN A CG  1 
ATOM   112  C  CD  . GLN A 1 16  ? -4.813  19.059  -3.280  1.00 45.25  ? 15  GLN A CD  1 
ATOM   113  O  OE1 . GLN A 1 16  ? -5.079  18.430  -2.257  1.00 42.65  ? 15  GLN A OE1 1 
ATOM   114  N  NE2 . GLN A 1 16  ? -4.333  20.290  -3.259  1.00 54.26  ? 15  GLN A NE2 1 
ATOM   115  N  N   A ARG A 1 17  ? -5.635  13.941  -5.537  0.15 44.06  ? 16  ARG A N   1 
ATOM   116  N  N   B ARG A 1 17  ? -5.630  13.943  -5.534  0.35 43.17  ? 16  ARG A N   1 
ATOM   117  C  CA  A ARG A 1 17  ? -5.249  12.505  -5.584  0.15 44.95  ? 16  ARG A CA  1 
ATOM   118  C  CA  B ARG A 1 17  ? -5.229  12.512  -5.594  0.35 45.10  ? 16  ARG A CA  1 
ATOM   119  C  C   A ARG A 1 17  ? -5.382  12.002  -7.027  0.15 43.63  ? 16  ARG A C   1 
ATOM   120  C  C   B ARG A 1 17  ? -5.356  12.040  -7.048  0.35 43.88  ? 16  ARG A C   1 
ATOM   121  O  O   A ARG A 1 17  ? -4.498  11.238  -7.465  0.15 45.11  ? 16  ARG A O   1 
ATOM   122  O  O   B ARG A 1 17  ? -4.422  11.373  -7.534  0.35 46.64  ? 16  ARG A O   1 
ATOM   123  C  CB  A ARG A 1 17  ? -6.096  11.690  -4.600  0.15 45.76  ? 16  ARG A CB  1 
ATOM   124  C  CB  B ARG A 1 17  ? -6.046  11.698  -4.586  0.35 44.91  ? 16  ARG A CB  1 
ATOM   125  C  CG  A ARG A 1 17  ? -6.012  12.187  -3.164  0.15 47.06  ? 16  ARG A CG  1 
ATOM   126  C  CG  B ARG A 1 17  ? -5.700  12.023  -3.139  0.35 46.07  ? 16  ARG A CG  1 
ATOM   127  C  CD  A ARG A 1 17  ? -6.560  11.217  -2.131  0.15 49.30  ? 16  ARG A CD  1 
ATOM   128  C  CD  B ARG A 1 17  ? -6.475  11.261  -2.077  0.35 49.63  ? 16  ARG A CD  1 
ATOM   129  N  NE  A ARG A 1 17  ? -7.910  10.746  -2.418  0.15 51.68  ? 16  ARG A NE  1 
ATOM   130  N  NE  B ARG A 1 17  ? -7.618  12.001  -1.552  0.35 53.22  ? 16  ARG A NE  1 
ATOM   131  C  CZ  A ARG A 1 17  ? -8.997  11.079  -1.729  0.15 52.26  ? 16  ARG A CZ  1 
ATOM   132  C  CZ  B ARG A 1 17  ? -8.892  11.718  -1.820  0.35 54.38  ? 16  ARG A CZ  1 
ATOM   133  N  NH1 A ARG A 1 17  ? -8.911  11.900  -0.696  0.15 52.01  ? 16  ARG A NH1 1 
ATOM   134  N  NH1 B ARG A 1 17  ? -9.193  10.697  -2.603  0.35 54.52  ? 16  ARG A NH1 1 
ATOM   135  N  NH2 A ARG A 1 17  ? -10.172 10.584  -2.076  0.15 54.01  ? 16  ARG A NH2 1 
ATOM   136  N  NH2 B ARG A 1 17  ? -9.859  12.460  -1.308  0.35 54.17  ? 16  ARG A NH2 1 
ATOM   137  N  N   . VAL A 1 18  ? -6.432  12.428  -7.739  1.00 41.57  ? 17  VAL A N   1 
ATOM   138  C  CA  . VAL A 1 18  ? -6.659  12.043  -9.161  1.00 38.80  ? 17  VAL A CA  1 
ATOM   139  C  C   . VAL A 1 18  ? -5.527  12.570  -10.045 1.00 46.98  ? 17  VAL A C   1 
ATOM   140  O  O   . VAL A 1 18  ? -4.968  11.762  -10.886 1.00 41.42  ? 17  VAL A O   1 
ATOM   141  C  CB  . VAL A 1 18  ? -8.020  12.528  -9.652  1.00 38.37  ? 17  VAL A CB  1 
ATOM   142  C  CG1 . VAL A 1 18  ? -8.055  12.673  -11.165 1.00 45.19  ? 17  VAL A CG1 1 
ATOM   143  C  CG2 . VAL A 1 18  ? -9.119  11.612  -9.143  1.00 43.16  ? 17  VAL A CG2 1 
ATOM   144  N  N   . GLU A 1 19  ? -5.215  13.864  -9.892  1.00 46.25  ? 18  GLU A N   1 
ATOM   145  C  CA  . GLU A 1 19  ? -4.186  14.562  -10.693 1.00 49.15  ? 18  GLU A CA  1 
ATOM   146  C  C   . GLU A 1 19  ? -2.817  13.933  -10.437 1.00 43.12  ? 18  GLU A C   1 
ATOM   147  O  O   . GLU A 1 19  ? -2.035  13.824  -11.393 1.00 45.67  ? 18  GLU A O   1 
ATOM   148  C  CB  . GLU A 1 19  ? -4.139  16.063  -10.388 1.00 55.18  ? 18  GLU A CB  1 
ATOM   149  C  CG  . GLU A 1 19  ? -5.100  16.839  -11.254 1.00 67.76  ? 18  GLU A CG  1 
ATOM   150  C  CD  . GLU A 1 19  ? -5.001  16.532  -12.740 1.00 77.30  ? 18  GLU A CD  1 
ATOM   151  O  OE1 . GLU A 1 19  ? -3.908  16.787  -13.312 1.00 86.80  ? 18  GLU A OE1 1 
ATOM   152  O  OE2 . GLU A 1 19  ? -6.009  16.027  -13.317 1.00 74.18  ? 18  GLU A OE2 1 
ATOM   153  N  N   . ASP A 1 20  ? -2.511  13.586  -9.195  1.00 45.92  ? 19  ASP A N   1 
ATOM   154  C  CA  . ASP A 1 20  ? -1.215  12.948  -8.862  1.00 47.97  ? 19  ASP A CA  1 
ATOM   155  C  C   . ASP A 1 20  ? -1.104  11.556  -9.502  1.00 47.13  ? 19  ASP A C   1 
ATOM   156  O  O   . ASP A 1 20  ? -0.026  11.223  -9.979  1.00 44.88  ? 19  ASP A O   1 
ATOM   157  C  CB  . ASP A 1 20  ? -0.970  12.883  -7.367  1.00 52.00  ? 19  ASP A CB  1 
ATOM   158  C  CG  . ASP A 1 20  ? 0.495   12.575  -7.103  1.00 67.46  ? 19  ASP A CG  1 
ATOM   159  O  OD1 . ASP A 1 20  ? 0.775   12.077  -6.004  1.00 74.43  ? 19  ASP A OD1 1 
ATOM   160  O  OD2 . ASP A 1 20  ? 1.358   12.834  -8.021  1.00 67.77  ? 19  ASP A OD2 1 
ATOM   161  N  N   . VAL A 1 21  ? -2.186  10.784  -9.546  1.00 40.57  ? 20  VAL A N   1 
ATOM   162  C  CA  . VAL A 1 21  ? -2.206  9.454   -10.208 1.00 41.54  ? 20  VAL A CA  1 
ATOM   163  C  C   . VAL A 1 21  ? -1.946  9.636   -11.712 1.00 44.48  ? 20  VAL A C   1 
ATOM   164  O  O   . VAL A 1 21  ? -1.267  8.747   -12.304 1.00 41.43  ? 20  VAL A O   1 
ATOM   165  C  CB  . VAL A 1 21  ? -3.522  8.707   -9.927  1.00 40.10  ? 20  VAL A CB  1 
ATOM   166  C  CG1 . VAL A 1 21  ? -3.742  7.556   -10.915 1.00 41.47  ? 20  VAL A CG1 1 
ATOM   167  C  CG2 . VAL A 1 21  ? -3.566  8.230   -8.485  1.00 36.52  ? 20  VAL A CG2 1 
ATOM   168  N  N   . ARG A 1 22  ? -2.432  10.734  -12.297 1.00 44.86  ? 21  ARG A N   1 
ATOM   169  C  CA  . ARG A 1 22  ? -2.338  10.977  -13.751 1.00 44.02  ? 21  ARG A CA  1 
ATOM   170  C  C   . ARG A 1 22  ? -0.896  11.360  -14.091 1.00 44.82  ? 21  ARG A C   1 
ATOM   171  O  O   . ARG A 1 22  ? -0.477  11.042  -15.230 1.00 40.83  ? 21  ARG A O   1 
ATOM   172  C  CB  . ARG A 1 22  ? -3.358  12.030  -14.197 1.00 43.97  ? 21  ARG A CB  1 
ATOM   173  C  CG  . ARG A 1 22  ? -4.798  11.542  -14.196 1.00 47.79  ? 21  ARG A CG  1 
ATOM   174  C  CD  . ARG A 1 22  ? -5.710  12.729  -14.469 1.00 49.46  ? 21  ARG A CD  1 
ATOM   175  N  NE  . ARG A 1 22  ? -7.117  12.372  -14.561 1.00 58.14  ? 21  ARG A NE  1 
ATOM   176  C  CZ  . ARG A 1 22  ? -8.097  13.228  -14.870 1.00 56.88  ? 21  ARG A CZ  1 
ATOM   177  N  NH1 . ARG A 1 22  ? -7.838  14.505  -15.092 1.00 57.75  ? 21  ARG A NH1 1 
ATOM   178  N  NH2 . ARG A 1 22  ? -9.339  12.802  -14.943 1.00 57.32  ? 21  ARG A NH2 1 
ATOM   179  N  N   . LEU A 1 23  ? -0.210  12.073  -13.189 1.00 43.93  ? 22  LEU A N   1 
ATOM   180  C  CA  . LEU A 1 23  ? 1.224   12.453  -13.331 1.00 46.72  ? 22  LEU A CA  1 
ATOM   181  C  C   . LEU A 1 23  ? 2.125   11.203  -13.262 1.00 46.27  ? 22  LEU A C   1 
ATOM   182  O  O   . LEU A 1 23  ? 3.114   11.142  -14.030 1.00 45.76  ? 22  LEU A O   1 
ATOM   183  C  CB  . LEU A 1 23  ? 1.599   13.446  -12.220 1.00 49.73  ? 22  LEU A CB  1 
ATOM   184  C  CG  . LEU A 1 23  ? 3.042   13.961  -12.237 1.00 52.51  ? 22  LEU A CG  1 
ATOM   185  C  CD1 . LEU A 1 23  ? 3.306   14.788  -13.490 1.00 51.22  ? 22  LEU A CD1 1 
ATOM   186  C  CD2 . LEU A 1 23  ? 3.364   14.763  -10.984 1.00 53.44  ? 22  LEU A CD2 1 
ATOM   187  N  N   . ILE A 1 24  ? 1.854   10.279  -12.335 1.00 42.40  ? 23  ILE A N   1 
ATOM   188  C  CA  . ILE A 1 24  ? 2.596   8.982   -12.186 1.00 41.19  ? 23  ILE A CA  1 
ATOM   189  C  C   . ILE A 1 24  ? 2.391   8.153   -13.467 1.00 38.49  ? 23  ILE A C   1 
ATOM   190  O  O   . ILE A 1 24  ? 3.336   7.584   -13.957 1.00 41.60  ? 23  ILE A O   1 
ATOM   191  C  CB  . ILE A 1 24  ? 2.151   8.262   -10.907 1.00 44.02  ? 23  ILE A CB  1 
ATOM   192  C  CG1 . ILE A 1 24  ? 2.418   9.153   -9.690  1.00 44.24  ? 23  ILE A CG1 1 
ATOM   193  C  CG2 . ILE A 1 24  ? 2.808   6.893   -10.770 1.00 46.59  ? 23  ILE A CG2 1 
ATOM   194  C  CD1 . ILE A 1 24  ? 1.867   8.626   -8.391  1.00 43.28  ? 23  ILE A CD1 1 
ATOM   195  N  N   . ARG A 1 25  ? 1.183   8.097   -14.007 1.00 34.37  ? 24  ARG A N   1 
ATOM   196  C  CA  . ARG A 1 25  ? 0.926   7.509   -15.343 1.00 39.86  ? 24  ARG A CA  1 
ATOM   197  C  C   . ARG A 1 25  ? 1.883   8.102   -16.377 1.00 43.12  ? 24  ARG A C   1 
ATOM   198  O  O   . ARG A 1 25  ? 2.427   7.329   -17.148 1.00 44.39  ? 24  ARG A O   1 
ATOM   199  C  CB  . ARG A 1 25  ? -0.503  7.747   -15.824 1.00 41.93  ? 24  ARG A CB  1 
ATOM   200  C  CG  . ARG A 1 25  ? -1.471  6.649   -15.419 1.00 44.74  ? 24  ARG A CG  1 
ATOM   201  C  CD  . ARG A 1 25  ? -2.853  6.974   -15.968 1.00 48.80  ? 24  ARG A CD  1 
ATOM   202  N  NE  . ARG A 1 25  ? -3.813  6.586   -14.961 1.00 62.18  ? 24  ARG A NE  1 
ATOM   203  C  CZ  . ARG A 1 25  ? -5.010  7.112   -14.803 1.00 58.85  ? 24  ARG A CZ  1 
ATOM   204  N  NH1 . ARG A 1 25  ? -5.451  8.058   -15.616 1.00 62.73  ? 24  ARG A NH1 1 
ATOM   205  N  NH2 . ARG A 1 25  ? -5.764  6.680   -13.812 1.00 70.68  ? 24  ARG A NH2 1 
ATOM   206  N  N   . GLU A 1 26  ? 2.037   9.423   -16.399 1.00 45.48  ? 25  GLU A N   1 
ATOM   207  C  CA  . GLU A 1 26  ? 2.798   10.152  -17.442 1.00 45.91  ? 25  GLU A CA  1 
ATOM   208  C  C   . GLU A 1 26  ? 4.302   9.919   -17.225 1.00 42.21  ? 25  GLU A C   1 
ATOM   209  O  O   . GLU A 1 26  ? 4.998   9.645   -18.206 1.00 43.86  ? 25  GLU A O   1 
ATOM   210  C  CB  . GLU A 1 26  ? 2.402   11.635  -17.433 1.00 54.34  ? 25  GLU A CB  1 
ATOM   211  C  CG  . GLU A 1 26  ? 2.778   12.374  -18.707 1.00 60.63  ? 25  GLU A CG  1 
ATOM   212  C  CD  . GLU A 1 26  ? 1.915   12.090  -19.932 1.00 69.54  ? 25  GLU A CD  1 
ATOM   213  O  OE1 . GLU A 1 26  ? 0.855   11.462  -19.794 1.00 71.32  ? 25  GLU A OE1 1 
ATOM   214  O  OE2 . GLU A 1 26  ? 2.298   12.522  -21.026 1.00 80.43  ? 25  GLU A OE2 1 
ATOM   215  N  N   . GLN A 1 27  ? 4.780   9.956   -15.988 1.00 39.54  ? 26  GLN A N   1 
ATOM   216  C  CA  . GLN A 1 27  ? 6.218   10.007  -15.647 1.00 37.54  ? 26  GLN A CA  1 
ATOM   217  C  C   . GLN A 1 27  ? 6.752   8.667   -15.162 1.00 42.22  ? 26  GLN A C   1 
ATOM   218  O  O   . GLN A 1 27  ? 7.957   8.524   -15.084 1.00 36.20  ? 26  GLN A O   1 
ATOM   219  C  CB  . GLN A 1 27  ? 6.435   11.000  -14.510 1.00 44.12  ? 26  GLN A CB  1 
ATOM   220  C  CG  . GLN A 1 27  ? 6.145   12.427  -14.934 1.00 53.46  ? 26  GLN A CG  1 
ATOM   221  C  CD  . GLN A 1 27  ? 6.516   13.429  -13.869 1.00 64.24  ? 26  GLN A CD  1 
ATOM   222  O  OE1 . GLN A 1 27  ? 6.696   13.087  -12.696 1.00 68.62  ? 26  GLN A OE1 1 
ATOM   223  N  NE2 . GLN A 1 27  ? 6.626   14.686  -14.282 1.00 70.03  ? 26  GLN A NE2 1 
ATOM   224  N  N   . HIS A 1 28  ? 5.906   7.766   -14.686 1.00 40.60  ? 27  HIS A N   1 
ATOM   225  C  CA  . HIS A 1 28  ? 6.357   6.452   -14.194 1.00 40.13  ? 27  HIS A CA  1 
ATOM   226  C  C   . HIS A 1 28  ? 5.361   5.453   -14.709 1.00 33.71  ? 27  HIS A C   1 
ATOM   227  O  O   . HIS A 1 28  ? 4.648   4.877   -13.940 1.00 37.21  ? 27  HIS A O   1 
ATOM   228  C  CB  . HIS A 1 28  ? 6.477   6.469   -12.674 1.00 46.41  ? 27  HIS A CB  1 
ATOM   229  C  CG  . HIS A 1 28  ? 7.368   7.560   -12.174 1.00 57.54  ? 27  HIS A CG  1 
ATOM   230  N  ND1 . HIS A 1 28  ? 8.739   7.410   -12.070 1.00 52.46  ? 27  HIS A ND1 1 
ATOM   231  C  CD2 . HIS A 1 28  ? 7.086   8.815   -11.752 1.00 54.88  ? 27  HIS A CD2 1 
ATOM   232  C  CE1 . HIS A 1 28  ? 9.257   8.521   -11.598 1.00 55.98  ? 27  HIS A CE1 1 
ATOM   233  N  NE2 . HIS A 1 28  ? 8.265   9.403   -11.406 1.00 55.91  ? 27  HIS A NE2 1 
ATOM   234  N  N   . PRO A 1 29  ? 5.220   5.336   -16.037 1.00 37.47  ? 28  PRO A N   1 
ATOM   235  C  CA  . PRO A 1 29  ? 4.149   4.548   -16.630 1.00 37.40  ? 28  PRO A CA  1 
ATOM   236  C  C   . PRO A 1 29  ? 4.184   3.052   -16.256 1.00 35.61  ? 28  PRO A C   1 
ATOM   237  O  O   . PRO A 1 29  ? 3.103   2.470   -16.276 1.00 38.10  ? 28  PRO A O   1 
ATOM   238  C  CB  . PRO A 1 29  ? 4.306   4.778   -18.153 1.00 38.18  ? 28  PRO A CB  1 
ATOM   239  C  CG  . PRO A 1 29  ? 5.781   5.166   -18.290 1.00 42.71  ? 28  PRO A CG  1 
ATOM   240  C  CD  . PRO A 1 29  ? 6.047   6.004   -17.054 1.00 40.30  ? 28  PRO A CD  1 
ATOM   241  N  N   . THR A 1 30  ? 5.329   2.479   -15.870 1.00 32.50  ? 29  THR A N   1 
ATOM   242  C  CA  . THR A 1 30  ? 5.407   1.031   -15.477 1.00 33.04  ? 29  THR A CA  1 
ATOM   243  C  C   . THR A 1 30  ? 5.163   0.827   -13.974 1.00 32.32  ? 29  THR A C   1 
ATOM   244  O  O   . THR A 1 30  ? 5.275   -0.345  -13.505 1.00 37.55  ? 29  THR A O   1 
ATOM   245  C  CB  . THR A 1 30  ? 6.742   0.389   -15.897 1.00 31.23  ? 29  THR A CB  1 
ATOM   246  O  OG1 . THR A 1 30  ? 7.740   0.929   -15.043 1.00 32.94  ? 29  THR A OG1 1 
ATOM   247  C  CG2 . THR A 1 30  ? 7.079   0.587   -17.359 1.00 33.30  ? 29  THR A CG2 1 
ATOM   248  N  N   . LYS A 1 31  ? 4.886   1.891   -13.210 1.00 37.20  ? 30  LYS A N   1 
ATOM   249  C  CA  . LYS A 1 31  ? 4.770   1.800   -11.730 1.00 32.68  ? 30  LYS A CA  1 
ATOM   250  C  C   . LYS A 1 31  ? 3.295   1.797   -11.291 1.00 32.58  ? 30  LYS A C   1 
ATOM   251  O  O   . LYS A 1 31  ? 2.450   2.510   -11.885 1.00 30.99  ? 30  LYS A O   1 
ATOM   252  C  CB  . LYS A 1 31  ? 5.526   2.942   -11.046 1.00 33.83  ? 30  LYS A CB  1 
ATOM   253  C  CG  . LYS A 1 31  ? 7.023   2.982   -11.307 1.00 36.26  ? 30  LYS A CG  1 
ATOM   254  C  CD  . LYS A 1 31  ? 7.719   1.657   -11.100 1.00 41.21  ? 30  LYS A CD  1 
ATOM   255  C  CE  . LYS A 1 31  ? 9.154   1.645   -11.601 1.00 46.37  ? 30  LYS A CE  1 
ATOM   256  N  NZ  . LYS A 1 31  ? 9.832   2.920   -11.299 1.00 50.20  ? 30  LYS A NZ  1 
ATOM   257  N  N   . ILE A 1 32  ? 3.001   1.041   -10.224 1.00 36.55  ? 31  ILE A N   1 
ATOM   258  C  CA  . ILE A 1 32  ? 1.674   1.075   -9.544  1.00 35.53  ? 31  ILE A CA  1 
ATOM   259  C  C   . ILE A 1 32  ? 1.768   2.096   -8.408  1.00 36.41  ? 31  ILE A C   1 
ATOM   260  O  O   . ILE A 1 32  ? 2.690   2.061   -7.592  1.00 37.70  ? 31  ILE A O   1 
ATOM   261  C  CB  . ILE A 1 32  ? 1.221   -0.332  -9.082  1.00 37.06  ? 31  ILE A CB  1 
ATOM   262  C  CG1 . ILE A 1 32  ? 1.138   -1.351  -10.234 1.00 33.54  ? 31  ILE A CG1 1 
ATOM   263  C  CG2 . ILE A 1 32  ? -0.082  -0.217  -8.297  1.00 36.45  ? 31  ILE A CG2 1 
ATOM   264  C  CD1 . ILE A 1 32  ? 0.254   -0.953  -11.430 1.00 33.94  ? 31  ILE A CD1 1 
ATOM   265  N  N   . PRO A 1 33  ? 0.844   3.078   -8.360  1.00 34.59  ? 32  PRO A N   1 
ATOM   266  C  CA  . PRO A 1 33  ? 0.791   4.055   -7.270  1.00 36.51  ? 32  PRO A CA  1 
ATOM   267  C  C   . PRO A 1 33  ? 0.122   3.487   -6.013  1.00 39.02  ? 32  PRO A C   1 
ATOM   268  O  O   . PRO A 1 33  ? -1.081  3.182   -6.037  1.00 39.27  ? 32  PRO A O   1 
ATOM   269  C  CB  . PRO A 1 33  ? -0.008  5.193   -7.911  1.00 34.54  ? 32  PRO A CB  1 
ATOM   270  C  CG  . PRO A 1 33  ? -0.958  4.519   -8.855  1.00 35.72  ? 32  PRO A CG  1 
ATOM   271  C  CD  . PRO A 1 33  ? -0.183  3.332   -9.384  1.00 36.84  ? 32  PRO A CD  1 
ATOM   272  N  N   . VAL A 1 34  ? 0.900   3.311   -4.949  1.00 35.51  ? 33  VAL A N   1 
ATOM   273  C  CA  . VAL A 1 34  ? 0.410   2.602   -3.732  1.00 36.58  ? 33  VAL A CA  1 
ATOM   274  C  C   . VAL A 1 34  ? 0.502   3.565   -2.532  1.00 39.05  ? 33  VAL A C   1 
ATOM   275  O  O   . VAL A 1 34  ? 1.551   4.221   -2.341  1.00 39.91  ? 33  VAL A O   1 
ATOM   276  C  CB  . VAL A 1 34  ? 1.175   1.294   -3.513  1.00 35.35  ? 33  VAL A CB  1 
ATOM   277  C  CG1 . VAL A 1 34  ? 0.610   0.542   -2.329  1.00 41.42  ? 33  VAL A CG1 1 
ATOM   278  C  CG2 . VAL A 1 34  ? 1.179   0.414   -4.750  1.00 32.10  ? 33  VAL A CG2 1 
ATOM   279  N  N   . ILE A 1 35  ? -0.589  3.687   -1.790  1.00 42.12  ? 34  ILE A N   1 
ATOM   280  C  CA  . ILE A 1 35  ? -0.612  4.360   -0.467  1.00 41.39  ? 34  ILE A CA  1 
ATOM   281  C  C   . ILE A 1 35  ? -0.518  3.278   0.588   1.00 37.02  ? 34  ILE A C   1 
ATOM   282  O  O   . ILE A 1 35  ? -1.327  2.351   0.545   1.00 40.33  ? 34  ILE A O   1 
ATOM   283  C  CB  . ILE A 1 35  ? -1.880  5.188   -0.299  1.00 45.21  ? 34  ILE A CB  1 
ATOM   284  C  CG1 . ILE A 1 35  ? -2.031  6.213   -1.432  1.00 41.56  ? 34  ILE A CG1 1 
ATOM   285  C  CG2 . ILE A 1 35  ? -1.893  5.825   1.084   1.00 47.49  ? 34  ILE A CG2 1 
ATOM   286  C  CD1 . ILE A 1 35  ? -0.898  7.195   -1.568  1.00 46.47  ? 34  ILE A CD1 1 
ATOM   287  N  N   . ILE A 1 36  ? 0.490   3.368   1.449   1.00 40.76  ? 35  ILE A N   1 
ATOM   288  C  CA  . ILE A 1 36  ? 0.701   2.388   2.555   1.00 41.65  ? 35  ILE A CA  1 
ATOM   289  C  C   . ILE A 1 36  ? 0.706   3.169   3.870   1.00 44.34  ? 35  ILE A C   1 
ATOM   290  O  O   . ILE A 1 36  ? 1.430   4.165   3.964   1.00 46.86  ? 35  ILE A O   1 
ATOM   291  C  CB  . ILE A 1 36  ? 1.975   1.555   2.350   1.00 42.03  ? 35  ILE A CB  1 
ATOM   292  C  CG1 . ILE A 1 36  ? 2.087   1.070   0.896   1.00 43.56  ? 35  ILE A CG1 1 
ATOM   293  C  CG2 . ILE A 1 36  ? 1.994   0.412   3.363   1.00 41.17  ? 35  ILE A CG2 1 
ATOM   294  C  CD1 . ILE A 1 36  ? 3.369   0.302   0.592   1.00 47.01  ? 35  ILE A CD1 1 
ATOM   295  N  N   . GLU A 1 37  ? -0.143  2.737   4.800   1.00 53.18  ? 36  GLU A N   1 
ATOM   296  C  CA  . GLU A 1 37  ? -0.489  3.457   6.048   1.00 55.46  ? 36  GLU A CA  1 
ATOM   297  C  C   . GLU A 1 37  ? -0.514  2.445   7.187   1.00 51.82  ? 36  GLU A C   1 
ATOM   298  O  O   . GLU A 1 37  ? -0.945  1.314   6.983   1.00 47.42  ? 36  GLU A O   1 
ATOM   299  C  CB  . GLU A 1 37  ? -1.818  4.207   5.879   1.00 51.68  ? 36  GLU A CB  1 
ATOM   300  C  CG  . GLU A 1 37  ? -1.644  5.484   5.066   1.00 54.92  ? 36  GLU A CG  1 
ATOM   301  C  CD  . GLU A 1 37  ? -2.873  6.355   4.856   1.00 56.52  ? 36  GLU A CD  1 
ATOM   302  O  OE1 . GLU A 1 37  ? -3.941  5.816   4.453   1.00 51.37  ? 36  GLU A OE1 1 
ATOM   303  O  OE2 . GLU A 1 37  ? -2.749  7.585   5.057   1.00 55.65  ? 36  GLU A OE2 1 
ATOM   304  N  N   . ARG A 1 38  ? 0.008   2.841   8.338   1.00 55.16  ? 37  ARG A N   1 
ATOM   305  C  CA  . ARG A 1 38  ? -0.102  2.029   9.559   1.00 53.67  ? 37  ARG A CA  1 
ATOM   306  C  C   . ARG A 1 38  ? -1.536  2.134   10.075  1.00 54.17  ? 37  ARG A C   1 
ATOM   307  O  O   . ARG A 1 38  ? -2.118  3.247   10.024  1.00 52.38  ? 37  ARG A O   1 
ATOM   308  C  CB  . ARG A 1 38  ? 0.868   2.504   10.639  1.00 54.58  ? 37  ARG A CB  1 
ATOM   309  C  CG  . ARG A 1 38  ? 0.872   1.543   11.814  1.00 61.12  ? 37  ARG A CG  1 
ATOM   310  C  CD  . ARG A 1 38  ? 1.936   1.833   12.842  1.00 68.64  ? 37  ARG A CD  1 
ATOM   311  N  NE  . ARG A 1 38  ? 1.681   3.063   13.562  1.00 71.76  ? 37  ARG A NE  1 
ATOM   312  C  CZ  . ARG A 1 38  ? 2.258   3.381   14.714  1.00 76.23  ? 37  ARG A CZ  1 
ATOM   313  N  NH1 . ARG A 1 38  ? 3.110   2.553   15.298  1.00 68.64  ? 37  ARG A NH1 1 
ATOM   314  N  NH2 . ARG A 1 38  ? 1.970   4.538   15.278  1.00 82.37  ? 37  ARG A NH2 1 
ATOM   315  N  N   . TYR A 1 39  ? -2.075  1.003   10.534  1.00 54.81  ? 38  TYR A N   1 
ATOM   316  C  CA  . TYR A 1 39  ? -3.386  0.897   11.220  1.00 57.00  ? 38  TYR A CA  1 
ATOM   317  C  C   . TYR A 1 39  ? -3.418  1.908   12.380  1.00 64.52  ? 38  TYR A C   1 
ATOM   318  O  O   . TYR A 1 39  ? -2.399  2.022   13.122  1.00 50.51  ? 38  TYR A O   1 
ATOM   319  C  CB  . TYR A 1 39  ? -3.562  -0.539  11.690  1.00 68.77  ? 38  TYR A CB  1 
ATOM   320  C  CG  . TYR A 1 39  ? -4.763  -0.759  12.562  1.00 77.03  ? 38  TYR A CG  1 
ATOM   321  C  CD1 . TYR A 1 39  ? -6.035  -0.485  12.088  1.00 75.50  ? 38  TYR A CD1 1 
ATOM   322  C  CD2 . TYR A 1 39  ? -4.620  -1.277  13.839  1.00 80.24  ? 38  TYR A CD2 1 
ATOM   323  C  CE1 . TYR A 1 39  ? -7.144  -0.710  12.878  1.00 89.25  ? 38  TYR A CE1 1 
ATOM   324  C  CE2 . TYR A 1 39  ? -5.720  -1.514  14.639  1.00 88.81  ? 38  TYR A CE2 1 
ATOM   325  C  CZ  . TYR A 1 39  ? -6.982  -1.223  14.154  1.00 95.21  ? 38  TYR A CZ  1 
ATOM   326  O  OH  . TYR A 1 39  ? -8.070  -1.446  14.940  1.00 121.68 ? 38  TYR A OH  1 
ATOM   327  N  N   . LYS A 1 40  ? -4.503  2.686   12.512  1.00 69.38  ? 39  LYS A N   1 
ATOM   328  C  CA  . LYS A 1 40  ? -4.525  3.842   13.450  1.00 71.29  ? 39  LYS A CA  1 
ATOM   329  C  C   . LYS A 1 40  ? -4.499  3.282   14.877  1.00 66.90  ? 39  LYS A C   1 
ATOM   330  O  O   . LYS A 1 40  ? -3.921  3.966   15.724  1.00 63.70  ? 39  LYS A O   1 
ATOM   331  C  CB  . LYS A 1 40  ? -5.667  4.820   13.157  1.00 85.56  ? 39  LYS A CB  1 
ATOM   332  C  CG  . LYS A 1 40  ? -7.043  4.427   13.679  1.00 99.79  ? 39  LYS A CG  1 
ATOM   333  C  CD  . LYS A 1 40  ? -8.172  5.216   13.032  1.00 112.36 ? 39  LYS A CD  1 
ATOM   334  C  CE  . LYS A 1 40  ? -7.930  6.714   12.966  1.00 121.39 ? 39  LYS A CE  1 
ATOM   335  N  NZ  . LYS A 1 40  ? -7.887  7.322   14.318  1.00 122.15 ? 39  LYS A NZ  1 
ATOM   336  N  N   . GLY A 1 41  ? -4.968  2.039   15.085  1.00 66.20  ? 40  GLY A N   1 
ATOM   337  C  CA  . GLY A 1 41  ? -4.838  1.299   16.359  1.00 68.68  ? 40  GLY A CA  1 
ATOM   338  C  C   . GLY A 1 41  ? -3.432  0.787   16.695  1.00 75.96  ? 40  GLY A C   1 
ATOM   339  O  O   . GLY A 1 41  ? -3.235  0.382   17.861  1.00 76.22  ? 40  GLY A O   1 
ATOM   340  N  N   . GLU A 1 42  ? -2.465  0.800   15.768  1.00 75.40  ? 41  GLU A N   1 
ATOM   341  C  CA  . GLU A 1 42  ? -1.241  -0.056  15.848  1.00 76.04  ? 41  GLU A CA  1 
ATOM   342  C  C   . GLU A 1 42  ? -0.244  0.425   16.923  1.00 76.04  ? 41  GLU A C   1 
ATOM   343  O  O   . GLU A 1 42  ? 0.159   1.608   16.882  1.00 72.47  ? 41  GLU A O   1 
ATOM   344  C  CB  . GLU A 1 42  ? -0.540  -0.133  14.491  1.00 73.77  ? 41  GLU A CB  1 
ATOM   345  C  CG  . GLU A 1 42  ? 0.733   -0.968  14.504  1.00 64.13  ? 41  GLU A CG  1 
ATOM   346  C  CD  . GLU A 1 42  ? 0.563   -2.427  14.872  1.00 59.93  ? 41  GLU A CD  1 
ATOM   347  O  OE1 . GLU A 1 42  ? -0.488  -3.006  14.550  1.00 65.22  ? 41  GLU A OE1 1 
ATOM   348  O  OE2 . GLU A 1 42  ? 1.499   -2.995  15.464  1.00 59.91  ? 41  GLU A OE2 1 
ATOM   349  N  N   . LYS A 1 43  ? 0.206   -0.513  17.771  1.00 73.41  ? 42  LYS A N   1 
ATOM   350  C  CA  . LYS A 1 43  ? 1.076   -0.290  18.959  1.00 87.11  ? 42  LYS A CA  1 
ATOM   351  C  C   . LYS A 1 43  ? 2.506   -0.756  18.675  1.00 84.24  ? 42  LYS A C   1 
ATOM   352  O  O   . LYS A 1 43  ? 3.437   0.043   18.907  1.00 86.50  ? 42  LYS A O   1 
ATOM   353  C  CB  . LYS A 1 43  ? 0.498   -1.037  20.167  1.00 97.19  ? 42  LYS A CB  1 
ATOM   354  C  CG  . LYS A 1 43  ? -0.862  -0.538  20.639  1.00 110.71 ? 42  LYS A CG  1 
ATOM   355  C  CD  . LYS A 1 43  ? -1.041  0.970   20.475  1.00 117.18 ? 42  LYS A CD  1 
ATOM   356  C  CE  . LYS A 1 43  ? -2.247  1.527   21.198  1.00 116.40 ? 42  LYS A CE  1 
ATOM   357  N  NZ  . LYS A 1 43  ? -2.201  3.005   21.235  1.00 122.45 ? 42  LYS A NZ  1 
ATOM   358  N  N   . GLN A 1 44  ? 2.667   -1.992  18.187  1.00 78.95  ? 43  GLN A N   1 
ATOM   359  C  CA  . GLN A 1 44  ? 3.981   -2.668  17.986  1.00 76.41  ? 43  GLN A CA  1 
ATOM   360  C  C   . GLN A 1 44  ? 4.770   -1.991  16.834  1.00 71.35  ? 43  GLN A C   1 
ATOM   361  O  O   . GLN A 1 44  ? 5.788   -1.354  17.121  1.00 75.70  ? 43  GLN A O   1 
ATOM   362  C  CB  . GLN A 1 44  ? 3.798   -4.181  17.762  1.00 85.53  ? 43  GLN A CB  1 
ATOM   363  C  CG  . GLN A 1 44  ? 2.698   -4.853  18.592  1.00 98.53  ? 43  GLN A CG  1 
ATOM   364  C  CD  . GLN A 1 44  ? 2.760   -4.583  20.078  1.00 109.51 ? 43  GLN A CD  1 
ATOM   365  O  OE1 . GLN A 1 44  ? 3.721   -4.932  20.758  1.00 126.27 ? 43  GLN A OE1 1 
ATOM   366  N  NE2 . GLN A 1 44  ? 1.709   -3.980  20.609  1.00 117.12 ? 43  GLN A NE2 1 
ATOM   367  N  N   . LEU A 1 45  ? 4.331   -2.087  15.573  1.00 59.50  ? 44  LEU A N   1 
ATOM   368  C  CA  . LEU A 1 45  ? 5.172   -1.763  14.385  1.00 55.45  ? 44  LEU A CA  1 
ATOM   369  C  C   . LEU A 1 45  ? 5.376   -0.257  14.301  1.00 51.16  ? 44  LEU A C   1 
ATOM   370  O  O   . LEU A 1 45  ? 4.500   0.504   14.698  1.00 58.78  ? 44  LEU A O   1 
ATOM   371  C  CB  . LEU A 1 45  ? 4.481   -2.263  13.114  1.00 60.44  ? 44  LEU A CB  1 
ATOM   372  C  CG  . LEU A 1 45  ? 4.127   -3.742  13.086  1.00 59.50  ? 44  LEU A CG  1 
ATOM   373  C  CD1 . LEU A 1 45  ? 3.249   -4.049  11.887  1.00 57.63  ? 44  LEU A CD1 1 
ATOM   374  C  CD2 . LEU A 1 45  ? 5.379   -4.602  13.081  1.00 58.74  ? 44  LEU A CD2 1 
ATOM   375  N  N   . PRO A 1 46  ? 6.514   0.217   13.736  1.00 50.94  ? 45  PRO A N   1 
ATOM   376  C  CA  . PRO A 1 46  ? 6.746   1.645   13.519  1.00 50.83  ? 45  PRO A CA  1 
ATOM   377  C  C   . PRO A 1 46  ? 5.951   2.221   12.343  1.00 54.66  ? 45  PRO A C   1 
ATOM   378  O  O   . PRO A 1 46  ? 5.365   1.447   11.630  1.00 53.42  ? 45  PRO A O   1 
ATOM   379  C  CB  . PRO A 1 46  ? 8.233   1.775   13.163  1.00 52.42  ? 45  PRO A CB  1 
ATOM   380  C  CG  . PRO A 1 46  ? 8.717   0.363   12.864  1.00 52.15  ? 45  PRO A CG  1 
ATOM   381  C  CD  . PRO A 1 46  ? 7.642   -0.614  13.305  1.00 51.42  ? 45  PRO A CD  1 
ATOM   382  N  N   . VAL A 1 47  ? 5.976   3.547   12.163  1.00 56.33  ? 46  VAL A N   1 
ATOM   383  C  CA  . VAL A 1 47  ? 5.423   4.203   10.943  1.00 56.45  ? 46  VAL A CA  1 
ATOM   384  C  C   . VAL A 1 47  ? 6.523   4.219   9.883   1.00 56.06  ? 46  VAL A C   1 
ATOM   385  O  O   . VAL A 1 47  ? 7.709   4.268   10.247  1.00 49.95  ? 46  VAL A O   1 
ATOM   386  C  CB  . VAL A 1 47  ? 4.857   5.622   11.173  1.00 58.40  ? 46  VAL A CB  1 
ATOM   387  C  CG1 . VAL A 1 47  ? 3.749   5.609   12.203  1.00 59.32  ? 46  VAL A CG1 1 
ATOM   388  C  CG2 . VAL A 1 47  ? 5.923   6.661   11.504  1.00 61.79  ? 46  VAL A CG2 1 
ATOM   389  N  N   . LEU A 1 48  ? 6.108   4.180   8.620   1.00 54.55  ? 47  LEU A N   1 
ATOM   390  C  CA  . LEU A 1 48  ? 6.995   4.279   7.441   1.00 53.07  ? 47  LEU A CA  1 
ATOM   391  C  C   . LEU A 1 48  ? 7.504   5.713   7.341   1.00 51.30  ? 47  LEU A C   1 
ATOM   392  O  O   . LEU A 1 48  ? 6.911   6.619   7.928   1.00 50.49  ? 47  LEU A O   1 
ATOM   393  C  CB  . LEU A 1 48  ? 6.206   3.875   6.188   1.00 54.82  ? 47  LEU A CB  1 
ATOM   394  C  CG  . LEU A 1 48  ? 5.866   2.389   6.066   1.00 50.28  ? 47  LEU A CG  1 
ATOM   395  C  CD1 . LEU A 1 48  ? 4.813   2.161   4.994   1.00 53.21  ? 47  LEU A CD1 1 
ATOM   396  C  CD2 . LEU A 1 48  ? 7.107   1.580   5.740   1.00 54.56  ? 47  LEU A CD2 1 
ATOM   397  N  N   . ASP A 1 49  ? 8.574   5.887   6.592   1.00 54.06  ? 48  ASP A N   1 
ATOM   398  C  CA  . ASP A 1 49  ? 9.226   7.193   6.376   1.00 50.95  ? 48  ASP A CA  1 
ATOM   399  C  C   . ASP A 1 49  ? 8.436   7.985   5.332   1.00 54.65  ? 48  ASP A C   1 
ATOM   400  O  O   . ASP A 1 49  ? 8.692   9.181   5.194   1.00 49.94  ? 48  ASP A O   1 
ATOM   401  C  CB  . ASP A 1 49  ? 10.677  6.962   5.977   1.00 51.38  ? 48  ASP A CB  1 
ATOM   402  C  CG  . ASP A 1 49  ? 10.824  6.147   4.700   1.00 57.47  ? 48  ASP A CG  1 
ATOM   403  O  OD1 . ASP A 1 49  ? 11.162  6.774   3.674   1.00 57.20  ? 48  ASP A OD1 1 
ATOM   404  O  OD2 . ASP A 1 49  ? 10.629  4.893   4.749   1.00 54.41  ? 48  ASP A OD2 1 
ATOM   405  N  N   . LYS A 1 50  ? 7.571   7.333   4.555   1.00 49.68  ? 49  LYS A N   1 
ATOM   406  C  CA  . LYS A 1 50  ? 6.702   8.032   3.578   1.00 48.72  ? 49  LYS A CA  1 
ATOM   407  C  C   . LYS A 1 50  ? 5.398   7.244   3.459   1.00 44.58  ? 49  LYS A C   1 
ATOM   408  O  O   . LYS A 1 50  ? 5.264   6.188   4.120   1.00 45.17  ? 49  LYS A O   1 
ATOM   409  C  CB  . LYS A 1 50  ? 7.428   8.232   2.245   1.00 47.67  ? 49  LYS A CB  1 
ATOM   410  C  CG  . LYS A 1 50  ? 7.660   6.985   1.403   1.00 47.52  ? 49  LYS A CG  1 
ATOM   411  C  CD  . LYS A 1 50  ? 8.437   7.269   0.132   1.00 52.20  ? 49  LYS A CD  1 
ATOM   412  C  CE  . LYS A 1 50  ? 8.638   6.018   -0.702  1.00 54.30  ? 49  LYS A CE  1 
ATOM   413  N  NZ  . LYS A 1 50  ? 9.005   6.347   -2.094  1.00 54.98  ? 49  LYS A NZ  1 
ATOM   414  N  N   A THR A 1 51  ? 4.451   7.729   2.651   0.06 44.46  ? 50  THR A N   1 
ATOM   415  N  N   B THR A 1 51  ? 4.481   7.769   2.639   0.45 44.64  ? 50  THR A N   1 
ATOM   416  C  CA  A THR A 1 51  ? 3.116   7.094   2.462   0.06 43.98  ? 50  THR A CA  1 
ATOM   417  C  CA  B THR A 1 51  ? 3.089   7.276   2.439   0.45 46.32  ? 50  THR A CA  1 
ATOM   418  C  C   A THR A 1 51  ? 2.915   6.669   1.000   0.06 43.03  ? 50  THR A C   1 
ATOM   419  C  C   B THR A 1 51  ? 2.923   6.707   1.023   0.45 42.02  ? 50  THR A C   1 
ATOM   420  O  O   A THR A 1 51  ? 2.282   5.615   0.795   0.06 42.98  ? 50  THR A O   1 
ATOM   421  O  O   B THR A 1 51  ? 2.322   5.628   0.870   0.45 41.58  ? 50  THR A O   1 
ATOM   422  C  CB  A THR A 1 51  ? 1.996   8.007   2.978   0.06 43.82  ? 50  THR A CB  1 
ATOM   423  C  CB  B THR A 1 51  ? 2.085   8.411   2.676   0.45 46.83  ? 50  THR A CB  1 
ATOM   424  O  OG1 A THR A 1 51  ? 0.757   7.310   2.846   0.06 43.52  ? 50  THR A OG1 1 
ATOM   425  O  OG1 B THR A 1 51  ? 2.196   8.838   4.035   0.45 51.92  ? 50  THR A OG1 1 
ATOM   426  C  CG2 A THR A 1 51  ? 1.925   9.332   2.253   0.06 43.86  ? 50  THR A CG2 1 
ATOM   427  C  CG2 B THR A 1 51  ? 0.657   8.003   2.390   0.45 47.34  ? 50  THR A CG2 1 
ATOM   428  N  N   . LYS A 1 52  ? 3.429   7.435   0.028   1.00 42.88  ? 51  LYS A N   1 
ATOM   429  C  CA  . LYS A 1 52  ? 3.245   7.128   -1.412  1.00 41.67  ? 51  LYS A CA  1 
ATOM   430  C  C   . LYS A 1 52  ? 4.458   6.381   -2.007  1.00 44.62  ? 51  LYS A C   1 
ATOM   431  O  O   . LYS A 1 52  ? 5.600   6.914   -1.962  1.00 44.58  ? 51  LYS A O   1 
ATOM   432  C  CB  . LYS A 1 52  ? 2.932   8.461   -2.070  1.00 43.12  ? 51  LYS A CB  1 
ATOM   433  C  CG  . LYS A 1 52  ? 2.484   8.370   -3.508  1.00 52.29  ? 51  LYS A CG  1 
ATOM   434  C  CD  . LYS A 1 52  ? 2.290   9.740   -4.074  1.00 56.16  ? 51  LYS A CD  1 
ATOM   435  C  CE  . LYS A 1 52  ? 3.594   10.437  -4.379  1.00 57.94  ? 51  LYS A CE  1 
ATOM   436  N  NZ  . LYS A 1 52  ? 3.331   11.690  -5.119  1.00 59.24  ? 51  LYS A NZ  1 
ATOM   437  N  N   . PHE A 1 53  ? 4.198   5.192   -2.566  1.00 39.83  ? 52  PHE A N   1 
ATOM   438  C  CA  . PHE A 1 53  ? 5.187   4.225   -3.115  1.00 35.84  ? 52  PHE A CA  1 
ATOM   439  C  C   . PHE A 1 53  ? 4.896   4.000   -4.601  1.00 37.85  ? 52  PHE A C   1 
ATOM   440  O  O   . PHE A 1 53  ? 3.705   3.817   -5.004  1.00 39.82  ? 52  PHE A O   1 
ATOM   441  C  CB  . PHE A 1 53  ? 5.126   2.925   -2.316  1.00 40.10  ? 52  PHE A CB  1 
ATOM   442  C  CG  . PHE A 1 53  ? 5.619   3.127   -0.913  1.00 45.20  ? 52  PHE A CG  1 
ATOM   443  C  CD1 . PHE A 1 53  ? 4.752   3.529   0.090   1.00 46.31  ? 52  PHE A CD1 1 
ATOM   444  C  CD2 . PHE A 1 53  ? 6.965   2.965   -0.609  1.00 52.34  ? 52  PHE A CD2 1 
ATOM   445  C  CE1 . PHE A 1 53  ? 5.211   3.750   1.383   1.00 48.03  ? 52  PHE A CE1 1 
ATOM   446  C  CE2 . PHE A 1 53  ? 7.424   3.183   0.685   1.00 55.98  ? 52  PHE A CE2 1 
ATOM   447  C  CZ  . PHE A 1 53  ? 6.545   3.593   1.675   1.00 47.28  ? 52  PHE A CZ  1 
ATOM   448  N  N   . LEU A 1 54  ? 5.942   4.017   -5.420  1.00 37.89  ? 53  LEU A N   1 
ATOM   449  C  CA  . LEU A 1 54  ? 5.852   3.570   -6.826  1.00 36.94  ? 53  LEU A CA  1 
ATOM   450  C  C   . LEU A 1 54  ? 6.379   2.138   -6.927  1.00 36.32  ? 53  LEU A C   1 
ATOM   451  O  O   . LEU A 1 54  ? 7.599   1.951   -6.973  1.00 38.13  ? 53  LEU A O   1 
ATOM   452  C  CB  . LEU A 1 54  ? 6.624   4.560   -7.698  1.00 40.52  ? 53  LEU A CB  1 
ATOM   453  C  CG  . LEU A 1 54  ? 6.142   6.006   -7.621  1.00 42.67  ? 53  LEU A CG  1 
ATOM   454  C  CD1 . LEU A 1 54  ? 6.772   6.811   -8.736  1.00 50.70  ? 53  LEU A CD1 1 
ATOM   455  C  CD2 . LEU A 1 54  ? 4.623   6.130   -7.672  1.00 43.41  ? 53  LEU A CD2 1 
ATOM   456  N  N   . VAL A 1 55  ? 5.484   1.153   -7.032  1.00 30.84  ? 54  VAL A N   1 
ATOM   457  C  CA  . VAL A 1 55  ? 5.860   -0.294  -7.091  1.00 35.68  ? 54  VAL A CA  1 
ATOM   458  C  C   . VAL A 1 55  ? 5.929   -0.782  -8.545  1.00 33.00  ? 54  VAL A C   1 
ATOM   459  O  O   . VAL A 1 55  ? 4.987   -0.621  -9.298  1.00 37.86  ? 54  VAL A O   1 
ATOM   460  C  CB  . VAL A 1 55  ? 4.884   -1.122  -6.224  1.00 32.02  ? 54  VAL A CB  1 
ATOM   461  C  CG1 . VAL A 1 55  ? 5.267   -2.588  -6.113  1.00 35.93  ? 54  VAL A CG1 1 
ATOM   462  C  CG2 . VAL A 1 55  ? 4.743   -0.488  -4.841  1.00 34.32  ? 54  VAL A CG2 1 
ATOM   463  N  N   . PRO A 1 56  ? 7.040   -1.435  -8.973  1.00 39.70  ? 55  PRO A N   1 
ATOM   464  C  CA  . PRO A 1 56  ? 7.113   -2.121  -10.268 1.00 38.97  ? 55  PRO A CA  1 
ATOM   465  C  C   . PRO A 1 56  ? 5.913   -3.046  -10.472 1.00 37.67  ? 55  PRO A C   1 
ATOM   466  O  O   . PRO A 1 56  ? 5.656   -3.860  -9.592  1.00 34.10  ? 55  PRO A O   1 
ATOM   467  C  CB  . PRO A 1 56  ? 8.417   -2.947  -10.207 1.00 35.13  ? 55  PRO A CB  1 
ATOM   468  C  CG  . PRO A 1 56  ? 9.258   -2.160  -9.216  1.00 41.85  ? 55  PRO A CG  1 
ATOM   469  C  CD  . PRO A 1 56  ? 8.288   -1.587  -8.205  1.00 39.37  ? 55  PRO A CD  1 
ATOM   470  N  N   . ASP A 1 57  ? 5.222   -2.909  -11.611 1.00 38.39  ? 56  ASP A N   1 
ATOM   471  C  CA  . ASP A 1 57  ? 3.901   -3.555  -11.855 1.00 35.93  ? 56  ASP A CA  1 
ATOM   472  C  C   . ASP A 1 57  ? 4.030   -5.091  -11.993 1.00 35.04  ? 56  ASP A C   1 
ATOM   473  O  O   . ASP A 1 57  ? 2.971   -5.773  -11.987 1.00 36.65  ? 56  ASP A O   1 
ATOM   474  C  CB  . ASP A 1 57  ? 3.153   -2.864  -12.991 1.00 37.14  ? 56  ASP A CB  1 
ATOM   475  C  CG  . ASP A 1 57  ? 3.543   -3.285  -14.404 1.00 38.75  ? 56  ASP A CG  1 
ATOM   476  O  OD1 . ASP A 1 57  ? 4.665   -3.785  -14.577 1.00 35.13  ? 56  ASP A OD1 1 
ATOM   477  O  OD2 . ASP A 1 57  ? 2.694   -3.123  -15.302 1.00 35.26  ? 56  ASP A OD2 1 
ATOM   478  N  N   . HIS A 1 58  ? 5.242   -5.637  -11.987 1.00 37.87  ? 57  HIS A N   1 
ATOM   479  C  CA  . HIS A 1 58  ? 5.486   -7.090  -12.169 1.00 42.80  ? 57  HIS A CA  1 
ATOM   480  C  C   . HIS A 1 58  ? 5.695   -7.800  -10.834 1.00 41.82  ? 57  HIS A C   1 
ATOM   481  O  O   . HIS A 1 58  ? 5.635   -9.050  -10.857 1.00 40.68  ? 57  HIS A O   1 
ATOM   482  C  CB  . HIS A 1 58  ? 6.701   -7.390  -13.075 1.00 42.09  ? 57  HIS A CB  1 
ATOM   483  C  CG  . HIS A 1 58  ? 7.977   -6.880  -12.514 1.00 42.65  ? 57  HIS A CG  1 
ATOM   484  N  ND1 . HIS A 1 58  ? 8.715   -7.609  -11.617 1.00 51.78  ? 57  HIS A ND1 1 
ATOM   485  C  CD2 . HIS A 1 58  ? 8.616   -5.708  -12.686 1.00 48.39  ? 57  HIS A CD2 1 
ATOM   486  C  CE1 . HIS A 1 58  ? 9.777   -6.927  -11.268 1.00 53.19  ? 57  HIS A CE1 1 
ATOM   487  N  NE2 . HIS A 1 58  ? 9.735   -5.750  -11.912 1.00 56.42  ? 57  HIS A NE2 1 
ATOM   488  N  N   . VAL A 1 59  ? 5.942   -7.100  -9.725  1.00 37.66  ? 58  VAL A N   1 
ATOM   489  C  CA  . VAL A 1 59  ? 6.143   -7.803  -8.419  1.00 41.44  ? 58  VAL A CA  1 
ATOM   490  C  C   . VAL A 1 59  ? 4.788   -8.365  -7.927  1.00 41.31  ? 58  VAL A C   1 
ATOM   491  O  O   . VAL A 1 59  ? 3.740   -7.741  -8.130  1.00 39.05  ? 58  VAL A O   1 
ATOM   492  C  CB  . VAL A 1 59  ? 6.870   -6.935  -7.360  1.00 46.01  ? 58  VAL A CB  1 
ATOM   493  C  CG1 . VAL A 1 59  ? 8.117   -6.274  -7.934  1.00 44.41  ? 58  VAL A CG1 1 
ATOM   494  C  CG2 . VAL A 1 59  ? 5.957   -5.911  -6.728  1.00 47.80  ? 58  VAL A CG2 1 
ATOM   495  N  N   . ASN A 1 60  ? 4.785   -9.543  -7.308  1.00 39.53  ? 59  ASN A N   1 
ATOM   496  C  CA  . ASN A 1 60  ? 3.542   -10.106 -6.730  1.00 41.74  ? 59  ASN A CA  1 
ATOM   497  C  C   . ASN A 1 60  ? 3.438   -9.682  -5.258  1.00 42.56  ? 59  ASN A C   1 
ATOM   498  O  O   . ASN A 1 60  ? 4.387   -9.073  -4.730  1.00 35.20  ? 59  ASN A O   1 
ATOM   499  C  CB  . ASN A 1 60  ? 3.482   -11.612 -6.966  1.00 43.28  ? 59  ASN A CB  1 
ATOM   500  C  CG  . ASN A 1 60  ? 4.495   -12.361 -6.147  1.00 46.89  ? 59  ASN A CG  1 
ATOM   501  O  OD1 . ASN A 1 60  ? 4.990   -11.864 -5.144  1.00 55.84  ? 59  ASN A OD1 1 
ATOM   502  N  ND2 . ASN A 1 60  ? 4.769   -13.582 -6.542  1.00 51.68  ? 59  ASN A ND2 1 
ATOM   503  N  N   . MET A 1 61  ? 2.287   -9.928  -4.627  1.00 39.75  ? 60  MET A N   1 
ATOM   504  C  CA  . MET A 1 61  ? 1.983   -9.379  -3.293  1.00 42.23  ? 60  MET A CA  1 
ATOM   505  C  C   . MET A 1 61  ? 2.955   -9.936  -2.235  1.00 41.83  ? 60  MET A C   1 
ATOM   506  O  O   . MET A 1 61  ? 3.236   -9.233  -1.250  1.00 39.96  ? 60  MET A O   1 
ATOM   507  C  CB  . MET A 1 61  ? 0.532   -9.676  -2.898  1.00 48.90  ? 60  MET A CB  1 
ATOM   508  C  CG  . MET A 1 61  ? -0.492  -8.903  -3.698  1.00 49.87  ? 60  MET A CG  1 
ATOM   509  S  SD  . MET A 1 61  ? -0.227  -7.110  -3.719  1.00 52.70  ? 60  MET A SD  1 
ATOM   510  C  CE  . MET A 1 61  ? -0.368  -6.681  -1.991  1.00 49.66  ? 60  MET A CE  1 
ATOM   511  N  N   A SER A 1 62  ? 3.433   -11.170 -2.423  0.47 40.40  ? 61  SER A N   1 
ATOM   512  N  N   B SER A 1 62  ? 3.428   -11.173 -2.426  0.04 41.15  ? 61  SER A N   1 
ATOM   513  C  CA  A SER A 1 62  ? 4.396   -11.833 -1.509  0.47 44.11  ? 61  SER A CA  1 
ATOM   514  C  CA  B SER A 1 62  ? 4.400   -11.854 -1.531  0.04 41.27  ? 61  SER A CA  1 
ATOM   515  C  C   A SER A 1 62  ? 5.697   -11.017 -1.474  0.47 41.78  ? 61  SER A C   1 
ATOM   516  C  C   B SER A 1 62  ? 5.705   -11.049 -1.482  0.04 40.99  ? 61  SER A C   1 
ATOM   517  O  O   A SER A 1 62  ? 6.213   -10.772 -0.381  0.47 41.99  ? 61  SER A O   1 
ATOM   518  O  O   B SER A 1 62  ? 6.241   -10.866 -0.374  0.04 41.23  ? 61  SER A O   1 
ATOM   519  C  CB  A SER A 1 62  ? 4.636   -13.254 -1.928  0.47 45.90  ? 61  SER A CB  1 
ATOM   520  C  CB  B SER A 1 62  ? 4.641   -13.279 -1.965  0.04 41.26  ? 61  SER A CB  1 
ATOM   521  O  OG  A SER A 1 62  ? 5.727   -13.807 -1.214  0.47 50.83  ? 61  SER A OG  1 
ATOM   522  O  OG  B SER A 1 62  ? 5.554   -13.337 -3.049  0.04 41.27  ? 61  SER A OG  1 
ATOM   523  N  N   . GLU A 1 63  ? 6.178   -10.574 -2.639  1.00 40.49  ? 62  GLU A N   1 
ATOM   524  C  CA  . GLU A 1 63  ? 7.402   -9.735  -2.731  1.00 40.67  ? 62  GLU A CA  1 
ATOM   525  C  C   . GLU A 1 63  ? 7.108   -8.342  -2.166  1.00 38.72  ? 62  GLU A C   1 
ATOM   526  O  O   . GLU A 1 63  ? 7.991   -7.799  -1.530  1.00 32.43  ? 62  GLU A O   1 
ATOM   527  C  CB  . GLU A 1 63  ? 7.918   -9.685  -4.170  1.00 41.26  ? 62  GLU A CB  1 
ATOM   528  C  CG  . GLU A 1 63  ? 9.121   -8.792  -4.366  1.00 40.87  ? 62  GLU A CG  1 
ATOM   529  C  CD  . GLU A 1 63  ? 10.328  -9.068  -3.474  1.00 44.82  ? 62  GLU A CD  1 
ATOM   530  O  OE1 . GLU A 1 63  ? 10.504  -10.222 -2.984  1.00 45.91  ? 62  GLU A OE1 1 
ATOM   531  O  OE2 . GLU A 1 63  ? 11.086  -8.130  -3.254  1.00 39.26  ? 62  GLU A OE2 1 
ATOM   532  N  N   . LEU A 1 64  ? 5.921   -7.764  -2.372  1.00 42.04  ? 63  LEU A N   1 
ATOM   533  C  CA  . LEU A 1 64  ? 5.608   -6.443  -1.783  1.00 40.43  ? 63  LEU A CA  1 
ATOM   534  C  C   . LEU A 1 64  ? 5.625   -6.545  -0.253  1.00 37.19  ? 63  LEU A C   1 
ATOM   535  O  O   . LEU A 1 64  ? 6.025   -5.562  0.398   1.00 39.14  ? 63  LEU A O   1 
ATOM   536  C  CB  . LEU A 1 64  ? 4.268   -5.883  -2.279  1.00 39.07  ? 63  LEU A CB  1 
ATOM   537  C  CG  . LEU A 1 64  ? 3.901   -4.495  -1.745  1.00 42.70  ? 63  LEU A CG  1 
ATOM   538  C  CD1 . LEU A 1 64  ? 5.010   -3.469  -1.991  1.00 43.23  ? 63  LEU A CD1 1 
ATOM   539  C  CD2 . LEU A 1 64  ? 2.598   -3.998  -2.345  1.00 44.56  ? 63  LEU A CD2 1 
ATOM   540  N  N   . ILE A 1 65  ? 5.148   -7.635  0.332   1.00 41.49  ? 64  ILE A N   1 
ATOM   541  C  CA  . ILE A 1 65  ? 5.203   -7.807  1.819   1.00 39.67  ? 64  ILE A CA  1 
ATOM   542  C  C   . ILE A 1 65  ? 6.678   -7.824  2.241   1.00 40.35  ? 64  ILE A C   1 
ATOM   543  O  O   . ILE A 1 65  ? 6.991   -7.179  3.244   1.00 39.71  ? 64  ILE A O   1 
ATOM   544  C  CB  . ILE A 1 65  ? 4.434   -9.069  2.285   1.00 45.46  ? 64  ILE A CB  1 
ATOM   545  C  CG1 . ILE A 1 65  ? 2.920   -8.909  2.101   1.00 48.18  ? 64  ILE A CG1 1 
ATOM   546  C  CG2 . ILE A 1 65  ? 4.775   -9.422  3.733   1.00 47.92  ? 64  ILE A CG2 1 
ATOM   547  C  CD1 . ILE A 1 65  ? 2.175   -10.218 2.021   1.00 51.92  ? 64  ILE A CD1 1 
ATOM   548  N  N   . LYS A 1 66  ? 7.551   -8.544  1.517   1.00 41.91  ? 65  LYS A N   1 
ATOM   549  C  CA  . LYS A 1 66  ? 9.012   -8.602  1.833   1.00 41.17  ? 65  LYS A CA  1 
ATOM   550  C  C   . LYS A 1 66  ? 9.663   -7.222  1.746   1.00 42.32  ? 65  LYS A C   1 
ATOM   551  O  O   . LYS A 1 66  ? 10.472  -6.893  2.623   1.00 42.59  ? 65  LYS A O   1 
ATOM   552  C  CB  . LYS A 1 66  ? 9.685   -9.579  0.885   1.00 46.55  ? 65  LYS A CB  1 
ATOM   553  C  CG  . LYS A 1 66  ? 9.308   -11.001 1.219   1.00 43.88  ? 65  LYS A CG  1 
ATOM   554  C  CD  . LYS A 1 66  ? 10.062  -12.054 0.486   1.00 54.08  ? 65  LYS A CD  1 
ATOM   555  C  CE  . LYS A 1 66  ? 9.240   -13.329 0.465   1.00 64.18  ? 65  LYS A CE  1 
ATOM   556  N  NZ  . LYS A 1 66  ? 10.026  -14.464 -0.052  1.00 83.56  ? 65  LYS A NZ  1 
ATOM   557  N  N   . ILE A 1 67  ? 9.292   -6.447  0.739   1.00 40.06  ? 66  ILE A N   1 
ATOM   558  C  CA  . ILE A 1 67  ? 9.761   -5.048  0.526   1.00 39.75  ? 66  ILE A CA  1 
ATOM   559  C  C   . ILE A 1 67  ? 9.408   -4.170  1.736   1.00 39.80  ? 66  ILE A C   1 
ATOM   560  O  O   . ILE A 1 67  ? 10.291  -3.456  2.230   1.00 40.72  ? 66  ILE A O   1 
ATOM   561  C  CB  . ILE A 1 67  ? 9.175   -4.485  -0.781  1.00 39.62  ? 66  ILE A CB  1 
ATOM   562  C  CG1 . ILE A 1 67  ? 9.813   -5.112  -2.021  1.00 40.57  ? 66  ILE A CG1 1 
ATOM   563  C  CG2 . ILE A 1 67  ? 9.223   -2.965  -0.813  1.00 38.62  ? 66  ILE A CG2 1 
ATOM   564  C  CD1 . ILE A 1 67  ? 9.072   -4.830  -3.297  1.00 38.01  ? 66  ILE A CD1 1 
ATOM   565  N  N   A ILE A 1 68  ? 8.153   -4.201  2.191   0.17 41.43  ? 67  ILE A N   1 
ATOM   566  N  N   B ILE A 1 68  ? 8.139   -4.194  2.163   0.34 41.14  ? 67  ILE A N   1 
ATOM   567  C  CA  A ILE A 1 68  ? 7.655   -3.301  3.276   0.17 42.09  ? 67  ILE A CA  1 
ATOM   568  C  CA  B ILE A 1 68  ? 7.607   -3.341  3.272   0.34 41.44  ? 67  ILE A CA  1 
ATOM   569  C  C   A ILE A 1 68  ? 8.238   -3.744  4.628   0.17 42.79  ? 67  ILE A C   1 
ATOM   570  C  C   B ILE A 1 68  ? 8.282   -3.745  4.591   0.34 43.25  ? 67  ILE A C   1 
ATOM   571  O  O   A ILE A 1 68  ? 8.521   -2.854  5.449   0.17 42.67  ? 67  ILE A O   1 
ATOM   572  O  O   B ILE A 1 68  ? 8.664   -2.834  5.346   0.34 43.56  ? 67  ILE A O   1 
ATOM   573  C  CB  A ILE A 1 68  ? 6.116   -3.236  3.296   0.17 43.50  ? 67  ILE A CB  1 
ATOM   574  C  CB  B ILE A 1 68  ? 6.073   -3.434  3.395   0.34 42.78  ? 67  ILE A CB  1 
ATOM   575  C  CG1 A ILE A 1 68  ? 5.565   -2.537  2.049   0.17 43.68  ? 67  ILE A CG1 1 
ATOM   576  C  CG1 B ILE A 1 68  ? 5.343   -2.914  2.152   0.34 41.82  ? 67  ILE A CG1 1 
ATOM   577  C  CG2 A ILE A 1 68  ? 5.629   -2.576  4.577   0.17 43.50  ? 67  ILE A CG2 1 
ATOM   578  C  CG2 B ILE A 1 68  ? 5.620   -2.715  4.656   0.34 42.79  ? 67  ILE A CG2 1 
ATOM   579  C  CD1 A ILE A 1 68  ? 6.274   -1.245  1.698   0.17 43.49  ? 67  ILE A CD1 1 
ATOM   580  C  CD1 B ILE A 1 68  ? 3.894   -3.349  2.064   0.34 40.20  ? 67  ILE A CD1 1 
ATOM   581  N  N   . ARG A 1 69  ? 8.409   -5.056  4.849   1.00 41.71  ? 68  ARG A N   1 
ATOM   582  C  CA  . ARG A 1 69  ? 9.097   -5.607  6.063   1.00 43.36  ? 68  ARG A CA  1 
ATOM   583  C  C   . ARG A 1 69  ? 10.567  -5.158  6.073   1.00 42.67  ? 68  ARG A C   1 
ATOM   584  O  O   . ARG A 1 69  ? 11.081  -4.884  7.162   1.00 44.99  ? 68  ARG A O   1 
ATOM   585  C  CB  . ARG A 1 69  ? 9.063   -7.148  6.117   1.00 39.75  ? 68  ARG A CB  1 
ATOM   586  C  CG  . ARG A 1 69  ? 7.714   -7.769  6.471   1.00 42.45  ? 68  ARG A CG  1 
ATOM   587  C  CD  . ARG A 1 69  ? 7.758   -9.302  6.438   1.00 43.90  ? 68  ARG A CD  1 
ATOM   588  N  NE  . ARG A 1 69  ? 8.598   -9.767  7.538   1.00 46.25  ? 68  ARG A NE  1 
ATOM   589  C  CZ  . ARG A 1 69  ? 8.206   -9.913  8.814   1.00 50.34  ? 68  ARG A CZ  1 
ATOM   590  N  NH1 . ARG A 1 69  ? 6.945   -9.696  9.184   1.00 48.05  ? 68  ARG A NH1 1 
ATOM   591  N  NH2 . ARG A 1 69  ? 9.093   -10.304 9.716   1.00 47.61  ? 68  ARG A NH2 1 
ATOM   592  N  N   . ARG A 1 70  ? 11.206  -5.025  4.907   1.00 37.48  ? 69  ARG A N   1 
ATOM   593  C  CA  . ARG A 1 70  ? 12.599  -4.528  4.799   1.00 38.61  ? 69  ARG A CA  1 
ATOM   594  C  C   . ARG A 1 70  ? 12.633  -3.024  5.067   1.00 40.04  ? 69  ARG A C   1 
ATOM   595  O  O   . ARG A 1 70  ? 13.562  -2.578  5.725   1.00 40.35  ? 69  ARG A O   1 
ATOM   596  C  CB  . ARG A 1 70  ? 13.233  -4.840  3.440   1.00 41.79  ? 69  ARG A CB  1 
ATOM   597  C  CG  . ARG A 1 70  ? 13.758  -6.266  3.353   1.00 38.29  ? 69  ARG A CG  1 
ATOM   598  C  CD  . ARG A 1 70  ? 14.653  -6.626  2.186   1.00 38.41  ? 69  ARG A CD  1 
ATOM   599  N  NE  . ARG A 1 70  ? 14.095  -6.569  0.830   1.00 36.62  ? 69  ARG A NE  1 
ATOM   600  C  CZ  . ARG A 1 70  ? 13.531  -7.570  0.140   1.00 40.08  ? 69  ARG A CZ  1 
ATOM   601  N  NH1 . ARG A 1 70  ? 13.389  -8.773  0.683   1.00 42.98  ? 69  ARG A NH1 1 
ATOM   602  N  NH2 . ARG A 1 70  ? 13.085  -7.364  -1.100  1.00 35.41  ? 69  ARG A NH2 1 
ATOM   603  N  N   . ARG A 1 71  ? 11.632  -2.282  4.588   1.00 40.74  ? 70  ARG A N   1 
ATOM   604  C  CA  . ARG A 1 71  ? 11.544  -0.818  4.761   1.00 40.59  ? 70  ARG A CA  1 
ATOM   605  C  C   . ARG A 1 71  ? 11.289  -0.440  6.239   1.00 49.66  ? 70  ARG A C   1 
ATOM   606  O  O   . ARG A 1 71  ? 11.776  0.650   6.673   1.00 46.07  ? 70  ARG A O   1 
ATOM   607  C  CB  . ARG A 1 71  ? 10.484  -0.268  3.822   1.00 42.60  ? 70  ARG A CB  1 
ATOM   608  C  CG  . ARG A 1 71  ? 10.470  1.248   3.812   1.00 47.11  ? 70  ARG A CG  1 
ATOM   609  C  CD  . ARG A 1 71  ? 10.599  1.791   2.433   1.00 53.00  ? 70  ARG A CD  1 
ATOM   610  N  NE  . ARG A 1 71  ? 10.842  3.230   2.384   1.00 49.26  ? 70  ARG A NE  1 
ATOM   611  C  CZ  . ARG A 1 71  ? 11.248  3.844   1.283   1.00 47.41  ? 70  ARG A CZ  1 
ATOM   612  N  NH1 . ARG A 1 71  ? 11.479  3.128   0.190   1.00 47.39  ? 70  ARG A NH1 1 
ATOM   613  N  NH2 . ARG A 1 71  ? 11.444  5.156   1.282   1.00 44.62  ? 70  ARG A NH2 1 
ATOM   614  N  N   . LEU A 1 72  ? 10.569  -1.304  6.974   1.00 45.21  ? 71  LEU A N   1 
ATOM   615  C  CA  . LEU A 1 72  ? 10.287  -1.186  8.429   1.00 46.72  ? 71  LEU A CA  1 
ATOM   616  C  C   . LEU A 1 72  ? 11.451  -1.751  9.256   1.00 51.63  ? 71  LEU A C   1 
ATOM   617  O  O   . LEU A 1 72  ? 11.429  -1.532  10.480  1.00 50.63  ? 71  LEU A O   1 
ATOM   618  C  CB  . LEU A 1 72  ? 9.014   -1.968  8.757   1.00 45.86  ? 71  LEU A CB  1 
ATOM   619  C  CG  . LEU A 1 72  ? 7.715   -1.366  8.229   1.00 49.50  ? 71  LEU A CG  1 
ATOM   620  C  CD1 . LEU A 1 72  ? 6.532   -2.298  8.487   1.00 49.24  ? 71  LEU A CD1 1 
ATOM   621  C  CD2 . LEU A 1 72  ? 7.477   -0.005  8.830   1.00 47.05  ? 71  LEU A CD2 1 
ATOM   622  N  N   . GLN A 1 73  ? 12.406  -2.434  8.613   1.00 50.19  ? 72  GLN A N   1 
ATOM   623  C  CA  . GLN A 1 73  ? 13.576  -3.091  9.247   1.00 57.44  ? 72  GLN A CA  1 
ATOM   624  C  C   . GLN A 1 73  ? 13.064  -4.055  10.338  1.00 56.42  ? 72  GLN A C   1 
ATOM   625  O  O   . GLN A 1 73  ? 13.660  -4.113  11.411  1.00 59.68  ? 72  GLN A O   1 
ATOM   626  C  CB  . GLN A 1 73  ? 14.586  -2.018  9.698   1.00 62.93  ? 72  GLN A CB  1 
ATOM   627  C  CG  . GLN A 1 73  ? 15.517  -1.501  8.585   1.00 76.88  ? 72  GLN A CG  1 
ATOM   628  C  CD  . GLN A 1 73  ? 16.406  -2.536  7.891   1.00 90.84  ? 72  GLN A CD  1 
ATOM   629  O  OE1 . GLN A 1 73  ? 17.618  -2.619  8.131   1.00 74.81  ? 72  GLN A OE1 1 
ATOM   630  N  NE2 . GLN A 1 73  ? 15.841  -3.321  6.971   1.00 82.80  ? 72  GLN A NE2 1 
ATOM   631  N  N   . LEU A 1 74  ? 11.991  -4.802  10.063  1.00 52.05  ? 73  LEU A N   1 
ATOM   632  C  CA  . LEU A 1 74  ? 11.441  -5.852  10.969  1.00 52.71  ? 73  LEU A CA  1 
ATOM   633  C  C   . LEU A 1 74  ? 12.451  -6.993  11.114  1.00 49.43  ? 73  LEU A C   1 
ATOM   634  O  O   . LEU A 1 74  ? 13.318  -7.131  10.255  1.00 51.97  ? 73  LEU A O   1 
ATOM   635  C  CB  . LEU A 1 74  ? 10.122  -6.409  10.411  1.00 49.98  ? 73  LEU A CB  1 
ATOM   636  C  CG  . LEU A 1 74  ? 8.957   -5.424  10.256  1.00 49.19  ? 73  LEU A CG  1 
ATOM   637  C  CD1 . LEU A 1 74  ? 7.638   -6.180  10.180  1.00 49.71  ? 73  LEU A CD1 1 
ATOM   638  C  CD2 . LEU A 1 74  ? 8.909   -4.401  11.385  1.00 53.71  ? 73  LEU A CD2 1 
ATOM   639  N  N   . ASN A 1 75  ? 12.324  -7.792  12.175  1.00 55.88  ? 74  ASN A N   1 
ATOM   640  C  CA  . ASN A 1 75  ? 13.073  -9.069  12.333  1.00 60.59  ? 74  ASN A CA  1 
ATOM   641  C  C   . ASN A 1 75  ? 12.087  -10.231 12.181  1.00 60.73  ? 74  ASN A C   1 
ATOM   642  O  O   . ASN A 1 75  ? 10.851  -9.975  12.072  1.00 53.76  ? 74  ASN A O   1 
ATOM   643  C  CB  . ASN A 1 75  ? 13.886  -9.122  13.631  1.00 73.40  ? 74  ASN A CB  1 
ATOM   644  C  CG  . ASN A 1 75  ? 13.032  -8.915  14.863  1.00 78.16  ? 74  ASN A CG  1 
ATOM   645  O  OD1 . ASN A 1 75  ? 12.074  -9.659  15.102  1.00 74.53  ? 74  ASN A OD1 1 
ATOM   646  N  ND2 . ASN A 1 75  ? 13.361  -7.894  15.642  1.00 82.02  ? 74  ASN A ND2 1 
ATOM   647  N  N   . ALA A 1 76  ? 12.633  -11.450 12.182  1.00 64.60  ? 75  ALA A N   1 
ATOM   648  C  CA  . ALA A 1 76  ? 12.058  -12.654 11.551  1.00 70.13  ? 75  ALA A CA  1 
ATOM   649  C  C   . ALA A 1 76  ? 10.722  -13.019 12.194  1.00 76.30  ? 75  ALA A C   1 
ATOM   650  O  O   . ALA A 1 76  ? 9.887   -13.568 11.472  1.00 90.39  ? 75  ALA A O   1 
ATOM   651  C  CB  . ALA A 1 76  ? 13.044  -13.791 11.646  1.00 76.14  ? 75  ALA A CB  1 
ATOM   652  N  N   . ASN A 1 77  ? 10.515  -12.734 13.482  1.00 84.74  ? 76  ASN A N   1 
ATOM   653  C  CA  . ASN A 1 77  ? 9.331   -13.267 14.212  1.00 96.53  ? 76  ASN A CA  1 
ATOM   654  C  C   . ASN A 1 77  ? 8.311   -12.163 14.543  1.00 91.28  ? 76  ASN A C   1 
ATOM   655  O  O   . ASN A 1 77  ? 7.212   -12.557 15.006  1.00 108.12 ? 76  ASN A O   1 
ATOM   656  C  CB  . ASN A 1 77  ? 9.740   -14.079 15.443  1.00 106.28 ? 76  ASN A CB  1 
ATOM   657  C  CG  . ASN A 1 77  ? 10.532  -13.271 16.446  1.00 112.45 ? 76  ASN A CG  1 
ATOM   658  O  OD1 . ASN A 1 77  ? 10.810  -12.094 16.215  1.00 112.28 ? 76  ASN A OD1 1 
ATOM   659  N  ND2 . ASN A 1 77  ? 10.894  -13.899 17.556  1.00 116.98 ? 76  ASN A ND2 1 
ATOM   660  N  N   . GLN A 1 78  ? 8.609   -10.868 14.304  1.00 74.39  ? 77  GLN A N   1 
ATOM   661  C  CA  . GLN A 1 78  ? 7.570   -9.791  14.306  1.00 67.08  ? 77  GLN A CA  1 
ATOM   662  C  C   . GLN A 1 78  ? 6.526   -10.154 13.252  1.00 62.89  ? 77  GLN A C   1 
ATOM   663  O  O   . GLN A 1 78  ? 6.915   -10.589 12.149  1.00 60.16  ? 77  GLN A O   1 
ATOM   664  C  CB  . GLN A 1 78  ? 8.102   -8.391  14.010  1.00 64.68  ? 77  GLN A CB  1 
ATOM   665  C  CG  . GLN A 1 78  ? 8.936   -7.818  15.140  1.00 68.14  ? 77  GLN A CG  1 
ATOM   666  C  CD  . GLN A 1 78  ? 9.799   -6.664  14.692  1.00 71.76  ? 77  GLN A CD  1 
ATOM   667  O  OE1 . GLN A 1 78  ? 10.914  -6.836  14.209  1.00 77.70  ? 77  GLN A OE1 1 
ATOM   668  N  NE2 . GLN A 1 78  ? 9.289   -5.457  14.856  1.00 76.90  ? 77  GLN A NE2 1 
ATOM   669  N  N   . ALA A 1 79  ? 5.247   -10.052 13.611  1.00 63.41  ? 78  ALA A N   1 
ATOM   670  C  CA  . ALA A 1 79  ? 4.119   -10.380 12.718  1.00 60.60  ? 78  ALA A CA  1 
ATOM   671  C  C   . ALA A 1 79  ? 3.779   -9.117  11.932  1.00 58.84  ? 78  ALA A C   1 
ATOM   672  O  O   . ALA A 1 79  ? 4.052   -8.003  12.418  1.00 56.21  ? 78  ALA A O   1 
ATOM   673  C  CB  . ALA A 1 79  ? 2.927   -10.914 13.479  1.00 63.68  ? 78  ALA A CB  1 
ATOM   674  N  N   . PHE A 1 80  ? 3.229   -9.319  10.740  1.00 57.19  ? 79  PHE A N   1 
ATOM   675  C  CA  . PHE A 1 80  ? 2.869   -8.243  9.800   1.00 53.06  ? 79  PHE A CA  1 
ATOM   676  C  C   . PHE A 1 80  ? 1.703   -8.759  8.957   1.00 54.77  ? 79  PHE A C   1 
ATOM   677  O  O   . PHE A 1 80  ? 1.763   -9.911  8.449   1.00 52.90  ? 79  PHE A O   1 
ATOM   678  C  CB  . PHE A 1 80  ? 4.128   -7.832  9.041   1.00 51.56  ? 79  PHE A CB  1 
ATOM   679  C  CG  . PHE A 1 80  ? 3.908   -6.817  7.963   1.00 46.59  ? 79  PHE A CG  1 
ATOM   680  C  CD1 . PHE A 1 80  ? 4.002   -5.465  8.236   1.00 50.13  ? 79  PHE A CD1 1 
ATOM   681  C  CD2 . PHE A 1 80  ? 3.627   -7.230  6.671   1.00 46.81  ? 79  PHE A CD2 1 
ATOM   682  C  CE1 . PHE A 1 80  ? 3.838   -4.536  7.226   1.00 45.59  ? 79  PHE A CE1 1 
ATOM   683  C  CE2 . PHE A 1 80  ? 3.452   -6.297  5.665   1.00 45.56  ? 79  PHE A CE2 1 
ATOM   684  C  CZ  . PHE A 1 80  ? 3.556   -4.959  5.946   1.00 44.71  ? 79  PHE A CZ  1 
ATOM   685  N  N   . PHE A 1 81  ? 0.637   -7.958  8.923   1.00 54.72  ? 80  PHE A N   1 
ATOM   686  C  CA  . PHE A 1 81  ? -0.622  -8.228  8.184   1.00 55.49  ? 80  PHE A CA  1 
ATOM   687  C  C   . PHE A 1 81  ? -0.877  -6.997  7.327   1.00 47.72  ? 80  PHE A C   1 
ATOM   688  O  O   . PHE A 1 81  ? -0.695  -5.875  7.838   1.00 45.92  ? 80  PHE A O   1 
ATOM   689  C  CB  . PHE A 1 81  ? -1.746  -8.578  9.164   1.00 55.87  ? 80  PHE A CB  1 
ATOM   690  C  CG  . PHE A 1 81  ? -1.430  -9.814  9.970   1.00 60.69  ? 80  PHE A CG  1 
ATOM   691  C  CD1 . PHE A 1 81  ? -0.873  -9.715  11.243  1.00 63.78  ? 80  PHE A CD1 1 
ATOM   692  C  CD2 . PHE A 1 81  ? -1.603  -11.080 9.411   1.00 56.65  ? 80  PHE A CD2 1 
ATOM   693  C  CE1 . PHE A 1 81  ? -0.550  -10.862 11.962  1.00 63.31  ? 80  PHE A CE1 1 
ATOM   694  C  CE2 . PHE A 1 81  ? -1.271  -12.222 10.126  1.00 58.77  ? 80  PHE A CE2 1 
ATOM   695  C  CZ  . PHE A 1 81  ? -0.749  -12.111 11.400  1.00 62.75  ? 80  PHE A CZ  1 
ATOM   696  N  N   . LEU A 1 82  ? -1.154  -7.229  6.046   1.00 49.29  ? 81  LEU A N   1 
ATOM   697  C  CA  . LEU A 1 82  ? -1.400  -6.182  5.030   1.00 51.87  ? 81  LEU A CA  1 
ATOM   698  C  C   . LEU A 1 82  ? -2.833  -6.355  4.522   1.00 55.29  ? 81  LEU A C   1 
ATOM   699  O  O   . LEU A 1 82  ? -3.172  -7.444  4.029   1.00 55.57  ? 81  LEU A O   1 
ATOM   700  C  CB  . LEU A 1 82  ? -0.381  -6.328  3.893   1.00 55.93  ? 81  LEU A CB  1 
ATOM   701  C  CG  . LEU A 1 82  ? -0.183  -5.100  3.005   1.00 53.40  ? 81  LEU A CG  1 
ATOM   702  C  CD1 . LEU A 1 82  ? 0.392   -3.938  3.799   1.00 48.85  ? 81  LEU A CD1 1 
ATOM   703  C  CD2 . LEU A 1 82  ? 0.713   -5.450  1.825   1.00 55.07  ? 81  LEU A CD2 1 
ATOM   704  N  N   . LEU A 1 83  ? -3.650  -5.324  4.700   1.00 49.60  ? 82  LEU A N   1 
ATOM   705  C  CA  . LEU A 1 83  ? -4.957  -5.211  4.027   1.00 50.74  ? 82  LEU A CA  1 
ATOM   706  C  C   . LEU A 1 83  ? -4.781  -4.429  2.727   1.00 47.52  ? 82  LEU A C   1 
ATOM   707  O  O   . LEU A 1 83  ? -3.984  -3.470  2.676   1.00 48.51  ? 82  LEU A O   1 
ATOM   708  C  CB  . LEU A 1 83  ? -5.919  -4.462  4.937   1.00 54.57  ? 82  LEU A CB  1 
ATOM   709  C  CG  . LEU A 1 83  ? -6.280  -5.160  6.236   1.00 57.28  ? 82  LEU A CG  1 
ATOM   710  C  CD1 . LEU A 1 83  ? -7.430  -4.413  6.871   1.00 59.22  ? 82  LEU A CD1 1 
ATOM   711  C  CD2 . LEU A 1 83  ? -6.625  -6.628  6.015   1.00 54.08  ? 82  LEU A CD2 1 
ATOM   712  N  N   . VAL A 1 84  ? -5.556  -4.800  1.730   1.00 41.60  ? 83  VAL A N   1 
ATOM   713  C  CA  . VAL A 1 84  ? -5.584  -4.098  0.423   1.00 45.39  ? 83  VAL A CA  1 
ATOM   714  C  C   . VAL A 1 84  ? -7.038  -3.671  0.228   1.00 43.36  ? 83  VAL A C   1 
ATOM   715  O  O   . VAL A 1 84  ? -7.896  -4.561  0.350   1.00 37.44  ? 83  VAL A O   1 
ATOM   716  C  CB  . VAL A 1 84  ? -5.079  -5.002  -0.727  1.00 45.98  ? 83  VAL A CB  1 
ATOM   717  C  CG1 . VAL A 1 84  ? -5.013  -4.226  -2.030  1.00 46.61  ? 83  VAL A CG1 1 
ATOM   718  C  CG2 . VAL A 1 84  ? -3.728  -5.647  -0.432  1.00 51.31  ? 83  VAL A CG2 1 
ATOM   719  N  N   . ASN A 1 85  ? -7.292  -2.391  -0.080  1.00 37.19  ? 84  ASN A N   1 
ATOM   720  C  CA  . ASN A 1 85  ? -8.659  -1.887  -0.361  1.00 41.34  ? 84  ASN A CA  1 
ATOM   721  C  C   . ASN A 1 85  ? -9.581  -2.330  0.788   1.00 40.81  ? 84  ASN A C   1 
ATOM   722  O  O   . ASN A 1 85  ? -10.734 -2.671  0.523   1.00 47.99  ? 84  ASN A O   1 
ATOM   723  C  CB  . ASN A 1 85  ? -9.090  -2.355  -1.759  1.00 45.84  ? 84  ASN A CB  1 
ATOM   724  C  CG  . ASN A 1 85  ? -10.466 -1.894  -2.195  1.00 44.89  ? 84  ASN A CG  1 
ATOM   725  O  OD1 . ASN A 1 85  ? -10.900 -0.791  -1.888  1.00 43.13  ? 84  ASN A OD1 1 
ATOM   726  N  ND2 . ASN A 1 85  ? -11.143 -2.727  -2.955  1.00 43.40  ? 84  ASN A ND2 1 
ATOM   727  N  N   . GLY A 1 86  ? -9.067  -2.341  2.023   1.00 42.68  ? 85  GLY A N   1 
ATOM   728  C  CA  . GLY A 1 86  ? -9.845  -2.544  3.257   1.00 44.43  ? 85  GLY A CA  1 
ATOM   729  C  C   . GLY A 1 86  ? -10.007 -4.008  3.657   1.00 45.56  ? 85  GLY A C   1 
ATOM   730  O  O   . GLY A 1 86  ? -10.653 -4.251  4.666   1.00 52.26  ? 85  GLY A O   1 
ATOM   731  N  N   . HIS A 1 87  ? -9.535  -4.976  2.879   1.00 40.88  ? 86  HIS A N   1 
ATOM   732  C  CA  . HIS A 1 87  ? -9.821  -6.406  3.150   1.00 41.19  ? 86  HIS A CA  1 
ATOM   733  C  C   . HIS A 1 87  ? -8.520  -7.204  3.038   1.00 43.89  ? 86  HIS A C   1 
ATOM   734  O  O   . HIS A 1 87  ? -7.550  -6.698  2.468   1.00 40.98  ? 86  HIS A O   1 
ATOM   735  C  CB  . HIS A 1 87  ? -10.902 -6.923  2.211   1.00 44.48  ? 86  HIS A CB  1 
ATOM   736  C  CG  . HIS A 1 87  ? -10.595 -6.755  0.765   1.00 48.12  ? 86  HIS A CG  1 
ATOM   737  N  ND1 . HIS A 1 87  ? -9.825  -7.678  0.060   1.00 54.42  ? 86  HIS A ND1 1 
ATOM   738  C  CD2 . HIS A 1 87  ? -10.962 -5.800  -0.114  1.00 48.19  ? 86  HIS A CD2 1 
ATOM   739  C  CE1 . HIS A 1 87  ? -9.734  -7.286  -1.197  1.00 52.47  ? 86  HIS A CE1 1 
ATOM   740  N  NE2 . HIS A 1 87  ? -10.445 -6.142  -1.333  1.00 50.90  ? 86  HIS A NE2 1 
ATOM   741  N  N   A SER A 1 88  ? -8.505  -8.420  3.587   0.06 44.03  ? 87  SER A N   1 
ATOM   742  N  N   B SER A 1 88  ? -8.521  -8.427  3.573   0.44 43.70  ? 87  SER A N   1 
ATOM   743  C  CA  A SER A 1 88  ? -7.344  -9.347  3.541   0.06 45.62  ? 87  SER A CA  1 
ATOM   744  C  CA  B SER A 1 88  ? -7.406  -9.404  3.490   0.44 49.47  ? 87  SER A CA  1 
ATOM   745  C  C   A SER A 1 88  ? -7.085  -9.752  2.085   0.06 46.90  ? 87  SER A C   1 
ATOM   746  C  C   B SER A 1 88  ? -7.069  -9.646  2.024   0.44 46.71  ? 87  SER A C   1 
ATOM   747  O  O   A SER A 1 88  ? -8.056  -9.810  1.308   0.06 47.33  ? 87  SER A O   1 
ATOM   748  O  O   B SER A 1 88  ? -7.979  -9.518  1.189   0.44 52.92  ? 87  SER A O   1 
ATOM   749  C  CB  A SER A 1 88  ? -7.565  -10.554 4.417   0.06 45.25  ? 87  SER A CB  1 
ATOM   750  C  CB  B SER A 1 88  ? -7.760  -10.717 4.135   0.44 51.19  ? 87  SER A CB  1 
ATOM   751  O  OG  A SER A 1 88  ? -8.463  -11.470 3.807   0.06 44.63  ? 87  SER A OG  1 
ATOM   752  O  OG  B SER A 1 88  ? -7.875  -10.577 5.533   0.44 58.33  ? 87  SER A OG  1 
ATOM   753  N  N   . MET A 1 89  ? -5.821  -10.014 1.746   1.00 47.49  ? 88  MET A N   1 
ATOM   754  C  CA  . MET A 1 89  ? -5.415  -10.453 0.397   1.00 57.74  ? 88  MET A CA  1 
ATOM   755  C  C   . MET A 1 89  ? -5.893  -11.891 0.210   1.00 60.36  ? 88  MET A C   1 
ATOM   756  O  O   . MET A 1 89  ? -5.725  -12.712 1.124   1.00 56.47  ? 88  MET A O   1 
ATOM   757  C  CB  . MET A 1 89  ? -3.902  -10.358 0.249   1.00 66.40  ? 88  MET A CB  1 
ATOM   758  C  CG  . MET A 1 89  ? -3.460  -8.917  0.109   1.00 78.29  ? 88  MET A CG  1 
ATOM   759  S  SD  . MET A 1 89  ? -1.754  -8.752  0.601   1.00 91.40  ? 88  MET A SD  1 
ATOM   760  C  CE  . MET A 1 89  ? -1.133  -10.339 0.047   1.00 79.51  ? 88  MET A CE  1 
ATOM   761  N  N   . VAL A 1 90  ? -6.569  -12.155 -0.895  1.00 61.43  ? 89  VAL A N   1 
ATOM   762  C  CA  . VAL A 1 90  ? -7.089  -13.513 -1.183  1.00 66.64  ? 89  VAL A CA  1 
ATOM   763  C  C   . VAL A 1 90  ? -5.871  -14.402 -1.465  1.00 61.36  ? 89  VAL A C   1 
ATOM   764  O  O   . VAL A 1 90  ? -5.919  -15.569 -1.034  1.00 52.96  ? 89  VAL A O   1 
ATOM   765  C  CB  . VAL A 1 90  ? -8.098  -13.478 -2.344  1.00 76.08  ? 89  VAL A CB  1 
ATOM   766  C  CG1 . VAL A 1 90  ? -8.547  -14.882 -2.712  1.00 74.89  ? 89  VAL A CG1 1 
ATOM   767  C  CG2 . VAL A 1 90  ? -9.291  -12.581 -2.021  1.00 80.22  ? 89  VAL A CG2 1 
ATOM   768  N  N   . SER A 1 91  ? -4.844  -13.847 -2.147  1.00 60.82  ? 90  SER A N   1 
ATOM   769  C  CA  . SER A 1 91  ? -3.567  -14.506 -2.546  1.00 64.91  ? 90  SER A CA  1 
ATOM   770  C  C   . SER A 1 91  ? -2.422  -13.490 -2.737  1.00 60.66  ? 90  SER A C   1 
ATOM   771  O  O   . SER A 1 91  ? -2.617  -12.424 -3.376  1.00 65.57  ? 90  SER A O   1 
ATOM   772  C  CB  . SER A 1 91  ? -3.710  -15.366 -3.794  1.00 67.49  ? 90  SER A CB  1 
ATOM   773  O  OG  . SER A 1 91  ? -2.672  -16.352 -3.850  1.00 67.83  ? 90  SER A OG  1 
ATOM   774  N  N   . VAL A 1 92  ? -1.246  -13.896 -2.257  1.00 58.00  ? 91  VAL A N   1 
ATOM   775  C  CA  . VAL A 1 92  ? 0.062   -13.184 -2.316  1.00 65.04  ? 91  VAL A CA  1 
ATOM   776  C  C   . VAL A 1 92  ? 0.801   -13.505 -3.635  1.00 57.11  ? 91  VAL A C   1 
ATOM   777  O  O   . VAL A 1 92  ? 1.814   -12.853 -3.905  1.00 60.07  ? 91  VAL A O   1 
ATOM   778  C  CB  . VAL A 1 92  ? 0.914   -13.519 -1.068  1.00 66.41  ? 91  VAL A CB  1 
ATOM   779  C  CG1 . VAL A 1 92  ? 0.185   -13.185 0.232   1.00 65.90  ? 91  VAL A CG1 1 
ATOM   780  C  CG2 . VAL A 1 92  ? 1.377   -14.971 -1.051  1.00 69.26  ? 91  VAL A CG2 1 
ATOM   781  N  N   . SER A 1 93  ? 0.320   -14.436 -4.453  1.00 46.83  ? 92  SER A N   1 
ATOM   782  C  CA  . SER A 1 93  ? 1.000   -14.831 -5.707  1.00 56.22  ? 92  SER A CA  1 
ATOM   783  C  C   . SER A 1 93  ? 0.544   -13.929 -6.855  1.00 48.77  ? 92  SER A C   1 
ATOM   784  O  O   . SER A 1 93  ? 1.103   -14.014 -7.962  1.00 55.76  ? 92  SER A O   1 
ATOM   785  C  CB  . SER A 1 93  ? 0.730   -16.274 -6.022  1.00 67.33  ? 92  SER A CB  1 
ATOM   786  O  OG  . SER A 1 93  ? -0.630  -16.454 -6.415  1.00 78.01  ? 92  SER A OG  1 
ATOM   787  N  N   . THR A 1 94  ? -0.497  -13.138 -6.645  1.00 51.75  ? 93  THR A N   1 
ATOM   788  C  CA  . THR A 1 94  ? -1.070  -12.311 -7.733  1.00 51.98  ? 93  THR A CA  1 
ATOM   789  C  C   . THR A 1 94  ? -0.109  -11.166 -8.020  1.00 49.97  ? 93  THR A C   1 
ATOM   790  O  O   . THR A 1 94  ? 0.338   -10.497 -7.093  1.00 47.85  ? 93  THR A O   1 
ATOM   791  C  CB  . THR A 1 94  ? -2.424  -11.713 -7.354  1.00 56.81  ? 93  THR A CB  1 
ATOM   792  O  OG1 . THR A 1 94  ? -3.055  -12.569 -6.397  1.00 65.31  ? 93  THR A OG1 1 
ATOM   793  C  CG2 . THR A 1 94  ? -3.282  -11.496 -8.576  1.00 53.21  ? 93  THR A CG2 1 
ATOM   794  N  N   . PRO A 1 95  ? 0.224   -10.931 -9.302  1.00 44.94  ? 94  PRO A N   1 
ATOM   795  C  CA  . PRO A 1 95  ? 0.971   -9.750  -9.728  1.00 43.85  ? 94  PRO A CA  1 
ATOM   796  C  C   . PRO A 1 95  ? 0.237   -8.441  -9.433  1.00 43.71  ? 94  PRO A C   1 
ATOM   797  O  O   . PRO A 1 95  ? -0.983  -8.408  -9.548  1.00 45.71  ? 94  PRO A O   1 
ATOM   798  C  CB  . PRO A 1 95  ? 1.129   -9.870  -11.242 1.00 45.33  ? 94  PRO A CB  1 
ATOM   799  C  CG  . PRO A 1 95  ? 0.725   -11.294 -11.575 1.00 50.27  ? 94  PRO A CG  1 
ATOM   800  C  CD  . PRO A 1 95  ? -0.092  -11.834 -10.416 1.00 50.82  ? 94  PRO A CD  1 
ATOM   801  N  N   . ILE A 1 96  ? 0.982   -7.410  -9.017  1.00 41.11  ? 95  ILE A N   1 
ATOM   802  C  CA  . ILE A 1 96  ? 0.375   -6.158  -8.488  1.00 39.67  ? 95  ILE A CA  1 
ATOM   803  C  C   . ILE A 1 96  ? -0.369  -5.465  -9.640  1.00 36.64  ? 95  ILE A C   1 
ATOM   804  O  O   . ILE A 1 96  ? -1.355  -4.755  -9.363  1.00 37.27  ? 95  ILE A O   1 
ATOM   805  C  CB  . ILE A 1 96  ? 1.363   -5.251  -7.705  1.00 37.48  ? 95  ILE A CB  1 
ATOM   806  C  CG1 . ILE A 1 96  ? 0.571   -4.235  -6.883  1.00 37.64  ? 95  ILE A CG1 1 
ATOM   807  C  CG2 . ILE A 1 96  ? 2.403   -4.555  -8.577  1.00 40.26  ? 95  ILE A CG2 1 
ATOM   808  C  CD1 . ILE A 1 96  ? 1.398   -3.416  -5.951  1.00 40.84  ? 95  ILE A CD1 1 
ATOM   809  N  N   . SER A 1 97  ? 0.028   -5.656  -10.899 1.00 37.07  ? 96  SER A N   1 
ATOM   810  C  CA  . SER A 1 97  ? -0.716  -5.042  -12.027 1.00 38.48  ? 96  SER A CA  1 
ATOM   811  C  C   . SER A 1 97  ? -2.174  -5.558  -12.020 1.00 42.77  ? 96  SER A C   1 
ATOM   812  O  O   . SER A 1 97  ? -3.064  -4.726  -12.279 1.00 35.28  ? 96  SER A O   1 
ATOM   813  C  CB  . SER A 1 97  ? -0.057  -5.320  -13.337 1.00 38.34  ? 96  SER A CB  1 
ATOM   814  O  OG  . SER A 1 97  ? 0.210   -6.703  -13.463 1.00 40.55  ? 96  SER A OG  1 
ATOM   815  N  N   . GLU A 1 98  ? -2.392  -6.866  -11.757 1.00 42.69  ? 97  GLU A N   1 
ATOM   816  C  CA  . GLU A 1 98  ? -3.718  -7.544  -11.655 1.00 45.70  ? 97  GLU A CA  1 
ATOM   817  C  C   . GLU A 1 98  ? -4.463  -7.048  -10.410 1.00 46.71  ? 97  GLU A C   1 
ATOM   818  O  O   . GLU A 1 98  ? -5.670  -6.712  -10.521 1.00 48.71  ? 97  GLU A O   1 
ATOM   819  C  CB  . GLU A 1 98  ? -3.603  -9.065  -11.487 1.00 50.84  ? 97  GLU A CB  1 
ATOM   820  C  CG  . GLU A 1 98  ? -3.452  -9.866  -12.784 1.00 68.67  ? 97  GLU A CG  1 
ATOM   821  C  CD  . GLU A 1 98  ? -3.188  -11.375 -12.611 1.00 77.42  ? 97  GLU A CD  1 
ATOM   822  O  OE1 . GLU A 1 98  ? -2.331  -11.944 -13.348 1.00 79.10  ? 97  GLU A OE1 1 
ATOM   823  O  OE2 . GLU A 1 98  ? -3.826  -11.997 -11.735 1.00 79.51  ? 97  GLU A OE2 1 
ATOM   824  N  N   . VAL A 1 99  ? -3.796  -7.063  -9.251  1.00 38.18  ? 98  VAL A N   1 
ATOM   825  C  CA  . VAL A 1 99  ? -4.387  -6.593  -7.965  1.00 41.02  ? 98  VAL A CA  1 
ATOM   826  C  C   . VAL A 1 99  ? -4.854  -5.150  -8.184  1.00 41.07  ? 98  VAL A C   1 
ATOM   827  O  O   . VAL A 1 99  ? -5.961  -4.813  -7.768  1.00 40.53  ? 98  VAL A O   1 
ATOM   828  C  CB  . VAL A 1 99  ? -3.416  -6.691  -6.769  1.00 41.05  ? 98  VAL A CB  1 
ATOM   829  C  CG1 . VAL A 1 99  ? -4.019  -6.123  -5.496  1.00 42.65  ? 98  VAL A CG1 1 
ATOM   830  C  CG2 . VAL A 1 99  ? -2.945  -8.107  -6.552  1.00 46.85  ? 98  VAL A CG2 1 
ATOM   831  N  N   . TYR A 1 100 ? -4.049  -4.317  -8.839  1.00 34.31  ? 99  TYR A N   1 
ATOM   832  C  CA  . TYR A 1 100 ? -4.400  -2.884  -9.063  1.00 34.96  ? 99  TYR A CA  1 
ATOM   833  C  C   . TYR A 1 100 ? -5.741  -2.772  -9.804  1.00 36.07  ? 99  TYR A C   1 
ATOM   834  O  O   . TYR A 1 100 ? -6.610  -2.001  -9.387  1.00 36.02  ? 99  TYR A O   1 
ATOM   835  C  CB  . TYR A 1 100 ? -3.274  -2.173  -9.803  1.00 32.41  ? 99  TYR A CB  1 
ATOM   836  C  CG  . TYR A 1 100 ? -3.586  -0.734  -10.111 1.00 33.12  ? 99  TYR A CG  1 
ATOM   837  C  CD1 . TYR A 1 100 ? -3.504  0.229   -9.123  1.00 32.44  ? 99  TYR A CD1 1 
ATOM   838  C  CD2 . TYR A 1 100 ? -3.939  -0.332  -11.390 1.00 30.07  ? 99  TYR A CD2 1 
ATOM   839  C  CE1 . TYR A 1 100 ? -3.812  1.551   -9.393  1.00 32.00  ? 99  TYR A CE1 1 
ATOM   840  C  CE2 . TYR A 1 100 ? -4.258  0.991   -11.668 1.00 32.72  ? 99  TYR A CE2 1 
ATOM   841  C  CZ  . TYR A 1 100 ? -4.169  1.938   -10.664 1.00 32.68  ? 99  TYR A CZ  1 
ATOM   842  O  OH  . TYR A 1 100 ? -4.478  3.251   -10.917 1.00 33.87  ? 99  TYR A OH  1 
ATOM   843  N  N   . GLU A 1 101 ? -5.896  -3.493  -10.912 1.00 36.14  ? 100 GLU A N   1 
ATOM   844  C  CA  . GLU A 1 101 ? -7.077  -3.388  -11.803 1.00 42.21  ? 100 GLU A CA  1 
ATOM   845  C  C   . GLU A 1 101 ? -8.361  -3.770  -11.061 1.00 37.77  ? 100 GLU A C   1 
ATOM   846  O  O   . GLU A 1 101 ? -9.420  -3.240  -11.422 1.00 45.99  ? 100 GLU A O   1 
ATOM   847  C  CB  . GLU A 1 101 ? -6.921  -4.262  -13.050 1.00 46.06  ? 100 GLU A CB  1 
ATOM   848  C  CG  . GLU A 1 101 ? -6.066  -3.631  -14.127 1.00 59.98  ? 100 GLU A CG  1 
ATOM   849  C  CD  . GLU A 1 101 ? -6.484  -3.996  -15.545 1.00 67.27  ? 100 GLU A CD  1 
ATOM   850  O  OE1 . GLU A 1 101 ? -7.371  -4.858  -15.701 1.00 58.78  ? 100 GLU A OE1 1 
ATOM   851  O  OE2 . GLU A 1 101 ? -5.925  -3.398  -16.490 1.00 82.47  ? 100 GLU A OE2 1 
ATOM   852  N  N   . SER A 1 102 ? -8.290  -4.673  -10.097 1.00 43.36  ? 101 SER A N   1 
ATOM   853  C  CA  . SER A 1 102 ? -9.494  -5.115  -9.358  1.00 43.55  ? 101 SER A CA  1 
ATOM   854  C  C   . SER A 1 102 ? -9.634  -4.386  -8.006  1.00 44.27  ? 101 SER A C   1 
ATOM   855  O  O   . SER A 1 102 ? -10.768 -4.222  -7.600  1.00 46.43  ? 101 SER A O   1 
ATOM   856  C  CB  . SER A 1 102 ? -9.554  -6.608  -9.283  1.00 43.92  ? 101 SER A CB  1 
ATOM   857  O  OG  . SER A 1 102 ? -8.952  -7.081  -8.108  1.00 57.64  ? 101 SER A OG  1 
ATOM   858  N  N   . GLU A 1 103 ? -8.583  -3.846  -7.377  1.00 38.97  ? 102 GLU A N   1 
ATOM   859  C  CA  . GLU A 1 103 ? -8.685  -3.274  -6.007  1.00 37.73  ? 102 GLU A CA  1 
ATOM   860  C  C   . GLU A 1 103 ? -8.387  -1.780  -5.972  1.00 36.65  ? 102 GLU A C   1 
ATOM   861  O  O   . GLU A 1 103 ? -8.446  -1.228  -4.882  1.00 42.00  ? 102 GLU A O   1 
ATOM   862  C  CB  . GLU A 1 103 ? -7.754  -3.999  -5.044  1.00 39.10  ? 102 GLU A CB  1 
ATOM   863  C  CG  . GLU A 1 103 ? -7.972  -5.501  -5.008  1.00 45.86  ? 102 GLU A CG  1 
ATOM   864  C  CD  . GLU A 1 103 ? -9.302  -5.958  -4.426  1.00 51.72  ? 102 GLU A CD  1 
ATOM   865  O  OE1 . GLU A 1 103 ? -9.951  -5.188  -3.657  1.00 50.85  ? 102 GLU A OE1 1 
ATOM   866  O  OE2 . GLU A 1 103 ? -9.695  -7.085  -4.760  1.00 59.44  ? 102 GLU A OE2 1 
ATOM   867  N  N   . LYS A 1 104 ? -8.074  -1.147  -7.090  1.00 36.75  ? 103 LYS A N   1 
ATOM   868  C  CA  . LYS A 1 104 ? -7.751  0.307   -7.091  1.00 36.55  ? 103 LYS A CA  1 
ATOM   869  C  C   . LYS A 1 104 ? -8.946  1.095   -6.545  1.00 43.30  ? 103 LYS A C   1 
ATOM   870  O  O   . LYS A 1 104 ? -10.066 0.664   -6.751  1.00 43.66  ? 103 LYS A O   1 
ATOM   871  C  CB  . LYS A 1 104 ? -7.433  0.811   -8.502  1.00 38.90  ? 103 LYS A CB  1 
ATOM   872  C  CG  . LYS A 1 104 ? -8.527  0.639   -9.534  1.00 40.10  ? 103 LYS A CG  1 
ATOM   873  C  CD  . LYS A 1 104 ? -8.093  0.947   -10.942 1.00 44.37  ? 103 LYS A CD  1 
ATOM   874  C  CE  . LYS A 1 104 ? -9.247  0.869   -11.915 1.00 46.80  ? 103 LYS A CE  1 
ATOM   875  N  NZ  . LYS A 1 104 ? -9.651  -0.530  -12.207 1.00 57.36  ? 103 LYS A NZ  1 
ATOM   876  N  N   . ASP A 1 105 ? -8.699  2.216   -5.879  1.00 41.92  ? 104 ASP A N   1 
ATOM   877  C  CA  . ASP A 1 105 ? -9.724  3.208   -5.475  1.00 41.70  ? 104 ASP A CA  1 
ATOM   878  C  C   . ASP A 1 105 ? -10.222 3.990   -6.703  1.00 46.77  ? 104 ASP A C   1 
ATOM   879  O  O   . ASP A 1 105 ? -9.508  4.027   -7.763  1.00 36.54  ? 104 ASP A O   1 
ATOM   880  C  CB  . ASP A 1 105 ? -9.095  4.171   -4.473  1.00 44.77  ? 104 ASP A CB  1 
ATOM   881  C  CG  . ASP A 1 105 ? -10.096 4.933   -3.628  1.00 48.46  ? 104 ASP A CG  1 
ATOM   882  O  OD1 . ASP A 1 105 ? -10.517 4.370   -2.576  1.00 46.66  ? 104 ASP A OD1 1 
ATOM   883  O  OD2 . ASP A 1 105 ? -10.423 6.076   -4.022  1.00 45.83  ? 104 ASP A OD2 1 
ATOM   884  N  N   . GLU A 1 106 ? -11.358 4.680   -6.559  1.00 46.06  ? 105 GLU A N   1 
ATOM   885  C  CA  . GLU A 1 106 ? -11.887 5.629   -7.580  1.00 48.71  ? 105 GLU A CA  1 
ATOM   886  C  C   . GLU A 1 106 ? -10.914 6.782   -7.858  1.00 44.51  ? 105 GLU A C   1 
ATOM   887  O  O   . GLU A 1 106 ? -10.995 7.282   -8.985  1.00 46.89  ? 105 GLU A O   1 
ATOM   888  C  CB  . GLU A 1 106 ? -13.224 6.250   -7.178  1.00 56.63  ? 105 GLU A CB  1 
ATOM   889  C  CG  . GLU A 1 106 ? -14.330 5.243   -6.870  1.00 68.19  ? 105 GLU A CG  1 
ATOM   890  C  CD  . GLU A 1 106 ? -15.758 5.688   -7.180  1.00 74.96  ? 105 GLU A CD  1 
ATOM   891  O  OE1 . GLU A 1 106 ? -16.009 6.912   -7.397  1.00 70.22  ? 105 GLU A OE1 1 
ATOM   892  O  OE2 . GLU A 1 106 ? -16.621 4.798   -7.245  1.00 87.58  ? 105 GLU A OE2 1 
ATOM   893  N  N   . ASP A 1 107 ? -10.062 7.223   -6.907  1.00 50.07  ? 106 ASP A N   1 
ATOM   894  C  CA  . ASP A 1 107 ? -9.019  8.283   -7.165  1.00 46.02  ? 106 ASP A CA  1 
ATOM   895  C  C   . ASP A 1 107 ? -7.841  7.741   -8.002  1.00 48.28  ? 106 ASP A C   1 
ATOM   896  O  O   . ASP A 1 107 ? -7.079  8.578   -8.589  1.00 46.50  ? 106 ASP A O   1 
ATOM   897  C  CB  . ASP A 1 107 ? -8.493  8.941   -5.886  1.00 45.52  ? 106 ASP A CB  1 
ATOM   898  C  CG  . ASP A 1 107 ? -7.768  8.025   -4.911  1.00 46.85  ? 106 ASP A CG  1 
ATOM   899  O  OD1 . ASP A 1 107 ? -7.467  6.889   -5.288  1.00 39.69  ? 106 ASP A OD1 1 
ATOM   900  O  OD2 . ASP A 1 107 ? -7.515  8.468   -3.764  1.00 47.85  ? 106 ASP A OD2 1 
ATOM   901  N  N   . GLY A 1 108 ? -7.677  6.410   -8.050  1.00 45.27  ? 107 GLY A N   1 
ATOM   902  C  CA  . GLY A 1 108 ? -6.666  5.704   -8.866  1.00 42.36  ? 107 GLY A CA  1 
ATOM   903  C  C   . GLY A 1 108 ? -5.472  5.187   -8.063  1.00 37.79  ? 107 GLY A C   1 
ATOM   904  O  O   . GLY A 1 108 ? -4.618  4.514   -8.661  1.00 37.15  ? 107 GLY A O   1 
ATOM   905  N  N   . PHE A 1 109 ? -5.397  5.445   -6.755  1.00 35.66  ? 108 PHE A N   1 
ATOM   906  C  CA  . PHE A 1 109 ? -4.375  4.831   -5.856  1.00 37.28  ? 108 PHE A CA  1 
ATOM   907  C  C   . PHE A 1 109 ? -4.826  3.422   -5.467  1.00 36.95  ? 108 PHE A C   1 
ATOM   908  O  O   . PHE A 1 109 ? -6.067  3.161   -5.461  1.00 37.69  ? 108 PHE A O   1 
ATOM   909  C  CB  . PHE A 1 109 ? -4.147  5.679   -4.592  1.00 40.42  ? 108 PHE A CB  1 
ATOM   910  C  CG  . PHE A 1 109 ? -3.264  6.864   -4.819  1.00 40.99  ? 108 PHE A CG  1 
ATOM   911  C  CD1 . PHE A 1 109 ? -1.905  6.683   -5.022  1.00 39.52  ? 108 PHE A CD1 1 
ATOM   912  C  CD2 . PHE A 1 109 ? -3.795  8.139   -4.912  1.00 41.23  ? 108 PHE A CD2 1 
ATOM   913  C  CE1 . PHE A 1 109 ? -1.094  7.768   -5.309  1.00 42.02  ? 108 PHE A CE1 1 
ATOM   914  C  CE2 . PHE A 1 109 ? -2.973  9.228   -5.173  1.00 44.25  ? 108 PHE A CE2 1 
ATOM   915  C  CZ  . PHE A 1 109 ? -1.623  9.035   -5.377  1.00 41.90  ? 108 PHE A CZ  1 
ATOM   916  N  N   . LEU A 1 110 ? -3.872  2.568   -5.096  1.00 34.19  ? 109 LEU A N   1 
ATOM   917  C  CA  . LEU A 1 110 ? -4.123  1.278   -4.385  1.00 38.53  ? 109 LEU A CA  1 
ATOM   918  C  C   . LEU A 1 110 ? -3.803  1.488   -2.891  1.00 36.48  ? 109 LEU A C   1 
ATOM   919  O  O   . LEU A 1 110 ? -2.616  1.797   -2.561  1.00 39.21  ? 109 LEU A O   1 
ATOM   920  C  CB  . LEU A 1 110 ? -3.256  0.190   -5.036  1.00 36.88  ? 109 LEU A CB  1 
ATOM   921  C  CG  . LEU A 1 110 ? -3.544  -1.252  -4.629  1.00 42.17  ? 109 LEU A CG  1 
ATOM   922  C  CD1 . LEU A 1 110 ? -5.016  -1.631  -4.881  1.00 40.33  ? 109 LEU A CD1 1 
ATOM   923  C  CD2 . LEU A 1 110 ? -2.580  -2.206  -5.355  1.00 40.29  ? 109 LEU A CD2 1 
ATOM   924  N  N   . TYR A 1 111 ? -4.803  1.349   -2.015  1.00 36.15  ? 110 TYR A N   1 
ATOM   925  C  CA  . TYR A 1 111 ? -4.717  1.668   -0.560  1.00 38.48  ? 110 TYR A CA  1 
ATOM   926  C  C   . TYR A 1 111 ? -4.407  0.395   0.230   1.00 41.94  ? 110 TYR A C   1 
ATOM   927  O  O   . TYR A 1 111 ? -5.046  -0.663  0.046   1.00 37.94  ? 110 TYR A O   1 
ATOM   928  C  CB  . TYR A 1 111 ? -5.974  2.381   -0.044  1.00 38.98  ? 110 TYR A CB  1 
ATOM   929  C  CG  . TYR A 1 111 ? -6.064  3.826   -0.492  1.00 36.97  ? 110 TYR A CG  1 
ATOM   930  C  CD1 . TYR A 1 111 ? -6.627  4.150   -1.713  1.00 35.25  ? 110 TYR A CD1 1 
ATOM   931  C  CD2 . TYR A 1 111 ? -5.561  4.867   0.277   1.00 38.82  ? 110 TYR A CD2 1 
ATOM   932  C  CE1 . TYR A 1 111 ? -6.686  5.452   -2.166  1.00 34.40  ? 110 TYR A CE1 1 
ATOM   933  C  CE2 . TYR A 1 111 ? -5.635  6.180   -0.156  1.00 36.40  ? 110 TYR A CE2 1 
ATOM   934  C  CZ  . TYR A 1 111 ? -6.217  6.482   -1.376  1.00 32.29  ? 110 TYR A CZ  1 
ATOM   935  O  OH  . TYR A 1 111 ? -6.263  7.767   -1.849  1.00 39.43  ? 110 TYR A OH  1 
ATOM   936  N  N   . MET A 1 112 ? -3.361  0.488   1.048   1.00 39.44  ? 111 MET A N   1 
ATOM   937  C  CA  . MET A 1 112 ? -2.932  -0.613  1.937   1.00 43.75  ? 111 MET A CA  1 
ATOM   938  C  C   . MET A 1 112 ? -2.753  -0.078  3.356   1.00 41.38  ? 111 MET A C   1 
ATOM   939  O  O   . MET A 1 112 ? -2.410  1.094   3.547   1.00 39.61  ? 111 MET A O   1 
ATOM   940  C  CB  . MET A 1 112 ? -1.638  -1.251  1.437   1.00 42.81  ? 111 MET A CB  1 
ATOM   941  C  CG  . MET A 1 112 ? -1.769  -1.682  0.011   1.00 48.93  ? 111 MET A CG  1 
ATOM   942  S  SD  . MET A 1 112 ? -0.460  -2.760  -0.499  1.00 48.66  ? 111 MET A SD  1 
ATOM   943  C  CE  . MET A 1 112 ? -0.936  -2.987  -2.216  1.00 52.42  ? 111 MET A CE  1 
ATOM   944  N  N   A VAL A 1 113 ? -2.987  -0.957  4.327   0.41 44.75  ? 112 VAL A N   1 
ATOM   945  N  N   B VAL A 1 113 ? -3.036  -0.930  4.342   0.10 42.67  ? 112 VAL A N   1 
ATOM   946  C  CA  A VAL A 1 113 ? -2.893  -0.694  5.793   0.41 45.40  ? 112 VAL A CA  1 
ATOM   947  C  CA  B VAL A 1 113 ? -2.827  -0.638  5.791   0.10 42.99  ? 112 VAL A CA  1 
ATOM   948  C  C   A VAL A 1 113 ? -2.225  -1.926  6.401   0.41 44.22  ? 112 VAL A C   1 
ATOM   949  C  C   B VAL A 1 113 ? -2.276  -1.904  6.450   0.10 43.31  ? 112 VAL A C   1 
ATOM   950  O  O   A VAL A 1 113 ? -2.556  -3.027  5.953   0.41 43.26  ? 112 VAL A O   1 
ATOM   951  O  O   B VAL A 1 113 ? -2.771  -2.999  6.125   0.10 43.42  ? 112 VAL A O   1 
ATOM   952  C  CB  A VAL A 1 113 ? -4.286  -0.441  6.407   0.41 47.98  ? 112 VAL A CB  1 
ATOM   953  C  CB  B VAL A 1 113 ? -4.116  -0.149  6.482   0.10 43.34  ? 112 VAL A CB  1 
ATOM   954  C  CG1 A VAL A 1 113 ? -4.221  -0.276  7.918   0.41 48.20  ? 112 VAL A CG1 1 
ATOM   955  C  CG1 B VAL A 1 113 ? -4.569  1.199   5.944   0.10 43.10  ? 112 VAL A CG1 1 
ATOM   956  C  CG2 A VAL A 1 113 ? -4.974  0.756   5.766   0.41 48.75  ? 112 VAL A CG2 1 
ATOM   957  C  CG2 B VAL A 1 113 ? -5.235  -1.173  6.386   0.10 43.19  ? 112 VAL A CG2 1 
ATOM   958  N  N   . TYR A 1 114 ? -1.287  -1.741  7.331   1.00 43.90  ? 113 TYR A N   1 
ATOM   959  C  CA  . TYR A 1 114 ? -0.580  -2.859  7.994   1.00 43.79  ? 113 TYR A CA  1 
ATOM   960  C  C   . TYR A 1 114 ? -0.745  -2.750  9.514   1.00 45.49  ? 113 TYR A C   1 
ATOM   961  O  O   . TYR A 1 114 ? -0.881  -1.625  10.065  1.00 50.10  ? 113 TYR A O   1 
ATOM   962  C  CB  . TYR A 1 114 ? 0.892   -2.865  7.573   1.00 41.06  ? 113 TYR A CB  1 
ATOM   963  C  CG  . TYR A 1 114 ? 1.700   -1.676  8.020   1.00 41.28  ? 113 TYR A CG  1 
ATOM   964  C  CD1 . TYR A 1 114 ? 1.898   -0.581  7.199   1.00 39.03  ? 113 TYR A CD1 1 
ATOM   965  C  CD2 . TYR A 1 114 ? 2.295   -1.670  9.269   1.00 45.45  ? 113 TYR A CD2 1 
ATOM   966  C  CE1 . TYR A 1 114 ? 2.660   0.498   7.621   1.00 47.77  ? 113 TYR A CE1 1 
ATOM   967  C  CE2 . TYR A 1 114 ? 3.063   -0.603  9.704   1.00 39.99  ? 113 TYR A CE2 1 
ATOM   968  C  CZ  . TYR A 1 114 ? 3.266   0.473   8.872   1.00 47.43  ? 113 TYR A CZ  1 
ATOM   969  O  OH  . TYR A 1 114 ? 4.040   1.497   9.333   1.00 45.25  ? 113 TYR A OH  1 
ATOM   970  N  N   . ALA A 1 115 ? -0.654  -3.910  10.147  1.00 47.55  ? 114 ALA A N   1 
ATOM   971  C  CA  . ALA A 1 115 ? -0.756  -4.124  11.604  1.00 54.83  ? 114 ALA A CA  1 
ATOM   972  C  C   . ALA A 1 115 ? -0.019  -5.411  12.001  1.00 56.12  ? 114 ALA A C   1 
ATOM   973  O  O   . ALA A 1 115 ? 0.275   -6.239  11.099  1.00 54.23  ? 114 ALA A O   1 
ATOM   974  C  CB  . ALA A 1 115 ? -2.221  -4.201  11.959  1.00 54.31  ? 114 ALA A CB  1 
ATOM   975  N  N   . SER A 1 116 ? 0.223   -5.592  13.306  1.00 61.03  ? 115 SER A N   1 
ATOM   976  C  CA  . SER A 1 116 ? 0.853   -6.802  13.906  1.00 64.87  ? 115 SER A CA  1 
ATOM   977  C  C   . SER A 1 116 ? -0.222  -7.839  14.254  1.00 68.11  ? 115 SER A C   1 
ATOM   978  O  O   . SER A 1 116 ? 0.130   -9.051  14.307  1.00 67.65  ? 115 SER A O   1 
ATOM   979  C  CB  . SER A 1 116 ? 1.714   -6.453  15.100  1.00 64.82  ? 115 SER A CB  1 
ATOM   980  O  OG  . SER A 1 116 ? 1.188   -5.343  15.791  1.00 62.19  ? 115 SER A OG  1 
ATOM   981  N  N   . GLN A 1 117 ? -1.477  -7.392  14.426  1.00 63.01  ? 116 GLN A N   1 
ATOM   982  C  CA  . GLN A 1 117 ? -2.660  -8.260  14.666  1.00 70.41  ? 116 GLN A CA  1 
ATOM   983  C  C   . GLN A 1 117 ? -3.384  -8.501  13.329  1.00 80.51  ? 116 GLN A C   1 
ATOM   984  O  O   . GLN A 1 117 ? -3.514  -7.537  12.543  1.00 79.84  ? 116 GLN A O   1 
ATOM   985  C  CB  . GLN A 1 117 ? -3.600  -7.608  15.683  1.00 66.00  ? 116 GLN A CB  1 
ATOM   986  N  N   . GLU A 1 118 ? -3.842  -9.736  13.089  1.00 84.59  ? 117 GLU A N   1 
ATOM   987  C  CA  . GLU A 1 118 ? -4.807  -10.096 12.010  1.00 91.85  ? 117 GLU A CA  1 
ATOM   988  C  C   . GLU A 1 118 ? -6.185  -9.484  12.317  1.00 97.98  ? 117 GLU A C   1 
ATOM   989  O  O   . GLU A 1 118 ? -6.875  -9.087  11.361  1.00 98.84  ? 117 GLU A O   1 
ATOM   990  C  CB  . GLU A 1 118 ? -4.925  -11.615 11.886  1.00 96.68  ? 117 GLU A CB  1 
ATOM   991  C  CG  . GLU A 1 118 ? -5.291  -12.083 10.489  1.00 99.65  ? 117 GLU A CG  1 
ATOM   992  C  CD  . GLU A 1 118 ? -5.129  -13.576 10.267  1.00 106.60 ? 117 GLU A CD  1 
ATOM   993  O  OE1 . GLU A 1 118 ? -4.486  -14.235 11.111  1.00 106.13 ? 117 GLU A OE1 1 
ATOM   994  O  OE2 . GLU A 1 118 ? -5.638  -14.078 9.247   1.00 108.19 ? 117 GLU A OE2 1 
ATOM   995  N  N   . THR A 1 119 ? -6.573  -9.448  13.598  1.00 110.51 ? 118 THR A N   1 
ATOM   996  C  CA  . THR A 1 119 ? -7.714  -8.662  14.143  1.00 117.28 ? 118 THR A CA  1 
ATOM   997  C  C   . THR A 1 119 ? -7.348  -7.164  14.127  1.00 128.97 ? 118 THR A C   1 
ATOM   998  O  O   . THR A 1 119 ? -6.818  -6.682  15.159  1.00 147.40 ? 118 THR A O   1 
ATOM   999  C  CB  . THR A 1 119 ? -8.069  -9.155  15.555  1.00 102.12 ? 118 THR A CB  1 
ATOM   1000 N  N   . PHE A 1 120 ? -7.590  -6.468  13.000  1.00 122.20 ? 119 PHE A N   1 
ATOM   1001 C  CA  . PHE A 1 120 ? -7.319  -5.013  12.804  1.00 117.13 ? 119 PHE A CA  1 
ATOM   1002 C  C   . PHE A 1 120 ? -8.273  -4.215  13.696  1.00 119.84 ? 119 PHE A C   1 
ATOM   1003 O  O   . PHE A 1 120 ? -9.238  -3.654  13.189  1.00 130.19 ? 119 PHE A O   1 
ATOM   1004 C  CB  . PHE A 1 120 ? -7.449  -4.592  11.331  1.00 111.59 ? 119 PHE A CB  1 
ATOM   1005 C  CG  . PHE A 1 120 ? -6.209  -4.806  10.494  1.00 113.35 ? 119 PHE A CG  1 
ATOM   1006 C  CD1 . PHE A 1 120 ? -5.775  -6.092  10.197  1.00 106.26 ? 119 PHE A CD1 1 
ATOM   1007 C  CD2 . PHE A 1 120 ? -5.479  -3.731  9.989   1.00 103.82 ? 119 PHE A CD2 1 
ATOM   1008 C  CE1 . PHE A 1 120 ? -4.638  -6.302  9.430   1.00 101.99 ? 119 PHE A CE1 1 
ATOM   1009 C  CE2 . PHE A 1 120 ? -4.339  -3.944  9.225   1.00 94.52  ? 119 PHE A CE2 1 
ATOM   1010 C  CZ  . PHE A 1 120 ? -3.918  -5.229  8.952   1.00 100.07 ? 119 PHE A CZ  1 
HETATM 1011 N  N1  . KB3 B 2 .   ? -4.828  10.008  -17.540 0.88 52.11  ? 201 KB3 A N1  1 
HETATM 1012 N  N3  . KB3 B 2 .   ? -1.757  11.646  -17.535 0.88 49.58  ? 201 KB3 A N3  1 
HETATM 1013 C  C4  . KB3 B 2 .   ? -8.976  12.945  -18.640 0.88 53.77  ? 201 KB3 A C4  1 
HETATM 1014 C  C5  . KB3 B 2 .   ? -7.822  13.677  -18.821 0.88 55.37  ? 201 KB3 A C5  1 
HETATM 1015 C  C6  . KB3 B 2 .   ? -6.589  13.109  -18.564 0.88 57.22  ? 201 KB3 A C6  1 
HETATM 1016 C  C7  . KB3 B 2 .   ? -6.490  11.786  -18.124 0.88 54.81  ? 201 KB3 A C7  1 
HETATM 1017 C  C8  . KB3 B 2 .   ? -5.165  11.217  -17.854 0.88 56.34  ? 201 KB3 A C8  1 
HETATM 1018 C  C1  . KB3 B 2 .   ? -8.636  8.878   -17.503 0.88 57.93  ? 201 KB3 A C1  1 
HETATM 1019 C  C2  . KB3 B 2 .   ? -7.680  11.054  -17.932 0.88 57.91  ? 201 KB3 A C2  1 
HETATM 1020 C  C3  . KB3 B 2 .   ? -8.919  11.643  -18.196 0.88 54.87  ? 201 KB3 A C3  1 
HETATM 1021 C  C9  . KB3 B 2 .   ? -3.014  11.209  -17.586 0.88 51.76  ? 201 KB3 A C9  1 
HETATM 1022 N  N2  . KB3 B 2 .   ? -3.422  9.991   -17.360 0.88 48.14  ? 201 KB3 A N2  1 
HETATM 1023 O  O1  . KB3 B 2 .   ? -7.522  9.769   -17.485 0.88 54.97  ? 201 KB3 A O1  1 
HETATM 1024 O  O2  . KB3 B 2 .   ? -4.048  12.042  -17.907 0.88 51.28  ? 201 KB3 A O2  1 
HETATM 1025 C  C1  . EDO C 3 .   ? -10.593 -11.895 1.033   1.00 87.35  ? 202 EDO A C1  1 
HETATM 1026 O  O1  . EDO C 3 .   ? -11.120 -10.711 1.649   1.00 81.15  ? 202 EDO A O1  1 
HETATM 1027 C  C2  . EDO C 3 .   ? -10.683 -13.152 1.853   1.00 82.34  ? 202 EDO A C2  1 
HETATM 1028 O  O2  . EDO C 3 .   ? -11.707 -14.070 1.451   1.00 66.17  ? 202 EDO A O2  1 
HETATM 1029 C  C1  . EDO D 3 .   ? 9.256   0.724   -3.406  1.00 66.74  ? 203 EDO A C1  1 
HETATM 1030 O  O1  . EDO D 3 .   ? 8.918   -0.308  -4.308  1.00 78.00  ? 203 EDO A O1  1 
HETATM 1031 C  C2  . EDO D 3 .   ? 10.095  1.769   -4.038  1.00 64.42  ? 203 EDO A C2  1 
HETATM 1032 O  O2  . EDO D 3 .   ? 9.649   3.063   -3.701  1.00 57.60  ? 203 EDO A O2  1 
HETATM 1033 C  C1  . EDO E 3 .   ? -13.698 7.203   -2.293  1.00 76.73  ? 204 EDO A C1  1 
HETATM 1034 O  O1  . EDO E 3 .   ? -13.228 7.259   -0.958  1.00 68.82  ? 204 EDO A O1  1 
HETATM 1035 C  C2  . EDO E 3 .   ? -13.016 8.159   -3.197  1.00 80.06  ? 204 EDO A C2  1 
HETATM 1036 O  O2  . EDO E 3 .   ? -11.705 8.484   -2.775  1.00 76.19  ? 204 EDO A O2  1 
HETATM 1037 C  C1  . EDO F 3 .   ? 11.432  -13.210 5.176   1.00 74.81  ? 205 EDO A C1  1 
HETATM 1038 O  O1  . EDO F 3 .   ? 11.610  -14.126 4.103   1.00 73.04  ? 205 EDO A O1  1 
HETATM 1039 C  C2  . EDO F 3 .   ? 10.848  -11.917 4.739   1.00 72.06  ? 205 EDO A C2  1 
HETATM 1040 O  O2  . EDO F 3 .   ? 9.475   -11.791 5.023   1.00 86.20  ? 205 EDO A O2  1 
HETATM 1041 C  C1  . EDO G 3 .   ? 4.739   -13.979 2.228   1.00 94.20  ? 206 EDO A C1  1 
HETATM 1042 O  O1  . EDO G 3 .   ? 3.396   -13.661 2.582   1.00 80.51  ? 206 EDO A O1  1 
HETATM 1043 C  C2  . EDO G 3 .   ? 5.630   -12.799 1.963   1.00 90.18  ? 206 EDO A C2  1 
HETATM 1044 O  O2  . EDO G 3 .   ? 6.498   -12.439 3.032   1.00 92.54  ? 206 EDO A O2  1 
HETATM 1045 C  C1  . EDO H 3 .   ? -5.486  4.692   8.392   1.00 101.35 ? 207 EDO A C1  1 
HETATM 1046 O  O1  . EDO H 3 .   ? -5.951  4.432   7.080   1.00 91.11  ? 207 EDO A O1  1 
HETATM 1047 C  C2  . EDO H 3 .   ? -5.243  3.451   9.175   1.00 104.63 ? 207 EDO A C2  1 
HETATM 1048 O  O2  . EDO H 3 .   ? -6.408  2.867   9.753   1.00 102.80 ? 207 EDO A O2  1 
HETATM 1049 C  C1  . EDO I 3 .   ? -0.895  13.335  -4.040  1.00 95.18  ? 208 EDO A C1  1 
HETATM 1050 O  O1  . EDO I 3 .   ? -1.648  14.013  -5.030  1.00 87.34  ? 208 EDO A O1  1 
HETATM 1051 C  C2  . EDO I 3 .   ? 0.407   13.998  -3.692  1.00 99.28  ? 208 EDO A C2  1 
HETATM 1052 O  O2  . EDO I 3 .   ? 1.133   13.374  -2.631  1.00 98.97  ? 208 EDO A O2  1 
HETATM 1053 C  C1  . EDO J 3 .   ? -12.670 2.288   3.576   1.00 105.68 ? 209 EDO A C1  1 
HETATM 1054 O  O1  . EDO J 3 .   ? -12.474 3.324   4.537   1.00 88.57  ? 209 EDO A O1  1 
HETATM 1055 C  C2  . EDO J 3 .   ? -12.700 0.907   4.148   1.00 102.71 ? 209 EDO A C2  1 
HETATM 1056 O  O2  . EDO J 3 .   ? -13.946 0.237   4.018   1.00 88.07  ? 209 EDO A O2  1 
HETATM 1057 C  C1  . EDO K 3 .   ? -6.077  -8.678  -3.310  1.00 82.96  ? 210 EDO A C1  1 
HETATM 1058 O  O1  . EDO K 3 .   ? -7.184  -9.152  -2.567  1.00 74.95  ? 210 EDO A O1  1 
HETATM 1059 C  C2  . EDO K 3 .   ? -4.772  -9.309  -2.941  1.00 86.32  ? 210 EDO A C2  1 
HETATM 1060 O  O2  . EDO K 3 .   ? -4.262  -10.291 -3.849  1.00 82.44  ? 210 EDO A O2  1 
HETATM 1061 CL CL  . CL  L 4 .   ? 8.287   3.743   -15.379 1.00 44.34  ? 211 CL  A CL  1 
HETATM 1062 O  O   . HOH M 5 .   ? -8.319  8.649   5.433   1.00 69.17  ? 301 HOH A O   1 
HETATM 1063 O  O   . HOH M 5 .   ? 8.736   4.847   -4.199  1.00 52.44  ? 302 HOH A O   1 
HETATM 1064 O  O   . HOH M 5 .   ? -3.884  -9.436  4.134   1.00 53.27  ? 303 HOH A O   1 
HETATM 1065 O  O   . HOH M 5 .   ? -5.865  -12.121 -10.899 1.00 83.34  ? 304 HOH A O   1 
HETATM 1066 O  O   . HOH M 5 .   ? -1.353  3.264   17.190  1.00 82.34  ? 305 HOH A O   1 
HETATM 1067 O  O   . HOH M 5 .   ? -1.332  4.088   13.391  1.00 66.61  ? 306 HOH A O   1 
HETATM 1068 O  O   . HOH M 5 .   ? -12.069 20.543  -6.122  1.00 74.49  ? 307 HOH A O   1 
HETATM 1069 O  O   . HOH M 5 .   ? -9.885  4.394   1.522   1.00 59.71  ? 308 HOH A O   1 
HETATM 1070 O  O   . HOH M 5 .   ? -11.938 5.050   2.868   1.00 67.38  ? 309 HOH A O   1 
HETATM 1071 O  O   . HOH M 5 .   ? 10.101  -16.086 4.373   1.00 85.38  ? 310 HOH A O   1 
HETATM 1072 O  O   . HOH M 5 .   ? -13.189 0.211   -1.603  1.00 44.86  ? 311 HOH A O   1 
HETATM 1073 O  O   . HOH M 5 .   ? -7.802  -12.932 6.469   1.00 80.79  ? 312 HOH A O   1 
HETATM 1074 O  O   . HOH M 5 .   ? -7.315  -7.906  -12.075 1.00 67.50  ? 313 HOH A O   1 
HETATM 1075 O  O   . HOH M 5 .   ? -9.820  4.100   -10.331 1.00 56.78  ? 314 HOH A O   1 
HETATM 1076 O  O   . HOH M 5 .   ? 7.210   8.743   -2.847  1.00 61.86  ? 315 HOH A O   1 
HETATM 1077 O  O   . HOH M 5 .   ? -3.037  -11.949 14.229  1.00 75.15  ? 316 HOH A O   1 
HETATM 1078 O  O   . HOH M 5 .   ? 0.225   8.107   5.613   1.00 82.74  ? 317 HOH A O   1 
HETATM 1079 O  O   . HOH M 5 .   ? -2.022  16.542  -7.325  1.00 53.50  ? 318 HOH A O   1 
HETATM 1080 O  O   . HOH M 5 .   ? 7.271   -3.498  -14.208 1.00 51.52  ? 319 HOH A O   1 
HETATM 1081 O  O   . HOH M 5 .   ? 2.732   -7.085  -14.278 1.00 72.77  ? 320 HOH A O   1 
HETATM 1082 O  O   . HOH M 5 .   ? -2.629  -18.271 -2.002  1.00 58.82  ? 321 HOH A O   1 
HETATM 1083 O  O   . HOH M 5 .   ? 2.993   5.499   5.665   1.00 52.56  ? 322 HOH A O   1 
HETATM 1084 O  O   . HOH M 5 .   ? -11.267 -1.598  -7.841  1.00 59.35  ? 323 HOH A O   1 
HETATM 1085 O  O   . HOH M 5 .   ? 7.283   4.694   14.217  1.00 65.09  ? 324 HOH A O   1 
HETATM 1086 O  O   . HOH M 5 .   ? 10.448  3.246   6.877   1.00 48.03  ? 325 HOH A O   1 
HETATM 1087 O  O   . HOH M 5 .   ? -5.436  -12.837 6.860   1.00 67.58  ? 326 HOH A O   1 
HETATM 1088 O  O   . HOH M 5 .   ? -2.331  -2.735  -13.959 1.00 42.21  ? 327 HOH A O   1 
HETATM 1089 O  O   . HOH M 5 .   ? -4.004  3.242   3.128   1.00 44.51  ? 328 HOH A O   1 
HETATM 1090 O  O   . HOH M 5 .   ? 8.247   -13.282 -2.704  1.00 51.90  ? 329 HOH A O   1 
HETATM 1091 O  O   . HOH M 5 .   ? 1.768   4.691   -13.378 1.00 40.18  ? 330 HOH A O   1 
HETATM 1092 O  O   . HOH M 5 .   ? 12.261  -2.033  0.987   1.00 40.21  ? 331 HOH A O   1 
HETATM 1093 O  O   . HOH M 5 .   ? 9.810   5.218   -13.331 1.00 44.14  ? 332 HOH A O   1 
HETATM 1094 O  O   . HOH M 5 .   ? -5.969  7.321   3.330   1.00 44.61  ? 333 HOH A O   1 
HETATM 1095 O  O   . HOH M 5 .   ? -9.647  1.662   -1.537  1.00 45.98  ? 334 HOH A O   1 
HETATM 1096 O  O   . HOH M 5 .   ? 0.529   3.461   -15.732 1.00 37.15  ? 335 HOH A O   1 
HETATM 1097 O  O   . HOH M 5 .   ? 3.391   4.593   8.004   1.00 54.78  ? 336 HOH A O   1 
HETATM 1098 O  O   . HOH M 5 .   ? -7.476  0.591   -2.954  1.00 36.72  ? 337 HOH A O   1 
HETATM 1099 O  O   . HOH M 5 .   ? 4.460   10.158  5.143   1.00 63.66  ? 338 HOH A O   1 
HETATM 1100 O  O   . HOH M 5 .   ? 4.435   -6.211  -16.059 1.00 44.62  ? 339 HOH A O   1 
HETATM 1101 O  O   . HOH M 5 .   ? 15.543  -5.750  12.848  1.00 70.43  ? 340 HOH A O   1 
HETATM 1102 O  O   . HOH M 5 .   ? 8.393   -1.229  -13.250 1.00 51.22  ? 341 HOH A O   1 
HETATM 1103 O  O   . HOH M 5 .   ? -6.529  -1.316  2.929   1.00 39.85  ? 342 HOH A O   1 
HETATM 1104 O  O   . HOH M 5 .   ? 12.282  -6.371  -10.661 1.00 70.26  ? 343 HOH A O   1 
HETATM 1105 O  O   . HOH M 5 .   ? -3.636  -14.547 1.975   1.00 62.45  ? 344 HOH A O   1 
HETATM 1106 O  O   . HOH M 5 .   ? -2.819  4.534   -12.944 1.00 45.69  ? 345 HOH A O   1 
HETATM 1107 O  O   . HOH M 5 .   ? 2.598   -12.281 9.951   1.00 62.01  ? 346 HOH A O   1 
HETATM 1108 O  O   . HOH M 5 .   ? -0.526  5.946   -11.872 1.00 36.52  ? 347 HOH A O   1 
HETATM 1109 O  O   . HOH M 5 .   ? -11.965 -1.030  -10.435 1.00 62.74  ? 348 HOH A O   1 
HETATM 1110 O  O   . HOH M 5 .   ? -6.917  -7.577  -14.593 1.00 67.18  ? 349 HOH A O   1 
HETATM 1111 O  O   . HOH M 5 .   ? 0.529   6.480   -19.271 1.00 39.08  ? 350 HOH A O   1 
HETATM 1112 O  O   . HOH M 5 .   ? 4.909   -10.808 7.297   1.00 50.74  ? 351 HOH A O   1 
HETATM 1113 O  O   . HOH M 5 .   ? -15.091 8.087   -9.995  1.00 64.97  ? 352 HOH A O   1 
HETATM 1114 O  O   . HOH M 5 .   ? 10.306  3.279   9.125   1.00 56.81  ? 353 HOH A O   1 
HETATM 1115 O  O   . HOH M 5 .   ? 1.051   13.815  0.444   1.00 67.97  ? 354 HOH A O   1 
HETATM 1116 O  O   . HOH M 5 .   ? -2.210  -5.601  16.743  1.00 77.66  ? 355 HOH A O   1 
HETATM 1117 O  O   . HOH M 5 .   ? -2.946  -3.001  -16.185 1.00 52.73  ? 356 HOH A O   1 
HETATM 1118 O  O   . HOH M 5 .   ? -13.572 -1.943  -4.605  1.00 48.83  ? 357 HOH A O   1 
HETATM 1119 O  O   . HOH M 5 .   ? 7.535   -10.829 -7.494  1.00 44.53  ? 358 HOH A O   1 
HETATM 1120 O  O   . HOH M 5 .   ? 14.291  -6.516  7.420   1.00 54.12  ? 359 HOH A O   1 
HETATM 1121 O  O   . HOH M 5 .   ? 4.618   10.226  0.746   1.00 41.94  ? 360 HOH A O   1 
HETATM 1122 O  O   . HOH M 5 .   ? 5.277   -7.254  15.172  1.00 77.11  ? 361 HOH A O   1 
HETATM 1123 O  O   . HOH M 5 .   ? -2.333  -14.746 0.570   1.00 106.02 ? 362 HOH A O   1 
HETATM 1124 O  O   . HOH M 5 .   ? 7.460   -3.659  -16.040 1.00 59.41  ? 363 HOH A O   1 
HETATM 1125 O  O   . HOH M 5 .   ? -12.001 -1.672  5.909   1.00 73.31  ? 364 HOH A O   1 
HETATM 1126 O  O   . HOH M 5 .   ? 0.896   5.900   8.475   1.00 59.02  ? 365 HOH A O   1 
HETATM 1127 O  O   . HOH M 5 .   ? 0.461   -9.920  5.399   1.00 78.05  ? 366 HOH A O   1 
HETATM 1128 O  O   . HOH M 5 .   ? -14.388 -13.313 3.065   1.00 55.43  ? 367 HOH A O   1 
HETATM 1129 O  O   . HOH M 5 .   ? -12.664 0.117   -4.825  1.00 67.42  ? 368 HOH A O   1 
HETATM 1130 O  O   . HOH M 5 .   ? -11.879 0.344   1.135   1.00 52.20  ? 369 HOH A O   1 
HETATM 1131 O  O   . HOH M 5 .   ? -1.209  -3.655  17.727  1.00 56.04  ? 370 HOH A O   1 
HETATM 1132 O  O   . HOH M 5 .   ? 5.109   9.356   7.310   1.00 62.41  ? 371 HOH A O   1 
HETATM 1133 O  O   . HOH M 5 .   ? 2.689   11.899  0.983   1.00 69.87  ? 372 HOH A O   1 
HETATM 1134 O  O   . HOH M 5 .   ? 4.646   11.186  2.927   1.00 74.07  ? 373 HOH A O   1 
HETATM 1135 O  O   . HOH M 5 .   ? -7.633  -14.220 12.491  1.00 92.84  ? 374 HOH A O   1 
HETATM 1136 O  O   . HOH M 5 .   ? -6.467  2.946   3.910   1.00 55.08  ? 375 HOH A O   1 
HETATM 1137 O  O   . HOH M 5 .   ? 4.193   -8.839  16.804  1.00 63.56  ? 376 HOH A O   1 
HETATM 1138 O  O   . HOH M 5 .   ? 6.478   8.805   -4.903  1.00 78.14  ? 377 HOH A O   1 
HETATM 1139 O  O   . HOH M 5 .   ? 6.988   17.520  -12.063 1.00 55.05  ? 378 HOH A O   1 
HETATM 1140 O  O   . HOH M 5 .   ? -7.755  0.879   3.162   1.00 55.31  ? 379 HOH A O   1 
HETATM 1141 O  O   . HOH M 5 .   ? 9.603   7.325   -18.172 1.00 51.73  ? 380 HOH A O   1 
HETATM 1142 O  O   . HOH M 5 .   ? -0.843  -10.640 4.643   1.00 56.33  ? 381 HOH A O   1 
HETATM 1143 O  O   . HOH M 5 .   ? 12.045  -3.866  -9.656  1.00 56.69  ? 382 HOH A O   1 
HETATM 1144 O  O   . HOH M 5 .   ? 0.691   -16.250 2.625   1.00 79.07  ? 383 HOH A O   1 
HETATM 1145 O  O   . HOH M 5 .   ? 6.398   10.618  -0.886  1.00 68.56  ? 384 HOH A O   1 
HETATM 1146 O  O   . HOH M 5 .   ? -9.660  0.586   5.339   1.00 67.90  ? 385 HOH A O   1 
HETATM 1147 O  O   . HOH M 5 .   ? -7.871  5.587   3.002   1.00 58.11  ? 386 HOH A O   1 
HETATM 1148 O  O   . HOH M 5 .   ? 3.196   -17.196 -3.126  1.00 103.26 ? 387 HOH A O   1 
HETATM 1149 O  O   . HOH M 5 .   ? -9.463  1.810   1.204   1.00 49.67  ? 388 HOH A O   1 
HETATM 1150 O  O   . HOH M 5 .   ? -11.714 10.589  -12.004 1.00 56.94  ? 389 HOH A O   1 
HETATM 1151 O  O   . HOH M 5 .   ? -1.071  -12.909 3.268   1.00 96.86  ? 390 HOH A O   1 
# 
